data_1R75
# 
_entry.id   1R75 
# 
_audit_conform.dict_name       mmcif_pdbx.dic 
_audit_conform.dict_version    5.386 
_audit_conform.dict_location   http://mmcif.pdb.org/dictionaries/ascii/mmcif_pdbx.dic 
# 
loop_
_database_2.database_id 
_database_2.database_code 
_database_2.pdbx_database_accession 
_database_2.pdbx_DOI 
PDB   1R75         pdb_00001r75 10.2210/pdb1r75/pdb 
RCSB  RCSB020519   ?            ?                   
WWPDB D_1000020519 ?            ?                   
# 
loop_
_pdbx_audit_revision_history.ordinal 
_pdbx_audit_revision_history.data_content_type 
_pdbx_audit_revision_history.major_revision 
_pdbx_audit_revision_history.minor_revision 
_pdbx_audit_revision_history.revision_date 
1 'Structure model' 1 0 2003-12-02 
2 'Structure model' 1 1 2008-04-29 
3 'Structure model' 1 2 2011-07-13 
4 'Structure model' 1 3 2024-02-14 
# 
_pdbx_audit_revision_details.ordinal             1 
_pdbx_audit_revision_details.revision_ordinal    1 
_pdbx_audit_revision_details.data_content_type   'Structure model' 
_pdbx_audit_revision_details.provider            repository 
_pdbx_audit_revision_details.type                'Initial release' 
_pdbx_audit_revision_details.description         ? 
_pdbx_audit_revision_details.details             ? 
# 
loop_
_pdbx_audit_revision_group.ordinal 
_pdbx_audit_revision_group.revision_ordinal 
_pdbx_audit_revision_group.data_content_type 
_pdbx_audit_revision_group.group 
1 2 'Structure model' 'Version format compliance' 
2 3 'Structure model' 'Non-polymer description'   
3 3 'Structure model' 'Version format compliance' 
4 4 'Structure model' 'Data collection'           
5 4 'Structure model' 'Database references'       
6 4 'Structure model' 'Derived calculations'      
# 
loop_
_pdbx_audit_revision_category.ordinal 
_pdbx_audit_revision_category.revision_ordinal 
_pdbx_audit_revision_category.data_content_type 
_pdbx_audit_revision_category.category 
1 4 'Structure model' chem_comp_atom 
2 4 'Structure model' chem_comp_bond 
3 4 'Structure model' database_2     
4 4 'Structure model' struct_site    
# 
loop_
_pdbx_audit_revision_item.ordinal 
_pdbx_audit_revision_item.revision_ordinal 
_pdbx_audit_revision_item.data_content_type 
_pdbx_audit_revision_item.item 
1 4 'Structure model' '_database_2.pdbx_DOI'                
2 4 'Structure model' '_database_2.pdbx_database_accession' 
3 4 'Structure model' '_struct_site.pdbx_auth_asym_id'      
4 4 'Structure model' '_struct_site.pdbx_auth_comp_id'      
5 4 'Structure model' '_struct_site.pdbx_auth_seq_id'       
# 
_pdbx_database_status.entry_id                        1R75 
_pdbx_database_status.deposit_site                    RCSB 
_pdbx_database_status.process_site                    RCSB 
_pdbx_database_status.recvd_initial_deposition_date   2003-10-17 
_pdbx_database_status.status_code                     REL 
_pdbx_database_status.SG_entry                        Y 
_pdbx_database_status.status_code_sf                  REL 
_pdbx_database_status.pdb_format_compatible           Y 
_pdbx_database_status.status_code_mr                  ? 
_pdbx_database_status.status_code_cs                  ? 
_pdbx_database_status.status_code_nmr_data            ? 
_pdbx_database_status.methods_development_category    ? 
# 
_pdbx_database_related.db_name        TargetDB 
_pdbx_database_related.db_id          Lmaj002144AAA 
_pdbx_database_related.details        . 
_pdbx_database_related.content_type   unspecified 
# 
loop_
_audit_author.name 
_audit_author.pdbx_ordinal 
'Han, G.W.'                                                    1 
'Merritt, E.A.'                                                2 
'Structural Genomics of Pathogenic Protozoa Consortium (SGPP)' 3 
# 
_citation.id                        primary 
_citation.title                     'LEISHMANIA MAJOR HYPOTHETICAL PROTEIN' 
_citation.journal_abbrev            'To be Published' 
_citation.journal_volume            ? 
_citation.page_first                ? 
_citation.page_last                 ? 
_citation.year                      ? 
_citation.journal_id_ASTM           ? 
_citation.country                   ? 
_citation.journal_id_ISSN           ? 
_citation.journal_id_CSD            0353 
_citation.book_publisher            ? 
_citation.pdbx_database_id_PubMed   ? 
_citation.pdbx_database_id_DOI      ? 
# 
loop_
_citation_author.citation_id 
_citation_author.name 
_citation_author.ordinal 
_citation_author.identifier_ORCID 
primary 'Han, G.W.'     1 ? 
primary 'Merritt, E.A.' 2 ? 
# 
loop_
_entity.id 
_entity.type 
_entity.src_method 
_entity.pdbx_description 
_entity.formula_weight 
_entity.pdbx_number_of_molecules 
_entity.pdbx_ec 
_entity.pdbx_mutation 
_entity.pdbx_fragment 
_entity.details 
1 polymer     man 'hypothetical protein' 16230.126 1   ? ? ? ?   
2 non-polymer syn GLYCEROL               92.094    1   ? ? ? GOL 
3 water       nat water                  18.015    105 ? ? ? ?   
# 
_entity_poly.entity_id                      1 
_entity_poly.type                           'polypeptide(L)' 
_entity_poly.nstd_linkage                   no 
_entity_poly.nstd_monomer                   no 
_entity_poly.pdbx_seq_one_letter_code       
;MAHHHHHHMGSRISKEAAPVTFKNGKPTVKGTKTYPMFSNILYRIADTEARRWAFYNDSKELIIHVAVLFDYDSQIVPLG
DTTAFRIDDPDEGNEDDFGKYLCEVDVRPLETQMFVEGSVTGWRVDTLEARTAEDERGYRL
;
_entity_poly.pdbx_seq_one_letter_code_can   
;MAHHHHHHMGSRISKEAAPVTFKNGKPTVKGTKTYPMFSNILYRIADTEARRWAFYNDSKELIIHVAVLFDYDSQIVPLG
DTTAFRIDDPDEGNEDDFGKYLCEVDVRPLETQMFVEGSVTGWRVDTLEARTAEDERGYRL
;
_entity_poly.pdbx_strand_id                 A 
_entity_poly.pdbx_target_identifier         Lmaj002144AAA 
# 
loop_
_pdbx_entity_nonpoly.entity_id 
_pdbx_entity_nonpoly.name 
_pdbx_entity_nonpoly.comp_id 
2 GLYCEROL GOL 
3 water    HOH 
# 
loop_
_entity_poly_seq.entity_id 
_entity_poly_seq.num 
_entity_poly_seq.mon_id 
_entity_poly_seq.hetero 
1 1   MET n 
1 2   ALA n 
1 3   HIS n 
1 4   HIS n 
1 5   HIS n 
1 6   HIS n 
1 7   HIS n 
1 8   HIS n 
1 9   MET n 
1 10  GLY n 
1 11  SER n 
1 12  ARG n 
1 13  ILE n 
1 14  SER n 
1 15  LYS n 
1 16  GLU n 
1 17  ALA n 
1 18  ALA n 
1 19  PRO n 
1 20  VAL n 
1 21  THR n 
1 22  PHE n 
1 23  LYS n 
1 24  ASN n 
1 25  GLY n 
1 26  LYS n 
1 27  PRO n 
1 28  THR n 
1 29  VAL n 
1 30  LYS n 
1 31  GLY n 
1 32  THR n 
1 33  LYS n 
1 34  THR n 
1 35  TYR n 
1 36  PRO n 
1 37  MET n 
1 38  PHE n 
1 39  SER n 
1 40  ASN n 
1 41  ILE n 
1 42  LEU n 
1 43  TYR n 
1 44  ARG n 
1 45  ILE n 
1 46  ALA n 
1 47  ASP n 
1 48  THR n 
1 49  GLU n 
1 50  ALA n 
1 51  ARG n 
1 52  ARG n 
1 53  TRP n 
1 54  ALA n 
1 55  PHE n 
1 56  TYR n 
1 57  ASN n 
1 58  ASP n 
1 59  SER n 
1 60  LYS n 
1 61  GLU n 
1 62  LEU n 
1 63  ILE n 
1 64  ILE n 
1 65  HIS n 
1 66  VAL n 
1 67  ALA n 
1 68  VAL n 
1 69  LEU n 
1 70  PHE n 
1 71  ASP n 
1 72  TYR n 
1 73  ASP n 
1 74  SER n 
1 75  GLN n 
1 76  ILE n 
1 77  VAL n 
1 78  PRO n 
1 79  LEU n 
1 80  GLY n 
1 81  ASP n 
1 82  THR n 
1 83  THR n 
1 84  ALA n 
1 85  PHE n 
1 86  ARG n 
1 87  ILE n 
1 88  ASP n 
1 89  ASP n 
1 90  PRO n 
1 91  ASP n 
1 92  GLU n 
1 93  GLY n 
1 94  ASN n 
1 95  GLU n 
1 96  ASP n 
1 97  ASP n 
1 98  PHE n 
1 99  GLY n 
1 100 LYS n 
1 101 TYR n 
1 102 LEU n 
1 103 CYS n 
1 104 GLU n 
1 105 VAL n 
1 106 ASP n 
1 107 VAL n 
1 108 ARG n 
1 109 PRO n 
1 110 LEU n 
1 111 GLU n 
1 112 THR n 
1 113 GLN n 
1 114 MET n 
1 115 PHE n 
1 116 VAL n 
1 117 GLU n 
1 118 GLY n 
1 119 SER n 
1 120 VAL n 
1 121 THR n 
1 122 GLY n 
1 123 TRP n 
1 124 ARG n 
1 125 VAL n 
1 126 ASP n 
1 127 THR n 
1 128 LEU n 
1 129 GLU n 
1 130 ALA n 
1 131 ARG n 
1 132 THR n 
1 133 ALA n 
1 134 GLU n 
1 135 ASP n 
1 136 GLU n 
1 137 ARG n 
1 138 GLY n 
1 139 TYR n 
1 140 ARG n 
1 141 LEU n 
# 
_entity_src_gen.entity_id                          1 
_entity_src_gen.pdbx_src_id                        1 
_entity_src_gen.pdbx_alt_source_flag               sample 
_entity_src_gen.pdbx_seq_type                      ? 
_entity_src_gen.pdbx_beg_seq_num                   ? 
_entity_src_gen.pdbx_end_seq_num                   ? 
_entity_src_gen.gene_src_common_name               ? 
_entity_src_gen.gene_src_genus                     Leishmania 
_entity_src_gen.pdbx_gene_src_gene                 ? 
_entity_src_gen.gene_src_species                   ? 
_entity_src_gen.gene_src_strain                    ? 
_entity_src_gen.gene_src_tissue                    ? 
_entity_src_gen.gene_src_tissue_fraction           ? 
_entity_src_gen.gene_src_details                   ? 
_entity_src_gen.pdbx_gene_src_fragment             ? 
_entity_src_gen.pdbx_gene_src_scientific_name      'Leishmania major' 
_entity_src_gen.pdbx_gene_src_ncbi_taxonomy_id     5664 
_entity_src_gen.pdbx_gene_src_variant              ? 
_entity_src_gen.pdbx_gene_src_cell_line            ? 
_entity_src_gen.pdbx_gene_src_atcc                 ? 
_entity_src_gen.pdbx_gene_src_organ                ? 
_entity_src_gen.pdbx_gene_src_organelle            ? 
_entity_src_gen.pdbx_gene_src_cell                 ? 
_entity_src_gen.pdbx_gene_src_cellular_location    ? 
_entity_src_gen.host_org_common_name               ? 
_entity_src_gen.pdbx_host_org_scientific_name      'Escherichia coli' 
_entity_src_gen.pdbx_host_org_ncbi_taxonomy_id     562 
_entity_src_gen.host_org_genus                     Escherichia 
_entity_src_gen.pdbx_host_org_gene                 ? 
_entity_src_gen.pdbx_host_org_organ                ? 
_entity_src_gen.host_org_species                   ? 
_entity_src_gen.pdbx_host_org_tissue               ? 
_entity_src_gen.pdbx_host_org_tissue_fraction      ? 
_entity_src_gen.pdbx_host_org_strain               'BL-21 Star, T7 System' 
_entity_src_gen.pdbx_host_org_variant              ? 
_entity_src_gen.pdbx_host_org_cell_line            ? 
_entity_src_gen.pdbx_host_org_atcc                 ? 
_entity_src_gen.pdbx_host_org_culture_collection   ? 
_entity_src_gen.pdbx_host_org_cell                 ? 
_entity_src_gen.pdbx_host_org_organelle            ? 
_entity_src_gen.pdbx_host_org_cellular_location    ? 
_entity_src_gen.pdbx_host_org_vector_type          ? 
_entity_src_gen.pdbx_host_org_vector               plasmid 
_entity_src_gen.host_org_details                   ? 
_entity_src_gen.expression_system_id               ? 
_entity_src_gen.plasmid_name                       pET14b 
_entity_src_gen.plasmid_details                    'Cloned with MAHHHHHH appended to N-terminus' 
_entity_src_gen.pdbx_description                   ? 
# 
loop_
_chem_comp.id 
_chem_comp.type 
_chem_comp.mon_nstd_flag 
_chem_comp.name 
_chem_comp.pdbx_synonyms 
_chem_comp.formula 
_chem_comp.formula_weight 
ALA 'L-peptide linking' y ALANINE         ?                               'C3 H7 N O2'     89.093  
ARG 'L-peptide linking' y ARGININE        ?                               'C6 H15 N4 O2 1' 175.209 
ASN 'L-peptide linking' y ASPARAGINE      ?                               'C4 H8 N2 O3'    132.118 
ASP 'L-peptide linking' y 'ASPARTIC ACID' ?                               'C4 H7 N O4'     133.103 
CYS 'L-peptide linking' y CYSTEINE        ?                               'C3 H7 N O2 S'   121.158 
GLN 'L-peptide linking' y GLUTAMINE       ?                               'C5 H10 N2 O3'   146.144 
GLU 'L-peptide linking' y 'GLUTAMIC ACID' ?                               'C5 H9 N O4'     147.129 
GLY 'peptide linking'   y GLYCINE         ?                               'C2 H5 N O2'     75.067  
GOL non-polymer         . GLYCEROL        'GLYCERIN; PROPANE-1,2,3-TRIOL' 'C3 H8 O3'       92.094  
HIS 'L-peptide linking' y HISTIDINE       ?                               'C6 H10 N3 O2 1' 156.162 
HOH non-polymer         . WATER           ?                               'H2 O'           18.015  
ILE 'L-peptide linking' y ISOLEUCINE      ?                               'C6 H13 N O2'    131.173 
LEU 'L-peptide linking' y LEUCINE         ?                               'C6 H13 N O2'    131.173 
LYS 'L-peptide linking' y LYSINE          ?                               'C6 H15 N2 O2 1' 147.195 
MET 'L-peptide linking' y METHIONINE      ?                               'C5 H11 N O2 S'  149.211 
PHE 'L-peptide linking' y PHENYLALANINE   ?                               'C9 H11 N O2'    165.189 
PRO 'L-peptide linking' y PROLINE         ?                               'C5 H9 N O2'     115.130 
SER 'L-peptide linking' y SERINE          ?                               'C3 H7 N O3'     105.093 
THR 'L-peptide linking' y THREONINE       ?                               'C4 H9 N O3'     119.119 
TRP 'L-peptide linking' y TRYPTOPHAN      ?                               'C11 H12 N2 O2'  204.225 
TYR 'L-peptide linking' y TYROSINE        ?                               'C9 H11 N O3'    181.189 
VAL 'L-peptide linking' y VALINE          ?                               'C5 H11 N O2'    117.146 
# 
loop_
_pdbx_poly_seq_scheme.asym_id 
_pdbx_poly_seq_scheme.entity_id 
_pdbx_poly_seq_scheme.seq_id 
_pdbx_poly_seq_scheme.mon_id 
_pdbx_poly_seq_scheme.ndb_seq_num 
_pdbx_poly_seq_scheme.pdb_seq_num 
_pdbx_poly_seq_scheme.auth_seq_num 
_pdbx_poly_seq_scheme.pdb_mon_id 
_pdbx_poly_seq_scheme.auth_mon_id 
_pdbx_poly_seq_scheme.pdb_strand_id 
_pdbx_poly_seq_scheme.pdb_ins_code 
_pdbx_poly_seq_scheme.hetero 
A 1 1   MET 1   -7  ?   ?   ?   A . n 
A 1 2   ALA 2   -6  ?   ?   ?   A . n 
A 1 3   HIS 3   -5  ?   ?   ?   A . n 
A 1 4   HIS 4   -4  ?   ?   ?   A . n 
A 1 5   HIS 5   -3  ?   ?   ?   A . n 
A 1 6   HIS 6   -2  ?   ?   ?   A . n 
A 1 7   HIS 7   -1  ?   ?   ?   A . n 
A 1 8   HIS 8   0   ?   ?   ?   A . n 
A 1 9   MET 9   1   ?   ?   ?   A . n 
A 1 10  GLY 10  2   ?   ?   ?   A . n 
A 1 11  SER 11  3   ?   ?   ?   A . n 
A 1 12  ARG 12  4   ?   ?   ?   A . n 
A 1 13  ILE 13  5   ?   ?   ?   A . n 
A 1 14  SER 14  6   ?   ?   ?   A . n 
A 1 15  LYS 15  7   ?   ?   ?   A . n 
A 1 16  GLU 16  8   ?   ?   ?   A . n 
A 1 17  ALA 17  9   ?   ?   ?   A . n 
A 1 18  ALA 18  10  ?   ?   ?   A . n 
A 1 19  PRO 19  11  ?   ?   ?   A . n 
A 1 20  VAL 20  12  12  VAL VAL A . n 
A 1 21  THR 21  13  13  THR THR A . n 
A 1 22  PHE 22  14  14  PHE PHE A . n 
A 1 23  LYS 23  15  15  LYS LYS A . n 
A 1 24  ASN 24  16  16  ASN ASN A . n 
A 1 25  GLY 25  17  17  GLY GLY A . n 
A 1 26  LYS 26  18  18  LYS LYS A . n 
A 1 27  PRO 27  19  19  PRO PRO A . n 
A 1 28  THR 28  20  20  THR THR A . n 
A 1 29  VAL 29  21  21  VAL VAL A . n 
A 1 30  LYS 30  22  22  LYS LYS A . n 
A 1 31  GLY 31  23  23  GLY GLY A . n 
A 1 32  THR 32  24  24  THR THR A . n 
A 1 33  LYS 33  25  25  LYS LYS A . n 
A 1 34  THR 34  26  26  THR THR A . n 
A 1 35  TYR 35  27  27  TYR TYR A . n 
A 1 36  PRO 36  28  28  PRO PRO A . n 
A 1 37  MET 37  29  29  MET MET A . n 
A 1 38  PHE 38  30  30  PHE PHE A . n 
A 1 39  SER 39  31  31  SER SER A . n 
A 1 40  ASN 40  32  32  ASN ASN A . n 
A 1 41  ILE 41  33  33  ILE ILE A . n 
A 1 42  LEU 42  34  34  LEU LEU A . n 
A 1 43  TYR 43  35  35  TYR TYR A . n 
A 1 44  ARG 44  36  36  ARG ARG A . n 
A 1 45  ILE 45  37  37  ILE ILE A . n 
A 1 46  ALA 46  38  38  ALA ALA A . n 
A 1 47  ASP 47  39  39  ASP ASP A . n 
A 1 48  THR 48  40  40  THR THR A . n 
A 1 49  GLU 49  41  41  GLU GLU A . n 
A 1 50  ALA 50  42  42  ALA ALA A . n 
A 1 51  ARG 51  43  43  ARG ARG A . n 
A 1 52  ARG 52  44  44  ARG ARG A . n 
A 1 53  TRP 53  45  45  TRP TRP A . n 
A 1 54  ALA 54  46  46  ALA ALA A . n 
A 1 55  PHE 55  47  47  PHE PHE A . n 
A 1 56  TYR 56  48  48  TYR TYR A . n 
A 1 57  ASN 57  49  49  ASN ASN A . n 
A 1 58  ASP 58  50  50  ASP ASP A . n 
A 1 59  SER 59  51  51  SER SER A . n 
A 1 60  LYS 60  52  52  LYS LYS A . n 
A 1 61  GLU 61  53  53  GLU GLU A . n 
A 1 62  LEU 62  54  54  LEU LEU A . n 
A 1 63  ILE 63  55  55  ILE ILE A . n 
A 1 64  ILE 64  56  56  ILE ILE A . n 
A 1 65  HIS 65  57  57  HIS HIS A . n 
A 1 66  VAL 66  58  58  VAL VAL A . n 
A 1 67  ALA 67  59  59  ALA ALA A . n 
A 1 68  VAL 68  60  60  VAL VAL A . n 
A 1 69  LEU 69  61  61  LEU LEU A . n 
A 1 70  PHE 70  62  62  PHE PHE A . n 
A 1 71  ASP 71  63  63  ASP ASP A . n 
A 1 72  TYR 72  64  64  TYR TYR A . n 
A 1 73  ASP 73  65  65  ASP ASP A . n 
A 1 74  SER 74  66  66  SER SER A . n 
A 1 75  GLN 75  67  67  GLN GLN A . n 
A 1 76  ILE 76  68  68  ILE ILE A . n 
A 1 77  VAL 77  69  69  VAL VAL A . n 
A 1 78  PRO 78  70  70  PRO PRO A . n 
A 1 79  LEU 79  71  71  LEU LEU A . n 
A 1 80  GLY 80  72  72  GLY GLY A . n 
A 1 81  ASP 81  73  73  ASP ASP A . n 
A 1 82  THR 82  74  74  THR THR A . n 
A 1 83  THR 83  75  75  THR THR A . n 
A 1 84  ALA 84  76  76  ALA ALA A . n 
A 1 85  PHE 85  77  77  PHE PHE A . n 
A 1 86  ARG 86  78  78  ARG ARG A . n 
A 1 87  ILE 87  79  79  ILE ILE A . n 
A 1 88  ASP 88  80  ?   ?   ?   A . n 
A 1 89  ASP 89  81  ?   ?   ?   A . n 
A 1 90  PRO 90  82  ?   ?   ?   A . n 
A 1 91  ASP 91  83  ?   ?   ?   A . n 
A 1 92  GLU 92  84  ?   ?   ?   A . n 
A 1 93  GLY 93  85  ?   ?   ?   A . n 
A 1 94  ASN 94  86  ?   ?   ?   A . n 
A 1 95  GLU 95  87  ?   ?   ?   A . n 
A 1 96  ASP 96  88  ?   ?   ?   A . n 
A 1 97  ASP 97  89  ?   ?   ?   A . n 
A 1 98  PHE 98  90  ?   ?   ?   A . n 
A 1 99  GLY 99  91  91  GLY GLY A . n 
A 1 100 LYS 100 92  92  LYS LYS A . n 
A 1 101 TYR 101 93  93  TYR TYR A . n 
A 1 102 LEU 102 94  94  LEU LEU A . n 
A 1 103 CYS 103 95  95  CYS CYS A . n 
A 1 104 GLU 104 96  96  GLU GLU A . n 
A 1 105 VAL 105 97  97  VAL VAL A . n 
A 1 106 ASP 106 98  98  ASP ASP A . n 
A 1 107 VAL 107 99  99  VAL VAL A . n 
A 1 108 ARG 108 100 100 ARG ARG A . n 
A 1 109 PRO 109 101 101 PRO PRO A . n 
A 1 110 LEU 110 102 102 LEU LEU A . n 
A 1 111 GLU 111 103 103 GLU GLU A . n 
A 1 112 THR 112 104 104 THR THR A . n 
A 1 113 GLN 113 105 105 GLN GLN A . n 
A 1 114 MET 114 106 106 MET MET A . n 
A 1 115 PHE 115 107 107 PHE PHE A . n 
A 1 116 VAL 116 108 108 VAL VAL A . n 
A 1 117 GLU 117 109 109 GLU GLU A . n 
A 1 118 GLY 118 110 110 GLY GLY A . n 
A 1 119 SER 119 111 111 SER SER A . n 
A 1 120 VAL 120 112 112 VAL VAL A . n 
A 1 121 THR 121 113 113 THR THR A . n 
A 1 122 GLY 122 114 114 GLY GLY A . n 
A 1 123 TRP 123 115 115 TRP TRP A . n 
A 1 124 ARG 124 116 116 ARG ARG A . n 
A 1 125 VAL 125 117 117 VAL VAL A . n 
A 1 126 ASP 126 118 118 ASP ASP A . n 
A 1 127 THR 127 119 119 THR THR A . n 
A 1 128 LEU 128 120 120 LEU LEU A . n 
A 1 129 GLU 129 121 121 GLU GLU A . n 
A 1 130 ALA 130 122 122 ALA ALA A . n 
A 1 131 ARG 131 123 123 ARG ARG A . n 
A 1 132 THR 132 124 124 THR THR A . n 
A 1 133 ALA 133 125 125 ALA ALA A . n 
A 1 134 GLU 134 126 126 GLU GLU A . n 
A 1 135 ASP 135 127 127 ASP ASP A . n 
A 1 136 GLU 136 128 128 GLU GLU A . n 
A 1 137 ARG 137 129 129 ARG ARG A . n 
A 1 138 GLY 138 130 130 GLY GLY A . n 
A 1 139 TYR 139 131 131 TYR TYR A . n 
A 1 140 ARG 140 132 132 ARG ARG A . n 
A 1 141 LEU 141 133 ?   ?   ?   A . n 
# 
loop_
_pdbx_nonpoly_scheme.asym_id 
_pdbx_nonpoly_scheme.entity_id 
_pdbx_nonpoly_scheme.mon_id 
_pdbx_nonpoly_scheme.ndb_seq_num 
_pdbx_nonpoly_scheme.pdb_seq_num 
_pdbx_nonpoly_scheme.auth_seq_num 
_pdbx_nonpoly_scheme.pdb_mon_id 
_pdbx_nonpoly_scheme.auth_mon_id 
_pdbx_nonpoly_scheme.pdb_strand_id 
_pdbx_nonpoly_scheme.pdb_ins_code 
B 2 GOL 1   200 100 GOL GOL A . 
C 3 HOH 1   201 1   HOH HOH A . 
C 3 HOH 2   202 2   HOH HOH A . 
C 3 HOH 3   203 3   HOH HOH A . 
C 3 HOH 4   204 4   HOH HOH A . 
C 3 HOH 5   205 5   HOH HOH A . 
C 3 HOH 6   206 6   HOH HOH A . 
C 3 HOH 7   207 7   HOH HOH A . 
C 3 HOH 8   208 8   HOH HOH A . 
C 3 HOH 9   209 9   HOH HOH A . 
C 3 HOH 10  210 10  HOH HOH A . 
C 3 HOH 11  211 11  HOH HOH A . 
C 3 HOH 12  212 12  HOH HOH A . 
C 3 HOH 13  213 13  HOH HOH A . 
C 3 HOH 14  214 14  HOH HOH A . 
C 3 HOH 15  215 15  HOH HOH A . 
C 3 HOH 16  216 16  HOH HOH A . 
C 3 HOH 17  217 17  HOH HOH A . 
C 3 HOH 18  218 18  HOH HOH A . 
C 3 HOH 19  219 19  HOH HOH A . 
C 3 HOH 20  220 20  HOH HOH A . 
C 3 HOH 21  221 21  HOH HOH A . 
C 3 HOH 22  222 22  HOH HOH A . 
C 3 HOH 23  223 23  HOH HOH A . 
C 3 HOH 24  224 24  HOH HOH A . 
C 3 HOH 25  225 25  HOH HOH A . 
C 3 HOH 26  226 26  HOH HOH A . 
C 3 HOH 27  227 27  HOH HOH A . 
C 3 HOH 28  228 28  HOH HOH A . 
C 3 HOH 29  229 29  HOH HOH A . 
C 3 HOH 30  230 30  HOH HOH A . 
C 3 HOH 31  231 31  HOH HOH A . 
C 3 HOH 32  232 32  HOH HOH A . 
C 3 HOH 33  233 33  HOH HOH A . 
C 3 HOH 34  234 34  HOH HOH A . 
C 3 HOH 35  235 35  HOH HOH A . 
C 3 HOH 36  236 36  HOH HOH A . 
C 3 HOH 37  237 37  HOH HOH A . 
C 3 HOH 38  238 38  HOH HOH A . 
C 3 HOH 39  239 39  HOH HOH A . 
C 3 HOH 40  240 40  HOH HOH A . 
C 3 HOH 41  241 41  HOH HOH A . 
C 3 HOH 42  242 42  HOH HOH A . 
C 3 HOH 43  243 43  HOH HOH A . 
C 3 HOH 44  244 44  HOH HOH A . 
C 3 HOH 45  245 45  HOH HOH A . 
C 3 HOH 46  246 47  HOH HOH A . 
C 3 HOH 47  247 48  HOH HOH A . 
C 3 HOH 48  248 49  HOH HOH A . 
C 3 HOH 49  249 50  HOH HOH A . 
C 3 HOH 50  250 51  HOH HOH A . 
C 3 HOH 51  251 52  HOH HOH A . 
C 3 HOH 52  252 53  HOH HOH A . 
C 3 HOH 53  253 54  HOH HOH A . 
C 3 HOH 54  254 55  HOH HOH A . 
C 3 HOH 55  255 56  HOH HOH A . 
C 3 HOH 56  256 57  HOH HOH A . 
C 3 HOH 57  257 58  HOH HOH A . 
C 3 HOH 58  258 59  HOH HOH A . 
C 3 HOH 59  259 60  HOH HOH A . 
C 3 HOH 60  260 61  HOH HOH A . 
C 3 HOH 61  261 62  HOH HOH A . 
C 3 HOH 62  262 63  HOH HOH A . 
C 3 HOH 63  263 64  HOH HOH A . 
C 3 HOH 64  264 65  HOH HOH A . 
C 3 HOH 65  265 66  HOH HOH A . 
C 3 HOH 66  266 67  HOH HOH A . 
C 3 HOH 67  267 68  HOH HOH A . 
C 3 HOH 68  268 69  HOH HOH A . 
C 3 HOH 69  269 70  HOH HOH A . 
C 3 HOH 70  270 71  HOH HOH A . 
C 3 HOH 71  271 72  HOH HOH A . 
C 3 HOH 72  272 73  HOH HOH A . 
C 3 HOH 73  273 74  HOH HOH A . 
C 3 HOH 74  274 75  HOH HOH A . 
C 3 HOH 75  275 76  HOH HOH A . 
C 3 HOH 76  276 77  HOH HOH A . 
C 3 HOH 77  277 78  HOH HOH A . 
C 3 HOH 78  278 79  HOH HOH A . 
C 3 HOH 79  279 80  HOH HOH A . 
C 3 HOH 80  280 81  HOH HOH A . 
C 3 HOH 81  281 82  HOH HOH A . 
C 3 HOH 82  282 83  HOH HOH A . 
C 3 HOH 83  283 84  HOH HOH A . 
C 3 HOH 84  284 85  HOH HOH A . 
C 3 HOH 85  285 86  HOH HOH A . 
C 3 HOH 86  286 87  HOH HOH A . 
C 3 HOH 87  287 88  HOH HOH A . 
C 3 HOH 88  288 89  HOH HOH A . 
C 3 HOH 89  289 90  HOH HOH A . 
C 3 HOH 90  290 91  HOH HOH A . 
C 3 HOH 91  291 92  HOH HOH A . 
C 3 HOH 92  292 93  HOH HOH A . 
C 3 HOH 93  293 95  HOH HOH A . 
C 3 HOH 94  294 96  HOH HOH A . 
C 3 HOH 95  295 97  HOH HOH A . 
C 3 HOH 96  296 98  HOH HOH A . 
C 3 HOH 97  297 99  HOH HOH A . 
C 3 HOH 98  298 100 HOH HOH A . 
C 3 HOH 99  299 101 HOH HOH A . 
C 3 HOH 100 300 103 HOH HOH A . 
C 3 HOH 101 301 104 HOH HOH A . 
C 3 HOH 102 302 105 HOH HOH A . 
C 3 HOH 103 303 106 HOH HOH A . 
C 3 HOH 104 304 108 HOH HOH A . 
C 3 HOH 105 305 109 HOH HOH A . 
# 
loop_
_software.classification 
_software.contact_author 
_software.contact_author_email 
_software.description 
_software.name 
_software.version 
_software.citation_id 
_software.pdbx_ordinal 
refinement     'Garib N. Murshudov' garib@ysbl.york.ac.uk '(un)restrained refinement or idealisation of macromolecularstructures' 
REFMAC    'refmac_5.1.24  24/04/2001' ? 1 
'data scaling' ?                    ?                     ?                                                                       
HKL-2000  .                           ? 2 
phasing        ?                    ?                     ?                                                                       
CNS       .                           ? 3 
phasing        ?                    ?                     ?                                                                       
autoSHARP .                           ? 4 
# 
_cell.entry_id           1R75 
_cell.length_a           57.629 
_cell.length_b           57.629 
_cell.length_c           84.546 
_cell.angle_alpha        90.0 
_cell.angle_beta         90.0 
_cell.angle_gamma        90.0 
_cell.pdbx_unique_axis   ? 
_cell.Z_PDB              8 
# 
_symmetry.entry_id                         1R75 
_symmetry.space_group_name_H-M             'P 41 21 2' 
_symmetry.cell_setting                     ? 
_symmetry.Int_Tables_number                92 
_symmetry.pdbx_full_space_group_name_H-M   ? 
# 
_exptl.entry_id          1R75 
_exptl.crystals_number   ? 
_exptl.method            'X-RAY DIFFRACTION' 
# 
_exptl_crystal.id                    1 
_exptl_crystal.density_meas          ? 
_exptl_crystal.density_Matthews      2.43 
_exptl_crystal.density_percent_sol   49.34 
_exptl_crystal.description           ? 
# 
_exptl_crystal_grow.crystal_id      1 
_exptl_crystal_grow.method          ? 
_exptl_crystal_grow.temp            298 
_exptl_crystal_grow.temp_details    ? 
_exptl_crystal_grow.pH              7.60 
_exptl_crystal_grow.pdbx_details    'pH 7.6, sitting drop vapor diffusion, temperature 298K, pH 7.60' 
_exptl_crystal_grow.pdbx_pH_range   . 
# 
loop_
_exptl_crystal_grow_comp.crystal_id 
_exptl_crystal_grow_comp.id 
_exptl_crystal_grow_comp.sol_id 
_exptl_crystal_grow_comp.name 
_exptl_crystal_grow_comp.volume 
_exptl_crystal_grow_comp.conc 
_exptl_crystal_grow_comp.details 
1 1 1 Lmaj002144AAA    ? ? ? 
1 2 1 'Na/K Phosphate' ? ? ? 
1 3 1 'Hepes Buffer'   ? ? ? 
# 
_diffrn.id                     1 
_diffrn.ambient_temp           103 
_diffrn.ambient_temp_details   ? 
_diffrn.crystal_id             1 
# 
_diffrn_detector.diffrn_id              1 
_diffrn_detector.detector               CCD 
_diffrn_detector.type                   'ADSC QUANTUM 315' 
_diffrn_detector.pdbx_collection_date   2003-08-01 
_diffrn_detector.details                ? 
# 
_diffrn_radiation.diffrn_id                        1 
_diffrn_radiation.wavelength_id                    1 
_diffrn_radiation.pdbx_monochromatic_or_laue_m_l   M 
_diffrn_radiation.monochromator                    ? 
_diffrn_radiation.pdbx_diffrn_protocol             'SINGLE WAVELENGTH' 
_diffrn_radiation.pdbx_scattering_type             x-ray 
# 
_diffrn_radiation_wavelength.id           1 
_diffrn_radiation_wavelength.wavelength   1.1 
_diffrn_radiation_wavelength.wt           1.0 
# 
_diffrn_source.diffrn_id                   1 
_diffrn_source.source                      SYNCHROTRON 
_diffrn_source.type                        'ALS BEAMLINE 8.2.2' 
_diffrn_source.pdbx_synchrotron_site       ALS 
_diffrn_source.pdbx_synchrotron_beamline   8.2.2 
_diffrn_source.pdbx_wavelength             1.1 
_diffrn_source.pdbx_wavelength_list        ? 
# 
_reflns.entry_id                     1R75 
_reflns.observed_criterion_sigma_I   ? 
_reflns.observed_criterion_sigma_F   ? 
_reflns.d_resolution_low             50.00 
_reflns.d_resolution_high            1.86 
_reflns.number_obs                   12293 
_reflns.number_all                   ? 
_reflns.percent_possible_obs         97.3 
_reflns.pdbx_Rmerge_I_obs            ? 
_reflns.pdbx_Rsym_value              0.11 
_reflns.pdbx_netI_over_sigmaI        16.5 
_reflns.B_iso_Wilson_estimate        ? 
_reflns.pdbx_redundancy              6.23 
_reflns.R_free_details               ? 
_reflns.limit_h_max                  ? 
_reflns.limit_h_min                  ? 
_reflns.limit_k_max                  ? 
_reflns.limit_k_min                  ? 
_reflns.limit_l_max                  ? 
_reflns.limit_l_min                  ? 
_reflns.observed_criterion_F_max     ? 
_reflns.observed_criterion_F_min     ? 
_reflns.pdbx_ordinal                 1 
_reflns.pdbx_diffrn_id               1 
# 
_reflns_shell.d_res_high             1.86 
_reflns_shell.d_res_low              1.93 
_reflns_shell.percent_possible_all   80.8 
_reflns_shell.Rmerge_I_obs           ? 
_reflns_shell.pdbx_Rsym_value        0.11 
_reflns_shell.meanI_over_sigI_obs    2.5 
_reflns_shell.pdbx_redundancy        ? 
_reflns_shell.percent_possible_obs   ? 
_reflns_shell.number_unique_all      ? 
_reflns_shell.pdbx_ordinal           1 
_reflns_shell.pdbx_diffrn_id         1 
# 
_refine.entry_id                                 1R75 
_refine.ls_number_reflns_obs                     12244 
_refine.ls_number_reflns_all                     ? 
_refine.pdbx_ls_sigma_I                          ? 
_refine.pdbx_ls_sigma_F                          ? 
_refine.pdbx_data_cutoff_high_absF               ? 
_refine.pdbx_data_cutoff_low_absF                ? 
_refine.pdbx_data_cutoff_high_rms_absF           ? 
_refine.ls_d_res_low                             18.77 
_refine.ls_d_res_high                            1.86 
_refine.ls_percent_reflns_obs                    ? 
_refine.ls_R_factor_obs                          ? 
_refine.ls_R_factor_all                          ? 
_refine.ls_R_factor_R_work                       0.201 
_refine.ls_R_factor_R_free                       0.228 
_refine.ls_R_factor_R_free_error                 ? 
_refine.ls_R_factor_R_free_error_details         ? 
_refine.ls_percent_reflns_R_free                 4.811 
_refine.ls_number_reflns_R_free                  589 
_refine.ls_number_parameters                     ? 
_refine.ls_number_restraints                     ? 
_refine.occupancy_min                            ? 
_refine.occupancy_max                            ? 
_refine.correlation_coeff_Fo_to_Fc               0.948 
_refine.correlation_coeff_Fo_to_Fc_free          0.940 
_refine.B_iso_mean                               28.82 
_refine.aniso_B[1][1]                            -0.00100 
_refine.aniso_B[2][2]                            -0.00100 
_refine.aniso_B[3][3]                            0.00200 
_refine.aniso_B[1][2]                            0.00000 
_refine.aniso_B[1][3]                            0.00000 
_refine.aniso_B[2][3]                            0.00000 
_refine.solvent_model_details                    ? 
_refine.solvent_model_param_ksol                 ? 
_refine.solvent_model_param_bsol                 ? 
_refine.pdbx_solvent_vdw_probe_radii             ? 
_refine.pdbx_solvent_ion_probe_radii             ? 
_refine.pdbx_solvent_shrinkage_radii             ? 
_refine.pdbx_ls_cross_valid_method               ? 
_refine.details                                  'HYDROGENS HAVE BEEN ADDED IN THE RIDING POSITIONS' 
_refine.pdbx_starting_model                      ? 
_refine.pdbx_method_to_determine_struct          SAD 
_refine.pdbx_isotropic_thermal_model             ? 
_refine.pdbx_stereochemistry_target_values       ? 
_refine.pdbx_stereochem_target_val_spec_case     ? 
_refine.pdbx_R_Free_selection_details            ? 
_refine.pdbx_overall_ESU_R                       0.139 
_refine.pdbx_overall_ESU_R_Free                  0.128 
_refine.overall_SU_ML                            0.090 
_refine.overall_SU_B                             2.973 
_refine.ls_redundancy_reflns_obs                 ? 
_refine.B_iso_min                                ? 
_refine.B_iso_max                                ? 
_refine.overall_SU_R_Cruickshank_DPI             ? 
_refine.overall_SU_R_free                        ? 
_refine.pdbx_refine_id                           'X-RAY DIFFRACTION' 
_refine.pdbx_diffrn_id                           1 
_refine.pdbx_TLS_residual_ADP_flag               ? 
_refine.pdbx_overall_phase_error                 ? 
_refine.pdbx_overall_SU_R_free_Cruickshank_DPI   ? 
_refine.pdbx_overall_SU_R_Blow_DPI               ? 
_refine.pdbx_overall_SU_R_free_Blow_DPI          ? 
# 
_refine_hist.pdbx_refine_id                   'X-RAY DIFFRACTION' 
_refine_hist.cycle_id                         LAST 
_refine_hist.pdbx_number_atoms_protein        895 
_refine_hist.pdbx_number_atoms_nucleic_acid   0 
_refine_hist.pdbx_number_atoms_ligand         6 
_refine_hist.number_atoms_solvent             105 
_refine_hist.number_atoms_total               1006 
_refine_hist.d_res_high                       1.86 
_refine_hist.d_res_low                        18.77 
# 
loop_
_refine_ls_restr.type 
_refine_ls_restr.dev_ideal 
_refine_ls_restr.dev_ideal_target 
_refine_ls_restr.weight 
_refine_ls_restr.number 
_refine_ls_restr.pdbx_refine_id 
_refine_ls_restr.pdbx_restraint_function 
r_bond_refined_d         0.028 0.022 ? 919  'X-RAY DIFFRACTION' ? 
r_bond_other_d           0.002 0.020 ? 833  'X-RAY DIFFRACTION' ? 
r_angle_refined_deg      2.096 1.945 ? 1242 'X-RAY DIFFRACTION' ? 
r_angle_other_deg        0.971 3.000 ? 1926 'X-RAY DIFFRACTION' ? 
r_dihedral_angle_1_deg   8.028 5.000 ? 108  'X-RAY DIFFRACTION' ? 
r_dihedral_angle_2_deg   ?     ?     ? ?    'X-RAY DIFFRACTION' ? 
r_dihedral_angle_3_deg   ?     ?     ? ?    'X-RAY DIFFRACTION' ? 
r_dihedral_angle_4_deg   ?     ?     ? ?    'X-RAY DIFFRACTION' ? 
r_chiral_restr           0.129 0.200 ? 137  'X-RAY DIFFRACTION' ? 
r_gen_planes_refined     0.010 0.020 ? 1005 'X-RAY DIFFRACTION' ? 
r_gen_planes_other       0.005 0.020 ? 206  'X-RAY DIFFRACTION' ? 
r_nbd_refined            0.202 0.200 ? 151  'X-RAY DIFFRACTION' ? 
r_nbd_other              0.260 0.200 ? 1005 'X-RAY DIFFRACTION' ? 
r_nbtor_refined          0.187 0.200 ? 440  'X-RAY DIFFRACTION' ? 
r_nbtor_other            0.097 0.200 ? 618  'X-RAY DIFFRACTION' ? 
r_xyhbond_nbd_refined    0.194 0.200 ? 75   'X-RAY DIFFRACTION' ? 
r_xyhbond_nbd_other      ?     ?     ? ?    'X-RAY DIFFRACTION' ? 
r_metal_ion_refined      ?     ?     ? ?    'X-RAY DIFFRACTION' ? 
r_metal_ion_other        ?     ?     ? ?    'X-RAY DIFFRACTION' ? 
r_symmetry_vdw_refined   0.315 0.200 ? 9    'X-RAY DIFFRACTION' ? 
r_symmetry_vdw_other     0.307 0.200 ? 78   'X-RAY DIFFRACTION' ? 
r_symmetry_hbond_refined 0.197 0.200 ? 11   'X-RAY DIFFRACTION' ? 
r_symmetry_hbond_other   ?     ?     ? ?    'X-RAY DIFFRACTION' ? 
r_mcbond_it              1.610 1.500 ? 545  'X-RAY DIFFRACTION' ? 
r_mcangle_it             2.960 2.000 ? 885  'X-RAY DIFFRACTION' ? 
r_scbond_it              4.325 3.000 ? 374  'X-RAY DIFFRACTION' ? 
r_scangle_it             7.442 4.500 ? 357  'X-RAY DIFFRACTION' ? 
r_rigid_bond_restr       ?     ?     ? ?    'X-RAY DIFFRACTION' ? 
r_sphericity_free        ?     ?     ? ?    'X-RAY DIFFRACTION' ? 
r_sphericity_bonded      ?     ?     ? ?    'X-RAY DIFFRACTION' ? 
# 
_refine_ls_shell.pdbx_total_number_of_bins_used   20 
_refine_ls_shell.d_res_high                       1.86 
_refine_ls_shell.d_res_low                        1.90 
_refine_ls_shell.number_reflns_R_work             657 
_refine_ls_shell.R_factor_R_work                  0.27 
_refine_ls_shell.percent_reflns_obs               ? 
_refine_ls_shell.R_factor_R_free                  0.275 
_refine_ls_shell.R_factor_R_free_error            ? 
_refine_ls_shell.percent_reflns_R_free            ? 
_refine_ls_shell.number_reflns_R_free             38 
_refine_ls_shell.redundancy_reflns_obs            ? 
_refine_ls_shell.number_reflns_all                ? 
_refine_ls_shell.number_reflns_obs                ? 
_refine_ls_shell.pdbx_refine_id                   'X-RAY DIFFRACTION' 
_refine_ls_shell.R_factor_all                     ? 
# 
_struct.entry_id                  1R75 
_struct.title                     'Leishmania major hypothetical protein' 
_struct.pdbx_model_details        ? 
_struct.pdbx_CASP_flag            ? 
_struct.pdbx_model_type_details   ? 
# 
_struct_keywords.entry_id        1R75 
_struct_keywords.pdbx_keywords   'STRUCTURAL GENOMICS, UNKNOWN FUNCTION' 
_struct_keywords.text            
;STRUCTURAL GENOMICS, UNKNOWN FUNCTION, PSI, Protein Structure Initiative, Structural Genomics of Pathogenic Protozoa Consortium, SGPP
;
# 
loop_
_struct_asym.id 
_struct_asym.pdbx_blank_PDB_chainid_flag 
_struct_asym.pdbx_modified 
_struct_asym.entity_id 
_struct_asym.details 
A N N 1 ? 
B N N 2 ? 
C N N 3 ? 
# 
_struct_ref.id                         1 
_struct_ref.db_name                    UNP 
_struct_ref.db_code                    P84150_LEIMA 
_struct_ref.pdbx_db_accession          P84150 
_struct_ref.entity_id                  1 
_struct_ref.pdbx_align_begin           1 
_struct_ref.pdbx_db_isoform            ? 
_struct_ref.pdbx_seq_one_letter_code   ? 
# 
_struct_ref_seq.align_id                      1 
_struct_ref_seq.ref_id                        1 
_struct_ref_seq.pdbx_PDB_id_code              1R75 
_struct_ref_seq.pdbx_strand_id                A 
_struct_ref_seq.seq_align_beg                 9 
_struct_ref_seq.pdbx_seq_align_beg_ins_code   ? 
_struct_ref_seq.seq_align_end                 141 
_struct_ref_seq.pdbx_seq_align_end_ins_code   ? 
_struct_ref_seq.pdbx_db_accession             P84150 
_struct_ref_seq.db_align_beg                  1 
_struct_ref_seq.pdbx_db_align_beg_ins_code    ? 
_struct_ref_seq.db_align_end                  133 
_struct_ref_seq.pdbx_db_align_end_ins_code    ? 
_struct_ref_seq.pdbx_auth_seq_align_beg       1 
_struct_ref_seq.pdbx_auth_seq_align_end       133 
# 
_pdbx_struct_assembly.id                   1 
_pdbx_struct_assembly.details              author_defined_assembly 
_pdbx_struct_assembly.method_details       ? 
_pdbx_struct_assembly.oligomeric_details   monomeric 
_pdbx_struct_assembly.oligomeric_count     1 
# 
_pdbx_struct_assembly_gen.assembly_id       1 
_pdbx_struct_assembly_gen.oper_expression   1 
_pdbx_struct_assembly_gen.asym_id_list      A,B,C 
# 
_pdbx_struct_oper_list.id                   1 
_pdbx_struct_oper_list.type                 'identity operation' 
_pdbx_struct_oper_list.name                 1_555 
_pdbx_struct_oper_list.symmetry_operation   x,y,z 
_pdbx_struct_oper_list.matrix[1][1]         1.0000000000 
_pdbx_struct_oper_list.matrix[1][2]         0.0000000000 
_pdbx_struct_oper_list.matrix[1][3]         0.0000000000 
_pdbx_struct_oper_list.vector[1]            0.0000000000 
_pdbx_struct_oper_list.matrix[2][1]         0.0000000000 
_pdbx_struct_oper_list.matrix[2][2]         1.0000000000 
_pdbx_struct_oper_list.matrix[2][3]         0.0000000000 
_pdbx_struct_oper_list.vector[2]            0.0000000000 
_pdbx_struct_oper_list.matrix[3][1]         0.0000000000 
_pdbx_struct_oper_list.matrix[3][2]         0.0000000000 
_pdbx_struct_oper_list.matrix[3][3]         1.0000000000 
_pdbx_struct_oper_list.vector[3]            0.0000000000 
# 
_struct_biol.id                    1 
_struct_biol.pdbx_parent_biol_id   ? 
_struct_biol.details               ? 
# 
loop_
_struct_sheet.id 
_struct_sheet.type 
_struct_sheet.number_strands 
_struct_sheet.details 
A ? 5 ? 
B ? 4 ? 
# 
loop_
_struct_sheet_order.sheet_id 
_struct_sheet_order.range_id_1 
_struct_sheet_order.range_id_2 
_struct_sheet_order.offset 
_struct_sheet_order.sense 
A 1 2 ? anti-parallel 
A 2 3 ? anti-parallel 
A 3 4 ? anti-parallel 
A 4 5 ? anti-parallel 
B 1 2 ? anti-parallel 
B 2 3 ? anti-parallel 
B 3 4 ? anti-parallel 
# 
loop_
_struct_sheet_range.sheet_id 
_struct_sheet_range.id 
_struct_sheet_range.beg_label_comp_id 
_struct_sheet_range.beg_label_asym_id 
_struct_sheet_range.beg_label_seq_id 
_struct_sheet_range.pdbx_beg_PDB_ins_code 
_struct_sheet_range.end_label_comp_id 
_struct_sheet_range.end_label_asym_id 
_struct_sheet_range.end_label_seq_id 
_struct_sheet_range.pdbx_end_PDB_ins_code 
_struct_sheet_range.beg_auth_comp_id 
_struct_sheet_range.beg_auth_asym_id 
_struct_sheet_range.beg_auth_seq_id 
_struct_sheet_range.end_auth_comp_id 
_struct_sheet_range.end_auth_asym_id 
_struct_sheet_range.end_auth_seq_id 
A 1 LYS A 33  ? PRO A 36  ? LYS A 25  PRO A 28  
A 2 LEU A 42  ? ASP A 47  ? LEU A 34  ASP A 39  
A 3 ARG A 52  ? ASN A 57  ? ARG A 44  ASN A 49  
A 4 THR A 112 ? SER A 119 ? THR A 104 SER A 111 
A 5 GLN A 75  ? PRO A 78  ? GLN A 67  PRO A 70  
B 1 THR A 83  ? ARG A 86  ? THR A 75  ARG A 78  
B 2 LYS A 100 ? VAL A 107 ? LYS A 92  VAL A 99  
B 3 LEU A 62  ? ASP A 71  ? LEU A 54  ASP A 63  
B 4 TRP A 123 ? THR A 132 ? TRP A 115 THR A 124 
# 
loop_
_pdbx_struct_sheet_hbond.sheet_id 
_pdbx_struct_sheet_hbond.range_id_1 
_pdbx_struct_sheet_hbond.range_id_2 
_pdbx_struct_sheet_hbond.range_1_label_atom_id 
_pdbx_struct_sheet_hbond.range_1_label_comp_id 
_pdbx_struct_sheet_hbond.range_1_label_asym_id 
_pdbx_struct_sheet_hbond.range_1_label_seq_id 
_pdbx_struct_sheet_hbond.range_1_PDB_ins_code 
_pdbx_struct_sheet_hbond.range_1_auth_atom_id 
_pdbx_struct_sheet_hbond.range_1_auth_comp_id 
_pdbx_struct_sheet_hbond.range_1_auth_asym_id 
_pdbx_struct_sheet_hbond.range_1_auth_seq_id 
_pdbx_struct_sheet_hbond.range_2_label_atom_id 
_pdbx_struct_sheet_hbond.range_2_label_comp_id 
_pdbx_struct_sheet_hbond.range_2_label_asym_id 
_pdbx_struct_sheet_hbond.range_2_label_seq_id 
_pdbx_struct_sheet_hbond.range_2_PDB_ins_code 
_pdbx_struct_sheet_hbond.range_2_auth_atom_id 
_pdbx_struct_sheet_hbond.range_2_auth_comp_id 
_pdbx_struct_sheet_hbond.range_2_auth_asym_id 
_pdbx_struct_sheet_hbond.range_2_auth_seq_id 
A 1 2 N LYS A 33  ? N LYS A 25  O ALA A 46  ? O ALA A 38  
A 2 3 N ILE A 45  ? N ILE A 37  O ALA A 54  ? O ALA A 46  
A 3 4 N TRP A 53  ? N TRP A 45  O PHE A 115 ? O PHE A 107 
A 4 5 O GLU A 117 ? O GLU A 109 N VAL A 77  ? N VAL A 69  
B 1 2 N THR A 83  ? N THR A 75  O GLU A 104 ? O GLU A 96  
B 2 3 O VAL A 107 ? O VAL A 99  N ILE A 64  ? N ILE A 56  
B 3 4 N HIS A 65  ? N HIS A 57  O GLU A 129 ? O GLU A 121 
# 
_struct_site.id                   AC1 
_struct_site.pdbx_evidence_code   Software 
_struct_site.pdbx_auth_asym_id    A 
_struct_site.pdbx_auth_comp_id    GOL 
_struct_site.pdbx_auth_seq_id     200 
_struct_site.pdbx_auth_ins_code   ? 
_struct_site.pdbx_num_residues    7 
_struct_site.details              'BINDING SITE FOR RESIDUE GOL A 200' 
# 
loop_
_struct_site_gen.id 
_struct_site_gen.site_id 
_struct_site_gen.pdbx_num_res 
_struct_site_gen.label_comp_id 
_struct_site_gen.label_asym_id 
_struct_site_gen.label_seq_id 
_struct_site_gen.pdbx_auth_ins_code 
_struct_site_gen.auth_comp_id 
_struct_site_gen.auth_asym_id 
_struct_site_gen.auth_seq_id 
_struct_site_gen.label_atom_id 
_struct_site_gen.label_alt_id 
_struct_site_gen.symmetry 
_struct_site_gen.details 
1 AC1 7 ASP A 47  ? ASP A 39  . ? 3_555 ? 
2 AC1 7 ARG A 51  ? ARG A 43  . ? 3_555 ? 
3 AC1 7 GLY A 118 ? GLY A 110 . ? 3_555 ? 
4 AC1 7 SER A 119 ? SER A 111 . ? 3_555 ? 
5 AC1 7 VAL A 120 ? VAL A 112 . ? 3_555 ? 
6 AC1 7 HOH C .   ? HOH A 261 . ? 1_555 ? 
7 AC1 7 HOH C .   ? HOH A 281 . ? 1_555 ? 
# 
loop_
_pdbx_validate_rmsd_angle.id 
_pdbx_validate_rmsd_angle.PDB_model_num 
_pdbx_validate_rmsd_angle.auth_atom_id_1 
_pdbx_validate_rmsd_angle.auth_asym_id_1 
_pdbx_validate_rmsd_angle.auth_comp_id_1 
_pdbx_validate_rmsd_angle.auth_seq_id_1 
_pdbx_validate_rmsd_angle.PDB_ins_code_1 
_pdbx_validate_rmsd_angle.label_alt_id_1 
_pdbx_validate_rmsd_angle.auth_atom_id_2 
_pdbx_validate_rmsd_angle.auth_asym_id_2 
_pdbx_validate_rmsd_angle.auth_comp_id_2 
_pdbx_validate_rmsd_angle.auth_seq_id_2 
_pdbx_validate_rmsd_angle.PDB_ins_code_2 
_pdbx_validate_rmsd_angle.label_alt_id_2 
_pdbx_validate_rmsd_angle.auth_atom_id_3 
_pdbx_validate_rmsd_angle.auth_asym_id_3 
_pdbx_validate_rmsd_angle.auth_comp_id_3 
_pdbx_validate_rmsd_angle.auth_seq_id_3 
_pdbx_validate_rmsd_angle.PDB_ins_code_3 
_pdbx_validate_rmsd_angle.label_alt_id_3 
_pdbx_validate_rmsd_angle.angle_value 
_pdbx_validate_rmsd_angle.angle_target_value 
_pdbx_validate_rmsd_angle.angle_deviation 
_pdbx_validate_rmsd_angle.angle_standard_deviation 
_pdbx_validate_rmsd_angle.linker_flag 
1 1 OG1 A THR 75  ? ? CB A THR 75  ? ? CG2 A THR 75  ? ? 95.88  110.00 -14.12 2.30 N 
2 1 NE  A ARG 100 ? ? CZ A ARG 100 ? ? NH1 A ARG 100 ? ? 123.83 120.30 3.53   0.50 N 
3 1 CG  A MET 106 ? ? SD A MET 106 ? ? CE  A MET 106 ? ? 86.26  100.20 -13.94 1.60 N 
# 
loop_
_pdbx_validate_torsion.id 
_pdbx_validate_torsion.PDB_model_num 
_pdbx_validate_torsion.auth_comp_id 
_pdbx_validate_torsion.auth_asym_id 
_pdbx_validate_torsion.auth_seq_id 
_pdbx_validate_torsion.PDB_ins_code 
_pdbx_validate_torsion.label_alt_id 
_pdbx_validate_torsion.phi 
_pdbx_validate_torsion.psi 
1 1 PHE A 107 ? ? -115.75 -70.63  
2 1 THR A 113 ? ? -110.42 -121.40 
# 
_pdbx_SG_project.id                    1 
_pdbx_SG_project.project_name          'PSI, Protein Structure Initiative' 
_pdbx_SG_project.full_name_of_center   'Structural Genomics of Pathogenic Protozoa Consortium' 
_pdbx_SG_project.initial_of_center     SGPP 
# 
loop_
_pdbx_unobs_or_zero_occ_residues.id 
_pdbx_unobs_or_zero_occ_residues.PDB_model_num 
_pdbx_unobs_or_zero_occ_residues.polymer_flag 
_pdbx_unobs_or_zero_occ_residues.occupancy_flag 
_pdbx_unobs_or_zero_occ_residues.auth_asym_id 
_pdbx_unobs_or_zero_occ_residues.auth_comp_id 
_pdbx_unobs_or_zero_occ_residues.auth_seq_id 
_pdbx_unobs_or_zero_occ_residues.PDB_ins_code 
_pdbx_unobs_or_zero_occ_residues.label_asym_id 
_pdbx_unobs_or_zero_occ_residues.label_comp_id 
_pdbx_unobs_or_zero_occ_residues.label_seq_id 
1  1 Y 1 A MET -7  ? A MET 1   
2  1 Y 1 A ALA -6  ? A ALA 2   
3  1 Y 1 A HIS -5  ? A HIS 3   
4  1 Y 1 A HIS -4  ? A HIS 4   
5  1 Y 1 A HIS -3  ? A HIS 5   
6  1 Y 1 A HIS -2  ? A HIS 6   
7  1 Y 1 A HIS -1  ? A HIS 7   
8  1 Y 1 A HIS 0   ? A HIS 8   
9  1 Y 1 A MET 1   ? A MET 9   
10 1 Y 1 A GLY 2   ? A GLY 10  
11 1 Y 1 A SER 3   ? A SER 11  
12 1 Y 1 A ARG 4   ? A ARG 12  
13 1 Y 1 A ILE 5   ? A ILE 13  
14 1 Y 1 A SER 6   ? A SER 14  
15 1 Y 1 A LYS 7   ? A LYS 15  
16 1 Y 1 A GLU 8   ? A GLU 16  
17 1 Y 1 A ALA 9   ? A ALA 17  
18 1 Y 1 A ALA 10  ? A ALA 18  
19 1 Y 1 A PRO 11  ? A PRO 19  
20 1 Y 1 A ASP 80  ? A ASP 88  
21 1 Y 1 A ASP 81  ? A ASP 89  
22 1 Y 1 A PRO 82  ? A PRO 90  
23 1 Y 1 A ASP 83  ? A ASP 91  
24 1 Y 1 A GLU 84  ? A GLU 92  
25 1 Y 1 A GLY 85  ? A GLY 93  
26 1 Y 1 A ASN 86  ? A ASN 94  
27 1 Y 1 A GLU 87  ? A GLU 95  
28 1 Y 1 A ASP 88  ? A ASP 96  
29 1 Y 1 A ASP 89  ? A ASP 97  
30 1 Y 1 A PHE 90  ? A PHE 98  
31 1 Y 1 A LEU 133 ? A LEU 141 
# 
loop_
_chem_comp_atom.comp_id 
_chem_comp_atom.atom_id 
_chem_comp_atom.type_symbol 
_chem_comp_atom.pdbx_aromatic_flag 
_chem_comp_atom.pdbx_stereo_config 
_chem_comp_atom.pdbx_ordinal 
ALA N    N N N 1   
ALA CA   C N S 2   
ALA C    C N N 3   
ALA O    O N N 4   
ALA CB   C N N 5   
ALA OXT  O N N 6   
ALA H    H N N 7   
ALA H2   H N N 8   
ALA HA   H N N 9   
ALA HB1  H N N 10  
ALA HB2  H N N 11  
ALA HB3  H N N 12  
ALA HXT  H N N 13  
ARG N    N N N 14  
ARG CA   C N S 15  
ARG C    C N N 16  
ARG O    O N N 17  
ARG CB   C N N 18  
ARG CG   C N N 19  
ARG CD   C N N 20  
ARG NE   N N N 21  
ARG CZ   C N N 22  
ARG NH1  N N N 23  
ARG NH2  N N N 24  
ARG OXT  O N N 25  
ARG H    H N N 26  
ARG H2   H N N 27  
ARG HA   H N N 28  
ARG HB2  H N N 29  
ARG HB3  H N N 30  
ARG HG2  H N N 31  
ARG HG3  H N N 32  
ARG HD2  H N N 33  
ARG HD3  H N N 34  
ARG HE   H N N 35  
ARG HH11 H N N 36  
ARG HH12 H N N 37  
ARG HH21 H N N 38  
ARG HH22 H N N 39  
ARG HXT  H N N 40  
ASN N    N N N 41  
ASN CA   C N S 42  
ASN C    C N N 43  
ASN O    O N N 44  
ASN CB   C N N 45  
ASN CG   C N N 46  
ASN OD1  O N N 47  
ASN ND2  N N N 48  
ASN OXT  O N N 49  
ASN H    H N N 50  
ASN H2   H N N 51  
ASN HA   H N N 52  
ASN HB2  H N N 53  
ASN HB3  H N N 54  
ASN HD21 H N N 55  
ASN HD22 H N N 56  
ASN HXT  H N N 57  
ASP N    N N N 58  
ASP CA   C N S 59  
ASP C    C N N 60  
ASP O    O N N 61  
ASP CB   C N N 62  
ASP CG   C N N 63  
ASP OD1  O N N 64  
ASP OD2  O N N 65  
ASP OXT  O N N 66  
ASP H    H N N 67  
ASP H2   H N N 68  
ASP HA   H N N 69  
ASP HB2  H N N 70  
ASP HB3  H N N 71  
ASP HD2  H N N 72  
ASP HXT  H N N 73  
CYS N    N N N 74  
CYS CA   C N R 75  
CYS C    C N N 76  
CYS O    O N N 77  
CYS CB   C N N 78  
CYS SG   S N N 79  
CYS OXT  O N N 80  
CYS H    H N N 81  
CYS H2   H N N 82  
CYS HA   H N N 83  
CYS HB2  H N N 84  
CYS HB3  H N N 85  
CYS HG   H N N 86  
CYS HXT  H N N 87  
GLN N    N N N 88  
GLN CA   C N S 89  
GLN C    C N N 90  
GLN O    O N N 91  
GLN CB   C N N 92  
GLN CG   C N N 93  
GLN CD   C N N 94  
GLN OE1  O N N 95  
GLN NE2  N N N 96  
GLN OXT  O N N 97  
GLN H    H N N 98  
GLN H2   H N N 99  
GLN HA   H N N 100 
GLN HB2  H N N 101 
GLN HB3  H N N 102 
GLN HG2  H N N 103 
GLN HG3  H N N 104 
GLN HE21 H N N 105 
GLN HE22 H N N 106 
GLN HXT  H N N 107 
GLU N    N N N 108 
GLU CA   C N S 109 
GLU C    C N N 110 
GLU O    O N N 111 
GLU CB   C N N 112 
GLU CG   C N N 113 
GLU CD   C N N 114 
GLU OE1  O N N 115 
GLU OE2  O N N 116 
GLU OXT  O N N 117 
GLU H    H N N 118 
GLU H2   H N N 119 
GLU HA   H N N 120 
GLU HB2  H N N 121 
GLU HB3  H N N 122 
GLU HG2  H N N 123 
GLU HG3  H N N 124 
GLU HE2  H N N 125 
GLU HXT  H N N 126 
GLY N    N N N 127 
GLY CA   C N N 128 
GLY C    C N N 129 
GLY O    O N N 130 
GLY OXT  O N N 131 
GLY H    H N N 132 
GLY H2   H N N 133 
GLY HA2  H N N 134 
GLY HA3  H N N 135 
GLY HXT  H N N 136 
GOL C1   C N N 137 
GOL O1   O N N 138 
GOL C2   C N N 139 
GOL O2   O N N 140 
GOL C3   C N N 141 
GOL O3   O N N 142 
GOL H11  H N N 143 
GOL H12  H N N 144 
GOL HO1  H N N 145 
GOL H2   H N N 146 
GOL HO2  H N N 147 
GOL H31  H N N 148 
GOL H32  H N N 149 
GOL HO3  H N N 150 
HIS N    N N N 151 
HIS CA   C N S 152 
HIS C    C N N 153 
HIS O    O N N 154 
HIS CB   C N N 155 
HIS CG   C Y N 156 
HIS ND1  N Y N 157 
HIS CD2  C Y N 158 
HIS CE1  C Y N 159 
HIS NE2  N Y N 160 
HIS OXT  O N N 161 
HIS H    H N N 162 
HIS H2   H N N 163 
HIS HA   H N N 164 
HIS HB2  H N N 165 
HIS HB3  H N N 166 
HIS HD1  H N N 167 
HIS HD2  H N N 168 
HIS HE1  H N N 169 
HIS HE2  H N N 170 
HIS HXT  H N N 171 
HOH O    O N N 172 
HOH H1   H N N 173 
HOH H2   H N N 174 
ILE N    N N N 175 
ILE CA   C N S 176 
ILE C    C N N 177 
ILE O    O N N 178 
ILE CB   C N S 179 
ILE CG1  C N N 180 
ILE CG2  C N N 181 
ILE CD1  C N N 182 
ILE OXT  O N N 183 
ILE H    H N N 184 
ILE H2   H N N 185 
ILE HA   H N N 186 
ILE HB   H N N 187 
ILE HG12 H N N 188 
ILE HG13 H N N 189 
ILE HG21 H N N 190 
ILE HG22 H N N 191 
ILE HG23 H N N 192 
ILE HD11 H N N 193 
ILE HD12 H N N 194 
ILE HD13 H N N 195 
ILE HXT  H N N 196 
LEU N    N N N 197 
LEU CA   C N S 198 
LEU C    C N N 199 
LEU O    O N N 200 
LEU CB   C N N 201 
LEU CG   C N N 202 
LEU CD1  C N N 203 
LEU CD2  C N N 204 
LEU OXT  O N N 205 
LEU H    H N N 206 
LEU H2   H N N 207 
LEU HA   H N N 208 
LEU HB2  H N N 209 
LEU HB3  H N N 210 
LEU HG   H N N 211 
LEU HD11 H N N 212 
LEU HD12 H N N 213 
LEU HD13 H N N 214 
LEU HD21 H N N 215 
LEU HD22 H N N 216 
LEU HD23 H N N 217 
LEU HXT  H N N 218 
LYS N    N N N 219 
LYS CA   C N S 220 
LYS C    C N N 221 
LYS O    O N N 222 
LYS CB   C N N 223 
LYS CG   C N N 224 
LYS CD   C N N 225 
LYS CE   C N N 226 
LYS NZ   N N N 227 
LYS OXT  O N N 228 
LYS H    H N N 229 
LYS H2   H N N 230 
LYS HA   H N N 231 
LYS HB2  H N N 232 
LYS HB3  H N N 233 
LYS HG2  H N N 234 
LYS HG3  H N N 235 
LYS HD2  H N N 236 
LYS HD3  H N N 237 
LYS HE2  H N N 238 
LYS HE3  H N N 239 
LYS HZ1  H N N 240 
LYS HZ2  H N N 241 
LYS HZ3  H N N 242 
LYS HXT  H N N 243 
MET N    N N N 244 
MET CA   C N S 245 
MET C    C N N 246 
MET O    O N N 247 
MET CB   C N N 248 
MET CG   C N N 249 
MET SD   S N N 250 
MET CE   C N N 251 
MET OXT  O N N 252 
MET H    H N N 253 
MET H2   H N N 254 
MET HA   H N N 255 
MET HB2  H N N 256 
MET HB3  H N N 257 
MET HG2  H N N 258 
MET HG3  H N N 259 
MET HE1  H N N 260 
MET HE2  H N N 261 
MET HE3  H N N 262 
MET HXT  H N N 263 
PHE N    N N N 264 
PHE CA   C N S 265 
PHE C    C N N 266 
PHE O    O N N 267 
PHE CB   C N N 268 
PHE CG   C Y N 269 
PHE CD1  C Y N 270 
PHE CD2  C Y N 271 
PHE CE1  C Y N 272 
PHE CE2  C Y N 273 
PHE CZ   C Y N 274 
PHE OXT  O N N 275 
PHE H    H N N 276 
PHE H2   H N N 277 
PHE HA   H N N 278 
PHE HB2  H N N 279 
PHE HB3  H N N 280 
PHE HD1  H N N 281 
PHE HD2  H N N 282 
PHE HE1  H N N 283 
PHE HE2  H N N 284 
PHE HZ   H N N 285 
PHE HXT  H N N 286 
PRO N    N N N 287 
PRO CA   C N S 288 
PRO C    C N N 289 
PRO O    O N N 290 
PRO CB   C N N 291 
PRO CG   C N N 292 
PRO CD   C N N 293 
PRO OXT  O N N 294 
PRO H    H N N 295 
PRO HA   H N N 296 
PRO HB2  H N N 297 
PRO HB3  H N N 298 
PRO HG2  H N N 299 
PRO HG3  H N N 300 
PRO HD2  H N N 301 
PRO HD3  H N N 302 
PRO HXT  H N N 303 
SER N    N N N 304 
SER CA   C N S 305 
SER C    C N N 306 
SER O    O N N 307 
SER CB   C N N 308 
SER OG   O N N 309 
SER OXT  O N N 310 
SER H    H N N 311 
SER H2   H N N 312 
SER HA   H N N 313 
SER HB2  H N N 314 
SER HB3  H N N 315 
SER HG   H N N 316 
SER HXT  H N N 317 
THR N    N N N 318 
THR CA   C N S 319 
THR C    C N N 320 
THR O    O N N 321 
THR CB   C N R 322 
THR OG1  O N N 323 
THR CG2  C N N 324 
THR OXT  O N N 325 
THR H    H N N 326 
THR H2   H N N 327 
THR HA   H N N 328 
THR HB   H N N 329 
THR HG1  H N N 330 
THR HG21 H N N 331 
THR HG22 H N N 332 
THR HG23 H N N 333 
THR HXT  H N N 334 
TRP N    N N N 335 
TRP CA   C N S 336 
TRP C    C N N 337 
TRP O    O N N 338 
TRP CB   C N N 339 
TRP CG   C Y N 340 
TRP CD1  C Y N 341 
TRP CD2  C Y N 342 
TRP NE1  N Y N 343 
TRP CE2  C Y N 344 
TRP CE3  C Y N 345 
TRP CZ2  C Y N 346 
TRP CZ3  C Y N 347 
TRP CH2  C Y N 348 
TRP OXT  O N N 349 
TRP H    H N N 350 
TRP H2   H N N 351 
TRP HA   H N N 352 
TRP HB2  H N N 353 
TRP HB3  H N N 354 
TRP HD1  H N N 355 
TRP HE1  H N N 356 
TRP HE3  H N N 357 
TRP HZ2  H N N 358 
TRP HZ3  H N N 359 
TRP HH2  H N N 360 
TRP HXT  H N N 361 
TYR N    N N N 362 
TYR CA   C N S 363 
TYR C    C N N 364 
TYR O    O N N 365 
TYR CB   C N N 366 
TYR CG   C Y N 367 
TYR CD1  C Y N 368 
TYR CD2  C Y N 369 
TYR CE1  C Y N 370 
TYR CE2  C Y N 371 
TYR CZ   C Y N 372 
TYR OH   O N N 373 
TYR OXT  O N N 374 
TYR H    H N N 375 
TYR H2   H N N 376 
TYR HA   H N N 377 
TYR HB2  H N N 378 
TYR HB3  H N N 379 
TYR HD1  H N N 380 
TYR HD2  H N N 381 
TYR HE1  H N N 382 
TYR HE2  H N N 383 
TYR HH   H N N 384 
TYR HXT  H N N 385 
VAL N    N N N 386 
VAL CA   C N S 387 
VAL C    C N N 388 
VAL O    O N N 389 
VAL CB   C N N 390 
VAL CG1  C N N 391 
VAL CG2  C N N 392 
VAL OXT  O N N 393 
VAL H    H N N 394 
VAL H2   H N N 395 
VAL HA   H N N 396 
VAL HB   H N N 397 
VAL HG11 H N N 398 
VAL HG12 H N N 399 
VAL HG13 H N N 400 
VAL HG21 H N N 401 
VAL HG22 H N N 402 
VAL HG23 H N N 403 
VAL HXT  H N N 404 
# 
loop_
_chem_comp_bond.comp_id 
_chem_comp_bond.atom_id_1 
_chem_comp_bond.atom_id_2 
_chem_comp_bond.value_order 
_chem_comp_bond.pdbx_aromatic_flag 
_chem_comp_bond.pdbx_stereo_config 
_chem_comp_bond.pdbx_ordinal 
ALA N   CA   sing N N 1   
ALA N   H    sing N N 2   
ALA N   H2   sing N N 3   
ALA CA  C    sing N N 4   
ALA CA  CB   sing N N 5   
ALA CA  HA   sing N N 6   
ALA C   O    doub N N 7   
ALA C   OXT  sing N N 8   
ALA CB  HB1  sing N N 9   
ALA CB  HB2  sing N N 10  
ALA CB  HB3  sing N N 11  
ALA OXT HXT  sing N N 12  
ARG N   CA   sing N N 13  
ARG N   H    sing N N 14  
ARG N   H2   sing N N 15  
ARG CA  C    sing N N 16  
ARG CA  CB   sing N N 17  
ARG CA  HA   sing N N 18  
ARG C   O    doub N N 19  
ARG C   OXT  sing N N 20  
ARG CB  CG   sing N N 21  
ARG CB  HB2  sing N N 22  
ARG CB  HB3  sing N N 23  
ARG CG  CD   sing N N 24  
ARG CG  HG2  sing N N 25  
ARG CG  HG3  sing N N 26  
ARG CD  NE   sing N N 27  
ARG CD  HD2  sing N N 28  
ARG CD  HD3  sing N N 29  
ARG NE  CZ   sing N N 30  
ARG NE  HE   sing N N 31  
ARG CZ  NH1  sing N N 32  
ARG CZ  NH2  doub N N 33  
ARG NH1 HH11 sing N N 34  
ARG NH1 HH12 sing N N 35  
ARG NH2 HH21 sing N N 36  
ARG NH2 HH22 sing N N 37  
ARG OXT HXT  sing N N 38  
ASN N   CA   sing N N 39  
ASN N   H    sing N N 40  
ASN N   H2   sing N N 41  
ASN CA  C    sing N N 42  
ASN CA  CB   sing N N 43  
ASN CA  HA   sing N N 44  
ASN C   O    doub N N 45  
ASN C   OXT  sing N N 46  
ASN CB  CG   sing N N 47  
ASN CB  HB2  sing N N 48  
ASN CB  HB3  sing N N 49  
ASN CG  OD1  doub N N 50  
ASN CG  ND2  sing N N 51  
ASN ND2 HD21 sing N N 52  
ASN ND2 HD22 sing N N 53  
ASN OXT HXT  sing N N 54  
ASP N   CA   sing N N 55  
ASP N   H    sing N N 56  
ASP N   H2   sing N N 57  
ASP CA  C    sing N N 58  
ASP CA  CB   sing N N 59  
ASP CA  HA   sing N N 60  
ASP C   O    doub N N 61  
ASP C   OXT  sing N N 62  
ASP CB  CG   sing N N 63  
ASP CB  HB2  sing N N 64  
ASP CB  HB3  sing N N 65  
ASP CG  OD1  doub N N 66  
ASP CG  OD2  sing N N 67  
ASP OD2 HD2  sing N N 68  
ASP OXT HXT  sing N N 69  
CYS N   CA   sing N N 70  
CYS N   H    sing N N 71  
CYS N   H2   sing N N 72  
CYS CA  C    sing N N 73  
CYS CA  CB   sing N N 74  
CYS CA  HA   sing N N 75  
CYS C   O    doub N N 76  
CYS C   OXT  sing N N 77  
CYS CB  SG   sing N N 78  
CYS CB  HB2  sing N N 79  
CYS CB  HB3  sing N N 80  
CYS SG  HG   sing N N 81  
CYS OXT HXT  sing N N 82  
GLN N   CA   sing N N 83  
GLN N   H    sing N N 84  
GLN N   H2   sing N N 85  
GLN CA  C    sing N N 86  
GLN CA  CB   sing N N 87  
GLN CA  HA   sing N N 88  
GLN C   O    doub N N 89  
GLN C   OXT  sing N N 90  
GLN CB  CG   sing N N 91  
GLN CB  HB2  sing N N 92  
GLN CB  HB3  sing N N 93  
GLN CG  CD   sing N N 94  
GLN CG  HG2  sing N N 95  
GLN CG  HG3  sing N N 96  
GLN CD  OE1  doub N N 97  
GLN CD  NE2  sing N N 98  
GLN NE2 HE21 sing N N 99  
GLN NE2 HE22 sing N N 100 
GLN OXT HXT  sing N N 101 
GLU N   CA   sing N N 102 
GLU N   H    sing N N 103 
GLU N   H2   sing N N 104 
GLU CA  C    sing N N 105 
GLU CA  CB   sing N N 106 
GLU CA  HA   sing N N 107 
GLU C   O    doub N N 108 
GLU C   OXT  sing N N 109 
GLU CB  CG   sing N N 110 
GLU CB  HB2  sing N N 111 
GLU CB  HB3  sing N N 112 
GLU CG  CD   sing N N 113 
GLU CG  HG2  sing N N 114 
GLU CG  HG3  sing N N 115 
GLU CD  OE1  doub N N 116 
GLU CD  OE2  sing N N 117 
GLU OE2 HE2  sing N N 118 
GLU OXT HXT  sing N N 119 
GLY N   CA   sing N N 120 
GLY N   H    sing N N 121 
GLY N   H2   sing N N 122 
GLY CA  C    sing N N 123 
GLY CA  HA2  sing N N 124 
GLY CA  HA3  sing N N 125 
GLY C   O    doub N N 126 
GLY C   OXT  sing N N 127 
GLY OXT HXT  sing N N 128 
GOL C1  O1   sing N N 129 
GOL C1  C2   sing N N 130 
GOL C1  H11  sing N N 131 
GOL C1  H12  sing N N 132 
GOL O1  HO1  sing N N 133 
GOL C2  O2   sing N N 134 
GOL C2  C3   sing N N 135 
GOL C2  H2   sing N N 136 
GOL O2  HO2  sing N N 137 
GOL C3  O3   sing N N 138 
GOL C3  H31  sing N N 139 
GOL C3  H32  sing N N 140 
GOL O3  HO3  sing N N 141 
HIS N   CA   sing N N 142 
HIS N   H    sing N N 143 
HIS N   H2   sing N N 144 
HIS CA  C    sing N N 145 
HIS CA  CB   sing N N 146 
HIS CA  HA   sing N N 147 
HIS C   O    doub N N 148 
HIS C   OXT  sing N N 149 
HIS CB  CG   sing N N 150 
HIS CB  HB2  sing N N 151 
HIS CB  HB3  sing N N 152 
HIS CG  ND1  sing Y N 153 
HIS CG  CD2  doub Y N 154 
HIS ND1 CE1  doub Y N 155 
HIS ND1 HD1  sing N N 156 
HIS CD2 NE2  sing Y N 157 
HIS CD2 HD2  sing N N 158 
HIS CE1 NE2  sing Y N 159 
HIS CE1 HE1  sing N N 160 
HIS NE2 HE2  sing N N 161 
HIS OXT HXT  sing N N 162 
HOH O   H1   sing N N 163 
HOH O   H2   sing N N 164 
ILE N   CA   sing N N 165 
ILE N   H    sing N N 166 
ILE N   H2   sing N N 167 
ILE CA  C    sing N N 168 
ILE CA  CB   sing N N 169 
ILE CA  HA   sing N N 170 
ILE C   O    doub N N 171 
ILE C   OXT  sing N N 172 
ILE CB  CG1  sing N N 173 
ILE CB  CG2  sing N N 174 
ILE CB  HB   sing N N 175 
ILE CG1 CD1  sing N N 176 
ILE CG1 HG12 sing N N 177 
ILE CG1 HG13 sing N N 178 
ILE CG2 HG21 sing N N 179 
ILE CG2 HG22 sing N N 180 
ILE CG2 HG23 sing N N 181 
ILE CD1 HD11 sing N N 182 
ILE CD1 HD12 sing N N 183 
ILE CD1 HD13 sing N N 184 
ILE OXT HXT  sing N N 185 
LEU N   CA   sing N N 186 
LEU N   H    sing N N 187 
LEU N   H2   sing N N 188 
LEU CA  C    sing N N 189 
LEU CA  CB   sing N N 190 
LEU CA  HA   sing N N 191 
LEU C   O    doub N N 192 
LEU C   OXT  sing N N 193 
LEU CB  CG   sing N N 194 
LEU CB  HB2  sing N N 195 
LEU CB  HB3  sing N N 196 
LEU CG  CD1  sing N N 197 
LEU CG  CD2  sing N N 198 
LEU CG  HG   sing N N 199 
LEU CD1 HD11 sing N N 200 
LEU CD1 HD12 sing N N 201 
LEU CD1 HD13 sing N N 202 
LEU CD2 HD21 sing N N 203 
LEU CD2 HD22 sing N N 204 
LEU CD2 HD23 sing N N 205 
LEU OXT HXT  sing N N 206 
LYS N   CA   sing N N 207 
LYS N   H    sing N N 208 
LYS N   H2   sing N N 209 
LYS CA  C    sing N N 210 
LYS CA  CB   sing N N 211 
LYS CA  HA   sing N N 212 
LYS C   O    doub N N 213 
LYS C   OXT  sing N N 214 
LYS CB  CG   sing N N 215 
LYS CB  HB2  sing N N 216 
LYS CB  HB3  sing N N 217 
LYS CG  CD   sing N N 218 
LYS CG  HG2  sing N N 219 
LYS CG  HG3  sing N N 220 
LYS CD  CE   sing N N 221 
LYS CD  HD2  sing N N 222 
LYS CD  HD3  sing N N 223 
LYS CE  NZ   sing N N 224 
LYS CE  HE2  sing N N 225 
LYS CE  HE3  sing N N 226 
LYS NZ  HZ1  sing N N 227 
LYS NZ  HZ2  sing N N 228 
LYS NZ  HZ3  sing N N 229 
LYS OXT HXT  sing N N 230 
MET N   CA   sing N N 231 
MET N   H    sing N N 232 
MET N   H2   sing N N 233 
MET CA  C    sing N N 234 
MET CA  CB   sing N N 235 
MET CA  HA   sing N N 236 
MET C   O    doub N N 237 
MET C   OXT  sing N N 238 
MET CB  CG   sing N N 239 
MET CB  HB2  sing N N 240 
MET CB  HB3  sing N N 241 
MET CG  SD   sing N N 242 
MET CG  HG2  sing N N 243 
MET CG  HG3  sing N N 244 
MET SD  CE   sing N N 245 
MET CE  HE1  sing N N 246 
MET CE  HE2  sing N N 247 
MET CE  HE3  sing N N 248 
MET OXT HXT  sing N N 249 
PHE N   CA   sing N N 250 
PHE N   H    sing N N 251 
PHE N   H2   sing N N 252 
PHE CA  C    sing N N 253 
PHE CA  CB   sing N N 254 
PHE CA  HA   sing N N 255 
PHE C   O    doub N N 256 
PHE C   OXT  sing N N 257 
PHE CB  CG   sing N N 258 
PHE CB  HB2  sing N N 259 
PHE CB  HB3  sing N N 260 
PHE CG  CD1  doub Y N 261 
PHE CG  CD2  sing Y N 262 
PHE CD1 CE1  sing Y N 263 
PHE CD1 HD1  sing N N 264 
PHE CD2 CE2  doub Y N 265 
PHE CD2 HD2  sing N N 266 
PHE CE1 CZ   doub Y N 267 
PHE CE1 HE1  sing N N 268 
PHE CE2 CZ   sing Y N 269 
PHE CE2 HE2  sing N N 270 
PHE CZ  HZ   sing N N 271 
PHE OXT HXT  sing N N 272 
PRO N   CA   sing N N 273 
PRO N   CD   sing N N 274 
PRO N   H    sing N N 275 
PRO CA  C    sing N N 276 
PRO CA  CB   sing N N 277 
PRO CA  HA   sing N N 278 
PRO C   O    doub N N 279 
PRO C   OXT  sing N N 280 
PRO CB  CG   sing N N 281 
PRO CB  HB2  sing N N 282 
PRO CB  HB3  sing N N 283 
PRO CG  CD   sing N N 284 
PRO CG  HG2  sing N N 285 
PRO CG  HG3  sing N N 286 
PRO CD  HD2  sing N N 287 
PRO CD  HD3  sing N N 288 
PRO OXT HXT  sing N N 289 
SER N   CA   sing N N 290 
SER N   H    sing N N 291 
SER N   H2   sing N N 292 
SER CA  C    sing N N 293 
SER CA  CB   sing N N 294 
SER CA  HA   sing N N 295 
SER C   O    doub N N 296 
SER C   OXT  sing N N 297 
SER CB  OG   sing N N 298 
SER CB  HB2  sing N N 299 
SER CB  HB3  sing N N 300 
SER OG  HG   sing N N 301 
SER OXT HXT  sing N N 302 
THR N   CA   sing N N 303 
THR N   H    sing N N 304 
THR N   H2   sing N N 305 
THR CA  C    sing N N 306 
THR CA  CB   sing N N 307 
THR CA  HA   sing N N 308 
THR C   O    doub N N 309 
THR C   OXT  sing N N 310 
THR CB  OG1  sing N N 311 
THR CB  CG2  sing N N 312 
THR CB  HB   sing N N 313 
THR OG1 HG1  sing N N 314 
THR CG2 HG21 sing N N 315 
THR CG2 HG22 sing N N 316 
THR CG2 HG23 sing N N 317 
THR OXT HXT  sing N N 318 
TRP N   CA   sing N N 319 
TRP N   H    sing N N 320 
TRP N   H2   sing N N 321 
TRP CA  C    sing N N 322 
TRP CA  CB   sing N N 323 
TRP CA  HA   sing N N 324 
TRP C   O    doub N N 325 
TRP C   OXT  sing N N 326 
TRP CB  CG   sing N N 327 
TRP CB  HB2  sing N N 328 
TRP CB  HB3  sing N N 329 
TRP CG  CD1  doub Y N 330 
TRP CG  CD2  sing Y N 331 
TRP CD1 NE1  sing Y N 332 
TRP CD1 HD1  sing N N 333 
TRP CD2 CE2  doub Y N 334 
TRP CD2 CE3  sing Y N 335 
TRP NE1 CE2  sing Y N 336 
TRP NE1 HE1  sing N N 337 
TRP CE2 CZ2  sing Y N 338 
TRP CE3 CZ3  doub Y N 339 
TRP CE3 HE3  sing N N 340 
TRP CZ2 CH2  doub Y N 341 
TRP CZ2 HZ2  sing N N 342 
TRP CZ3 CH2  sing Y N 343 
TRP CZ3 HZ3  sing N N 344 
TRP CH2 HH2  sing N N 345 
TRP OXT HXT  sing N N 346 
TYR N   CA   sing N N 347 
TYR N   H    sing N N 348 
TYR N   H2   sing N N 349 
TYR CA  C    sing N N 350 
TYR CA  CB   sing N N 351 
TYR CA  HA   sing N N 352 
TYR C   O    doub N N 353 
TYR C   OXT  sing N N 354 
TYR CB  CG   sing N N 355 
TYR CB  HB2  sing N N 356 
TYR CB  HB3  sing N N 357 
TYR CG  CD1  doub Y N 358 
TYR CG  CD2  sing Y N 359 
TYR CD1 CE1  sing Y N 360 
TYR CD1 HD1  sing N N 361 
TYR CD2 CE2  doub Y N 362 
TYR CD2 HD2  sing N N 363 
TYR CE1 CZ   doub Y N 364 
TYR CE1 HE1  sing N N 365 
TYR CE2 CZ   sing Y N 366 
TYR CE2 HE2  sing N N 367 
TYR CZ  OH   sing N N 368 
TYR OH  HH   sing N N 369 
TYR OXT HXT  sing N N 370 
VAL N   CA   sing N N 371 
VAL N   H    sing N N 372 
VAL N   H2   sing N N 373 
VAL CA  C    sing N N 374 
VAL CA  CB   sing N N 375 
VAL CA  HA   sing N N 376 
VAL C   O    doub N N 377 
VAL C   OXT  sing N N 378 
VAL CB  CG1  sing N N 379 
VAL CB  CG2  sing N N 380 
VAL CB  HB   sing N N 381 
VAL CG1 HG11 sing N N 382 
VAL CG1 HG12 sing N N 383 
VAL CG1 HG13 sing N N 384 
VAL CG2 HG21 sing N N 385 
VAL CG2 HG22 sing N N 386 
VAL CG2 HG23 sing N N 387 
VAL OXT HXT  sing N N 388 
# 
_atom_sites.entry_id                    1R75 
_atom_sites.fract_transf_matrix[1][1]   0.00964617 
_atom_sites.fract_transf_matrix[1][2]   0.01440719 
_atom_sites.fract_transf_matrix[1][3]   -0.00069006 
_atom_sites.fract_transf_matrix[2][1]   -0.01387513 
_atom_sites.fract_transf_matrix[2][2]   0.00904191 
_atom_sites.fract_transf_matrix[2][3]   -0.00517845 
_atom_sites.fract_transf_matrix[3][1]   -0.00268573 
_atom_sites.fract_transf_matrix[3][2]   0.00233844 
_atom_sites.fract_transf_matrix[3][3]   0.01127919 
_atom_sites.fract_transf_vector[1]      0.076473 
_atom_sites.fract_transf_vector[2]      0.409981 
_atom_sites.fract_transf_vector[3]      0.033455 
# 
loop_
_atom_type.symbol 
C 
N 
O 
S 
# 
loop_
_atom_site.group_PDB 
_atom_site.id 
_atom_site.type_symbol 
_atom_site.label_atom_id 
_atom_site.label_alt_id 
_atom_site.label_comp_id 
_atom_site.label_asym_id 
_atom_site.label_entity_id 
_atom_site.label_seq_id 
_atom_site.pdbx_PDB_ins_code 
_atom_site.Cartn_x 
_atom_site.Cartn_y 
_atom_site.Cartn_z 
_atom_site.occupancy 
_atom_site.B_iso_or_equiv 
_atom_site.pdbx_formal_charge 
_atom_site.auth_seq_id 
_atom_site.auth_comp_id 
_atom_site.auth_asym_id 
_atom_site.auth_atom_id 
_atom_site.pdbx_PDB_model_num 
ATOM   1    N N   . VAL A 1 20  ? 4.656   -14.124 0.795   1.00 64.14 ? 12  VAL A N   1 
ATOM   2    C CA  . VAL A 1 20  ? 4.908   -15.579 1.143   1.00 64.29 ? 12  VAL A CA  1 
ATOM   3    C C   . VAL A 1 20  ? 5.430   -15.700 2.581   1.00 63.46 ? 12  VAL A C   1 
ATOM   4    O O   . VAL A 1 20  ? 4.653   -15.977 3.513   1.00 63.68 ? 12  VAL A O   1 
ATOM   5    C CB  . VAL A 1 20  ? 5.889   -16.275 0.127   1.00 64.51 ? 12  VAL A CB  1 
ATOM   6    C CG1 . VAL A 1 20  ? 6.319   -17.695 0.592   1.00 64.83 ? 12  VAL A CG1 1 
ATOM   7    C CG2 . VAL A 1 20  ? 5.260   -16.355 -1.242  1.00 65.43 ? 12  VAL A CG2 1 
ATOM   8    N N   . THR A 1 21  ? 6.725   -15.460 2.782   1.00 61.60 ? 13  THR A N   1 
ATOM   9    C CA  . THR A 1 21  ? 7.264   -15.516 4.136   1.00 60.66 ? 13  THR A CA  1 
ATOM   10   C C   . THR A 1 21  ? 7.657   -14.131 4.630   1.00 58.82 ? 13  THR A C   1 
ATOM   11   O O   . THR A 1 21  ? 8.430   -13.415 3.987   1.00 58.55 ? 13  THR A O   1 
ATOM   12   C CB  . THR A 1 21  ? 8.440   -16.515 4.243   1.00 61.33 ? 13  THR A CB  1 
ATOM   13   O OG1 . THR A 1 21  ? 7.997   -17.832 3.862   1.00 62.82 ? 13  THR A OG1 1 
ATOM   14   C CG2 . THR A 1 21  ? 8.886   -16.685 5.721   1.00 61.15 ? 13  THR A CG2 1 
ATOM   15   N N   . PHE A 1 22  ? 7.104   -13.775 5.785   1.00 56.17 ? 14  PHE A N   1 
ATOM   16   C CA  . PHE A 1 22  ? 7.416   -12.521 6.433   1.00 54.43 ? 14  PHE A CA  1 
ATOM   17   C C   . PHE A 1 22  ? 8.533   -12.730 7.440   1.00 54.10 ? 14  PHE A C   1 
ATOM   18   O O   . PHE A 1 22  ? 8.492   -13.677 8.232   1.00 54.76 ? 14  PHE A O   1 
ATOM   19   C CB  . PHE A 1 22  ? 6.163   -11.956 7.112   1.00 53.73 ? 14  PHE A CB  1 
ATOM   20   C CG  . PHE A 1 22  ? 4.993   -11.808 6.180   1.00 48.69 ? 14  PHE A CG  1 
ATOM   21   C CD1 . PHE A 1 22  ? 5.114   -11.049 5.024   1.00 46.17 ? 14  PHE A CD1 1 
ATOM   22   C CD2 . PHE A 1 22  ? 3.774   -12.410 6.465   1.00 45.91 ? 14  PHE A CD2 1 
ATOM   23   C CE1 . PHE A 1 22  ? 4.034   -10.896 4.145   1.00 43.77 ? 14  PHE A CE1 1 
ATOM   24   C CE2 . PHE A 1 22  ? 2.710   -12.291 5.601   1.00 46.60 ? 14  PHE A CE2 1 
ATOM   25   C CZ  . PHE A 1 22  ? 2.837   -11.501 4.430   1.00 46.60 ? 14  PHE A CZ  1 
ATOM   26   N N   . LYS A 1 23  ? 9.537   -11.862 7.393   1.00 53.04 ? 15  LYS A N   1 
ATOM   27   C CA  . LYS A 1 23  ? 10.659  -11.912 8.325   1.00 52.08 ? 15  LYS A CA  1 
ATOM   28   C C   . LYS A 1 23  ? 10.367  -11.243 9.671   1.00 50.91 ? 15  LYS A C   1 
ATOM   29   O O   . LYS A 1 23  ? 10.722  -11.787 10.722  1.00 51.53 ? 15  LYS A O   1 
ATOM   30   C CB  . LYS A 1 23  ? 11.921  -11.293 7.698   1.00 52.51 ? 15  LYS A CB  1 
ATOM   31   C CG  . LYS A 1 23  ? 12.286  -11.857 6.308   1.00 55.23 ? 15  LYS A CG  1 
ATOM   32   C CD  . LYS A 1 23  ? 13.820  -11.854 5.976   1.00 57.59 ? 15  LYS A CD  1 
ATOM   33   C CE  . LYS A 1 23  ? 14.187  -13.068 5.050   1.00 58.68 ? 15  LYS A CE  1 
ATOM   34   N NZ  . LYS A 1 23  ? 15.444  -12.881 4.272   1.00 59.92 ? 15  LYS A NZ  1 
ATOM   35   N N   . ASN A 1 24  ? 9.723   -10.078 9.669   1.00 47.69 ? 16  ASN A N   1 
ATOM   36   C CA  . ASN A 1 24  ? 9.694   -9.249  10.867  1.00 46.10 ? 16  ASN A CA  1 
ATOM   37   C C   . ASN A 1 24  ? 8.355   -8.977  11.553  1.00 44.54 ? 16  ASN A C   1 
ATOM   38   O O   . ASN A 1 24  ? 8.284   -8.268  12.561  1.00 45.86 ? 16  ASN A O   1 
ATOM   39   C CB  . ASN A 1 24  ? 10.344  -7.921  10.499  1.00 45.82 ? 16  ASN A CB  1 
ATOM   40   C CG  . ASN A 1 24  ? 11.723  -8.123  10.004  1.00 47.88 ? 16  ASN A CG  1 
ATOM   41   O OD1 . ASN A 1 24  ? 12.459  -8.937  10.587  1.00 52.71 ? 16  ASN A OD1 1 
ATOM   42   N ND2 . ASN A 1 24  ? 12.100  -7.448  8.926   1.00 44.54 ? 16  ASN A ND2 1 
ATOM   43   N N   . GLY A 1 25  ? 7.290   -9.513  11.017  1.00 41.83 ? 17  GLY A N   1 
ATOM   44   C CA  . GLY A 1 25  ? 5.992   -9.180  11.526  1.00 40.34 ? 17  GLY A CA  1 
ATOM   45   C C   . GLY A 1 25  ? 4.975   -9.804  10.625  1.00 39.71 ? 17  GLY A C   1 
ATOM   46   O O   . GLY A 1 25  ? 5.312   -10.611 9.807   1.00 38.78 ? 17  GLY A O   1 
ATOM   47   N N   . LYS A 1 26  ? 3.708   -9.450  10.815  1.00 39.75 ? 18  LYS A N   1 
ATOM   48   C CA  . LYS A 1 26  ? 2.672   -9.913  9.919   1.00 39.89 ? 18  LYS A CA  1 
ATOM   49   C C   . LYS A 1 26  ? 1.629   -8.829  9.701   1.00 37.65 ? 18  LYS A C   1 
ATOM   50   O O   . LYS A 1 26  ? 1.380   -8.035  10.571  1.00 34.17 ? 18  LYS A O   1 
ATOM   51   C CB  . LYS A 1 26  ? 1.975   -11.154 10.461  1.00 41.63 ? 18  LYS A CB  1 
ATOM   52   C CG  . LYS A 1 26  ? 1.588   -11.079 11.880  1.00 46.00 ? 18  LYS A CG  1 
ATOM   53   C CD  . LYS A 1 26  ? 0.930   -12.393 12.311  1.00 49.87 ? 18  LYS A CD  1 
ATOM   54   C CE  . LYS A 1 26  ? 0.292   -12.257 13.691  1.00 52.07 ? 18  LYS A CE  1 
ATOM   55   N NZ  . LYS A 1 26  ? -0.869  -13.189 13.836  1.00 54.53 ? 18  LYS A NZ  1 
ATOM   56   N N   . PRO A 1 27  ? 0.976   -8.892  8.548   1.00 37.65 ? 19  PRO A N   1 
ATOM   57   C CA  . PRO A 1 27  ? -0.171  -8.034  8.266   1.00 37.84 ? 19  PRO A CA  1 
ATOM   58   C C   . PRO A 1 27  ? -1.296  -8.243  9.260   1.00 39.05 ? 19  PRO A C   1 
ATOM   59   O O   . PRO A 1 27  ? -1.377  -9.315  9.906   1.00 39.05 ? 19  PRO A O   1 
ATOM   60   C CB  . PRO A 1 27  ? -0.617  -8.491  6.891   1.00 37.78 ? 19  PRO A CB  1 
ATOM   61   C CG  . PRO A 1 27  ? 0.475   -9.221  6.328   1.00 39.16 ? 19  PRO A CG  1 
ATOM   62   C CD  . PRO A 1 27  ? 1.205   -9.870  7.466   1.00 37.45 ? 19  PRO A CD  1 
ATOM   63   N N   . THR A 1 28  ? -2.179  -7.250  9.392   1.00 39.49 ? 20  THR A N   1 
ATOM   64   C CA  . THR A 1 28  ? -3.253  -7.385  10.367  1.00 40.27 ? 20  THR A CA  1 
ATOM   65   C C   . THR A 1 28  ? -4.444  -8.044  9.731   1.00 41.65 ? 20  THR A C   1 
ATOM   66   O O   . THR A 1 28  ? -5.427  -8.347  10.419  1.00 42.29 ? 20  THR A O   1 
ATOM   67   C CB  . THR A 1 28  ? -3.649  -6.043  10.900  1.00 40.72 ? 20  THR A CB  1 
ATOM   68   O OG1 . THR A 1 28  ? -3.888  -5.133  9.804   1.00 41.75 ? 20  THR A OG1 1 
ATOM   69   C CG2 . THR A 1 28  ? -2.486  -5.464  11.682  1.00 41.32 ? 20  THR A CG2 1 
ATOM   70   N N   . VAL A 1 29  ? -4.379  -8.231  8.412   1.00 41.89 ? 21  VAL A N   1 
ATOM   71   C CA  . VAL A 1 29  ? -5.450  -8.883  7.694   1.00 43.43 ? 21  VAL A CA  1 
ATOM   72   C C   . VAL A 1 29  ? -4.882  -9.954  6.779   1.00 45.63 ? 21  VAL A C   1 
ATOM   73   O O   . VAL A 1 29  ? -3.760  -9.853  6.278   1.00 44.84 ? 21  VAL A O   1 
ATOM   74   C CB  . VAL A 1 29  ? -6.248  -7.876  6.855   1.00 42.71 ? 21  VAL A CB  1 
ATOM   75   C CG1 . VAL A 1 29  ? -6.974  -6.906  7.756   1.00 43.90 ? 21  VAL A CG1 1 
ATOM   76   C CG2 . VAL A 1 29  ? -5.355  -7.134  5.841   1.00 41.91 ? 21  VAL A CG2 1 
ATOM   77   N N   . LYS A 1 30  ? -5.683  -10.987 6.562   1.00 48.20 ? 22  LYS A N   1 
ATOM   78   C CA  . LYS A 1 30  ? -5.360  -11.971 5.547   1.00 49.67 ? 22  LYS A CA  1 
ATOM   79   C C   . LYS A 1 30  ? -6.378  -11.704 4.472   1.00 48.96 ? 22  LYS A C   1 
ATOM   80   O O   . LYS A 1 30  ? -7.596  -11.656 4.718   1.00 51.19 ? 22  LYS A O   1 
ATOM   81   C CB  . LYS A 1 30  ? -5.495  -13.437 6.023   1.00 50.03 ? 22  LYS A CB  1 
ATOM   82   C CG  . LYS A 1 30  ? -4.655  -13.839 7.210   1.00 52.50 ? 22  LYS A CG  1 
ATOM   83   C CD  . LYS A 1 30  ? -5.560  -14.336 8.361   1.00 55.80 ? 22  LYS A CD  1 
ATOM   84   C CE  . LYS A 1 30  ? -4.890  -15.389 9.227   1.00 57.01 ? 22  LYS A CE  1 
ATOM   85   N NZ  . LYS A 1 30  ? -5.790  -15.724 10.364  1.00 57.89 ? 22  LYS A NZ  1 
ATOM   86   N N   . GLY A 1 31  ? -5.888  -11.511 3.283   1.00 48.04 ? 23  GLY A N   1 
ATOM   87   C CA  . GLY A 1 31  ? -6.762  -11.432 2.163   1.00 47.00 ? 23  GLY A CA  1 
ATOM   88   C C   . GLY A 1 31  ? -6.755  -12.831 1.622   1.00 46.17 ? 23  GLY A C   1 
ATOM   89   O O   . GLY A 1 31  ? -6.627  -13.808 2.348   1.00 46.69 ? 23  GLY A O   1 
ATOM   90   N N   . THR A 1 32  ? -6.919  -12.921 0.332   1.00 44.24 ? 24  THR A N   1 
ATOM   91   C CA  . THR A 1 32  ? -6.846  -14.197 -0.310  1.00 43.68 ? 24  THR A CA  1 
ATOM   92   C C   . THR A 1 32  ? -5.490  -14.329 -0.996  1.00 42.37 ? 24  THR A C   1 
ATOM   93   O O   . THR A 1 32  ? -4.951  -15.445 -1.054  1.00 42.73 ? 24  THR A O   1 
ATOM   94   C CB  . THR A 1 32  ? -8.071  -14.345 -1.215  1.00 44.21 ? 24  THR A CB  1 
ATOM   95   O OG1 . THR A 1 32  ? -8.249  -13.185 -2.013  1.00 45.07 ? 24  THR A OG1 1 
ATOM   96   C CG2 . THR A 1 32  ? -9.312  -14.306 -0.372  1.00 45.07 ? 24  THR A CG2 1 
ATOM   97   N N   . LYS A 1 33  ? -4.871  -13.193 -1.408  1.00 39.04 ? 25  LYS A N   1 
ATOM   98   C CA  . LYS A 1 33  ? -3.579  -13.236 -2.078  1.00 37.45 ? 25  LYS A CA  1 
ATOM   99   C C   . LYS A 1 33  ? -2.682  -12.091 -1.652  1.00 36.42 ? 25  LYS A C   1 
ATOM   100  O O   . LYS A 1 33  ? -3.143  -10.944 -1.451  1.00 32.02 ? 25  LYS A O   1 
ATOM   101  C CB  . LYS A 1 33  ? -3.767  -13.159 -3.586  1.00 38.41 ? 25  LYS A CB  1 
ATOM   102  C CG  . LYS A 1 33  ? -2.667  -13.859 -4.403  1.00 43.87 ? 25  LYS A CG  1 
ATOM   103  C CD  . LYS A 1 33  ? -2.987  -15.323 -4.865  1.00 46.80 ? 25  LYS A CD  1 
ATOM   104  C CE  . LYS A 1 33  ? -1.762  -16.269 -4.754  1.00 50.43 ? 25  LYS A CE  1 
ATOM   105  N NZ  . LYS A 1 33  ? -2.191  -17.725 -4.581  1.00 49.70 ? 25  LYS A NZ  1 
ATOM   106  N N   . THR A 1 34  ? -1.401  -12.423 -1.546  1.00 34.97 ? 26  THR A N   1 
ATOM   107  C CA  . THR A 1 34  ? -0.361  -11.498 -1.164  1.00 35.33 ? 26  THR A CA  1 
ATOM   108  C C   . THR A 1 34  ? 0.649   -11.434 -2.314  1.00 35.22 ? 26  THR A C   1 
ATOM   109  O O   . THR A 1 34  ? 1.021   -12.472 -2.863  1.00 34.47 ? 26  THR A O   1 
ATOM   110  C CB  . THR A 1 34  ? 0.261   -11.988 0.139   1.00 36.59 ? 26  THR A CB  1 
ATOM   111  O OG1 . THR A 1 34  ? -0.739  -11.937 1.191   1.00 36.79 ? 26  THR A OG1 1 
ATOM   112  C CG2 . THR A 1 34  ? 1.359   -11.048 0.632   1.00 36.65 ? 26  THR A CG2 1 
ATOM   113  N N   . TYR A 1 35  ? 1.027   -10.234 -2.733  1.00 32.56 ? 27  TYR A N   1 
ATOM   114  C CA  . TYR A 1 35  ? 1.950   -10.029 -3.859  1.00 31.56 ? 27  TYR A CA  1 
ATOM   115  C C   . TYR A 1 35  ? 3.109   -9.172  -3.388  1.00 32.94 ? 27  TYR A C   1 
ATOM   116  O O   . TYR A 1 35  ? 2.865   -8.036  -2.911  1.00 29.01 ? 27  TYR A O   1 
ATOM   117  C CB  . TYR A 1 35  ? 1.225   -9.295  -4.979  1.00 30.78 ? 27  TYR A CB  1 
ATOM   118  C CG  . TYR A 1 35  ? -0.034  -9.964  -5.509  1.00 33.62 ? 27  TYR A CG  1 
ATOM   119  C CD1 . TYR A 1 35  ? -0.010  -10.761 -6.663  1.00 32.59 ? 27  TYR A CD1 1 
ATOM   120  C CD2 . TYR A 1 35  ? -1.237  -9.783  -4.900  1.00 33.99 ? 27  TYR A CD2 1 
ATOM   121  C CE1 . TYR A 1 35  ? -1.197  -11.338 -7.180  1.00 35.54 ? 27  TYR A CE1 1 
ATOM   122  C CE2 . TYR A 1 35  ? -2.402  -10.350 -5.395  1.00 37.16 ? 27  TYR A CE2 1 
ATOM   123  C CZ  . TYR A 1 35  ? -2.383  -11.118 -6.531  1.00 37.22 ? 27  TYR A CZ  1 
ATOM   124  O OH  . TYR A 1 35  ? -3.580  -11.667 -6.939  1.00 40.00 ? 27  TYR A OH  1 
ATOM   125  N N   . PRO A 1 36  ? 4.351   -9.674  -3.425  1.00 33.14 ? 28  PRO A N   1 
ATOM   126  C CA  . PRO A 1 36  ? 5.488   -8.841  -3.025  1.00 35.46 ? 28  PRO A CA  1 
ATOM   127  C C   . PRO A 1 36  ? 5.756   -7.771  -4.068  1.00 35.46 ? 28  PRO A C   1 
ATOM   128  O O   . PRO A 1 36  ? 5.424   -7.942  -5.269  1.00 35.76 ? 28  PRO A O   1 
ATOM   129  C CB  . PRO A 1 36  ? 6.659   -9.862  -2.901  1.00 36.25 ? 28  PRO A CB  1 
ATOM   130  C CG  . PRO A 1 36  ? 6.307   -10.943 -3.836  1.00 36.47 ? 28  PRO A CG  1 
ATOM   131  C CD  . PRO A 1 36  ? 4.786   -11.033 -3.837  1.00 36.27 ? 28  PRO A CD  1 
ATOM   132  N N   . MET A 1 37  ? 6.301   -6.639  -3.632  1.00 36.81 ? 29  MET A N   1 
ATOM   133  C CA  . MET A 1 37  ? 6.450   -5.483  -4.539  1.00 39.00 ? 29  MET A CA  1 
ATOM   134  C C   . MET A 1 37  ? 7.713   -4.600  -4.594  1.00 40.16 ? 29  MET A C   1 
ATOM   135  O O   . MET A 1 37  ? 7.990   -3.954  -5.667  1.00 45.43 ? 29  MET A O   1 
ATOM   136  C CB  . MET A 1 37  ? 5.335   -4.544  -4.284  1.00 38.01 ? 29  MET A CB  1 
ATOM   137  C CG  . MET A 1 37  ? 4.090   -5.020  -4.849  1.00 39.99 ? 29  MET A CG  1 
ATOM   138  S SD  . MET A 1 37  ? 3.005   -3.719  -4.550  1.00 40.34 ? 29  MET A SD  1 
ATOM   139  C CE  . MET A 1 37  ? 2.539   -3.242  -6.033  1.00 44.58 ? 29  MET A CE  1 
ATOM   140  N N   . PHE A 1 38  ? 8.449   -4.476  -3.526  1.00 39.03 ? 30  PHE A N   1 
ATOM   141  C CA  . PHE A 1 38  ? 9.486   -3.397  -3.493  1.00 37.27 ? 30  PHE A CA  1 
ATOM   142  C C   . PHE A 1 38  ? 10.761  -4.040  -2.908  1.00 37.39 ? 30  PHE A C   1 
ATOM   143  O O   . PHE A 1 38  ? 11.171  -3.842  -1.760  1.00 37.55 ? 30  PHE A O   1 
ATOM   144  C CB  . PHE A 1 38  ? 8.890   -2.205  -2.683  1.00 37.27 ? 30  PHE A CB  1 
ATOM   145  C CG  . PHE A 1 38  ? 9.808   -0.996  -2.502  1.00 35.30 ? 30  PHE A CG  1 
ATOM   146  C CD1 . PHE A 1 38  ? 10.013  -0.088  -3.533  1.00 36.55 ? 30  PHE A CD1 1 
ATOM   147  C CD2 . PHE A 1 38  ? 10.411  -0.750  -1.288  1.00 34.20 ? 30  PHE A CD2 1 
ATOM   148  C CE1 . PHE A 1 38  ? 10.807  1.071   -3.361  1.00 34.77 ? 30  PHE A CE1 1 
ATOM   149  C CE2 . PHE A 1 38  ? 11.251  0.359   -1.124  1.00 39.97 ? 30  PHE A CE2 1 
ATOM   150  C CZ  . PHE A 1 38  ? 11.422  1.288   -2.168  1.00 36.10 ? 30  PHE A CZ  1 
ATOM   151  N N   . SER A 1 39  ? 11.350  -4.903  -3.724  1.00 37.41 ? 31  SER A N   1 
ATOM   152  C CA  . SER A 1 39  ? 12.430  -5.789  -3.315  1.00 38.38 ? 31  SER A CA  1 
ATOM   153  C C   . SER A 1 39  ? 11.930  -6.580  -2.139  1.00 38.53 ? 31  SER A C   1 
ATOM   154  O O   . SER A 1 39  ? 12.635  -6.704  -1.134  1.00 39.85 ? 31  SER A O   1 
ATOM   155  C CB  . SER A 1 39  ? 13.702  -5.002  -2.943  1.00 38.46 ? 31  SER A CB  1 
ATOM   156  O OG  . SER A 1 39  ? 14.876  -5.661  -3.396  1.00 43.77 ? 31  SER A OG  1 
ATOM   157  N N   . ASN A 1 40  ? 10.712  -7.106  -2.234  1.00 38.28 ? 32  ASN A N   1 
ATOM   158  C CA  . ASN A 1 40  ? 10.168  -7.853  -1.091  1.00 38.80 ? 32  ASN A CA  1 
ATOM   159  C C   . ASN A 1 40  ? 10.191  -7.151  0.281   1.00 37.77 ? 32  ASN A C   1 
ATOM   160  O O   . ASN A 1 40  ? 10.416  -7.786  1.324   1.00 39.39 ? 32  ASN A O   1 
ATOM   161  C CB  . ASN A 1 40  ? 10.910  -9.174  -0.984  1.00 40.66 ? 32  ASN A CB  1 
ATOM   162  C CG  . ASN A 1 40  ? 11.110  -9.787  -2.312  1.00 42.21 ? 32  ASN A CG  1 
ATOM   163  O OD1 . ASN A 1 40  ? 10.137  -10.121 -2.995  1.00 45.08 ? 32  ASN A OD1 1 
ATOM   164  N ND2 . ASN A 1 40  ? 12.377  -9.842  -2.763  1.00 49.17 ? 32  ASN A ND2 1 
ATOM   165  N N   . ILE A 1 41  ? 10.017  -5.834  0.298   1.00 35.57 ? 33  ILE A N   1 
ATOM   166  C CA  . ILE A 1 41  ? 9.801   -5.140  1.544   1.00 33.87 ? 33  ILE A CA  1 
ATOM   167  C C   . ILE A 1 41  ? 8.293   -4.840  1.685   1.00 31.69 ? 33  ILE A C   1 
ATOM   168  O O   . ILE A 1 41  ? 7.758   -4.844  2.787   1.00 32.23 ? 33  ILE A O   1 
ATOM   169  C CB  . ILE A 1 41  ? 10.582  -3.816  1.586   1.00 34.13 ? 33  ILE A CB  1 
ATOM   170  C CG1 . ILE A 1 41  ? 12.126  -4.063  1.534   1.00 39.23 ? 33  ILE A CG1 1 
ATOM   171  C CG2 . ILE A 1 41  ? 10.292  -3.097  2.865   1.00 34.26 ? 33  ILE A CG2 1 
ATOM   172  C CD1 . ILE A 1 41  ? 12.938  -3.028  0.800   1.00 39.73 ? 33  ILE A CD1 1 
ATOM   173  N N   . LEU A 1 42  ? 7.662   -4.464  0.577   1.00 28.73 ? 34  LEU A N   1 
ATOM   174  C CA  . LEU A 1 42  ? 6.251   -4.087  0.574   1.00 26.99 ? 34  LEU A CA  1 
ATOM   175  C C   . LEU A 1 42  ? 5.424   -5.160  -0.024  1.00 25.31 ? 34  LEU A C   1 
ATOM   176  O O   . LEU A 1 42  ? 5.674   -5.617  -1.152  1.00 26.41 ? 34  LEU A O   1 
ATOM   177  C CB  . LEU A 1 42  ? 6.034   -2.759  -0.199  1.00 24.39 ? 34  LEU A CB  1 
ATOM   178  C CG  . LEU A 1 42  ? 4.660   -2.109  -0.007  1.00 26.13 ? 34  LEU A CG  1 
ATOM   179  C CD1 . LEU A 1 42  ? 4.407   -1.625  1.342   1.00 26.65 ? 34  LEU A CD1 1 
ATOM   180  C CD2 . LEU A 1 42  ? 4.386   -1.005  -1.051  1.00 28.10 ? 34  LEU A CD2 1 
ATOM   181  N N   . TYR A 1 43  ? 4.352   -5.524  0.663   1.00 24.20 ? 35  TYR A N   1 
ATOM   182  C CA  . TYR A 1 43  ? 3.416   -6.535  0.128   1.00 24.25 ? 35  TYR A CA  1 
ATOM   183  C C   . TYR A 1 43  ? 2.096   -5.901  -0.092  1.00 22.60 ? 35  TYR A C   1 
ATOM   184  O O   . TYR A 1 43  ? 1.628   -5.205  0.820   1.00 21.87 ? 35  TYR A O   1 
ATOM   185  C CB  . TYR A 1 43  ? 3.240   -7.668  1.126   1.00 25.24 ? 35  TYR A CB  1 
ATOM   186  C CG  . TYR A 1 43  ? 4.537   -8.440  1.281   1.00 28.19 ? 35  TYR A CG  1 
ATOM   187  C CD1 . TYR A 1 43  ? 4.794   -9.558  0.490   1.00 32.21 ? 35  TYR A CD1 1 
ATOM   188  C CD2 . TYR A 1 43  ? 5.523   -7.981  2.112   1.00 27.40 ? 35  TYR A CD2 1 
ATOM   189  C CE1 . TYR A 1 43  ? 6.014   -10.262 0.604   1.00 34.37 ? 35  TYR A CE1 1 
ATOM   190  C CE2 . TYR A 1 43  ? 6.725   -8.644  2.229   1.00 35.39 ? 35  TYR A CE2 1 
ATOM   191  C CZ  . TYR A 1 43  ? 6.945   -9.806  1.490   1.00 36.43 ? 35  TYR A CZ  1 
ATOM   192  O OH  . TYR A 1 43  ? 8.167   -10.422 1.559   1.00 39.86 ? 35  TYR A OH  1 
ATOM   193  N N   . ARG A 1 44  ? 1.488   -6.158  -1.238  1.00 20.65 ? 36  ARG A N   1 
ATOM   194  C CA  . ARG A 1 44  ? 0.094   -5.869  -1.498  1.00 20.37 ? 36  ARG A CA  1 
ATOM   195  C C   . ARG A 1 44  ? -0.751  -7.051  -1.090  1.00 21.98 ? 36  ARG A C   1 
ATOM   196  O O   . ARG A 1 44  ? -0.456  -8.162  -1.512  1.00 23.70 ? 36  ARG A O   1 
ATOM   197  C CB  . ARG A 1 44  ? -0.093  -5.544  -2.955  1.00 21.35 ? 36  ARG A CB  1 
ATOM   198  C CG  . ARG A 1 44  ? -1.481  -5.321  -3.400  1.00 22.22 ? 36  ARG A CG  1 
ATOM   199  C CD  . ARG A 1 44  ? -1.531  -4.727  -4.815  1.00 25.77 ? 36  ARG A CD  1 
ATOM   200  N NE  . ARG A 1 44  ? -1.049  -5.677  -5.825  1.00 29.10 ? 36  ARG A NE  1 
ATOM   201  C CZ  . ARG A 1 44  ? -1.776  -6.520  -6.449  1.00 33.86 ? 36  ARG A CZ  1 
ATOM   202  N NH1 . ARG A 1 44  ? -3.078  -6.602  -6.192  1.00 41.11 ? 36  ARG A NH1 1 
ATOM   203  N NH2 . ARG A 1 44  ? -1.192  -7.299  -7.387  1.00 34.15 ? 36  ARG A NH2 1 
ATOM   204  N N   . ILE A 1 45  ? -1.757  -6.828  -0.246  1.00 21.95 ? 37  ILE A N   1 
ATOM   205  C CA  . ILE A 1 45  ? -2.632  -7.902  0.266   1.00 23.63 ? 37  ILE A CA  1 
ATOM   206  C C   . ILE A 1 45  ? -3.952  -7.615  -0.383  1.00 24.33 ? 37  ILE A C   1 
ATOM   207  O O   . ILE A 1 45  ? -4.566  -6.559  -0.109  1.00 24.90 ? 37  ILE A O   1 
ATOM   208  C CB  . ILE A 1 45  ? -2.787  -7.826  1.783   1.00 24.75 ? 37  ILE A CB  1 
ATOM   209  C CG1 . ILE A 1 45  ? -1.386  -7.878  2.424   1.00 29.78 ? 37  ILE A CG1 1 
ATOM   210  C CG2 . ILE A 1 45  ? -3.701  -8.982  2.283   1.00 28.57 ? 37  ILE A CG2 1 
ATOM   211  C CD1 . ILE A 1 45  ? -1.325  -7.107  3.669   1.00 35.10 ? 37  ILE A CD1 1 
ATOM   212  N N   . ALA A 1 46  ? -4.416  -8.498  -1.248  1.00 24.87 ? 38  ALA A N   1 
ATOM   213  C CA  . ALA A 1 46  ? -5.666  -8.307  -1.930  1.00 26.24 ? 38  ALA A CA  1 
ATOM   214  C C   . ALA A 1 46  ? -6.696  -9.233  -1.340  1.00 29.93 ? 38  ALA A C   1 
ATOM   215  O O   . ALA A 1 46  ? -6.388  -10.360 -0.979  1.00 30.81 ? 38  ALA A O   1 
ATOM   216  C CB  . ALA A 1 46  ? -5.495  -8.553  -3.423  1.00 27.33 ? 38  ALA A CB  1 
ATOM   217  N N   . ASP A 1 47  ? -7.900  -8.744  -1.133  1.00 32.27 ? 39  ASP A N   1 
ATOM   218  C CA  . ASP A 1 47  ? -8.956  -9.598  -0.602  1.00 35.28 ? 39  ASP A CA  1 
ATOM   219  C C   . ASP A 1 47  ? -10.116 -9.575  -1.609  1.00 36.15 ? 39  ASP A C   1 
ATOM   220  O O   . ASP A 1 47  ? -10.774 -8.542  -1.799  1.00 33.47 ? 39  ASP A O   1 
ATOM   221  C CB  . ASP A 1 47  ? -9.344  -9.161  0.809   1.00 36.28 ? 39  ASP A CB  1 
ATOM   222  C CG  . ASP A 1 47  ? -10.398 -10.081 1.449   1.00 41.75 ? 39  ASP A CG  1 
ATOM   223  O OD1 . ASP A 1 47  ? -11.366 -10.470 0.731   1.00 48.82 ? 39  ASP A OD1 1 
ATOM   224  O OD2 . ASP A 1 47  ? -10.336 -10.478 2.654   1.00 46.84 ? 39  ASP A OD2 1 
ATOM   225  N N   . THR A 1 48  ? -10.322 -10.697 -2.337  1.00 38.50 ? 40  THR A N   1 
ATOM   226  C CA  . THR A 1 48  ? -11.334 -10.694 -3.391  1.00 40.35 ? 40  THR A CA  1 
ATOM   227  C C   . THR A 1 48  ? -12.770 -10.656 -2.851  1.00 40.68 ? 40  THR A C   1 
ATOM   228  O O   . THR A 1 48  ? -13.628 -10.021 -3.459  1.00 42.54 ? 40  THR A O   1 
ATOM   229  C CB  . THR A 1 48  ? -11.228 -11.916 -4.342  1.00 40.78 ? 40  THR A CB  1 
ATOM   230  O OG1 . THR A 1 48  ? -11.624 -13.069 -3.626  1.00 43.39 ? 40  THR A OG1 1 
ATOM   231  C CG2 . THR A 1 48  ? -9.829  -12.219 -4.767  1.00 42.36 ? 40  THR A CG2 1 
ATOM   232  N N   . GLU A 1 49  ? -13.054 -11.318 -1.737  1.00 41.91 ? 41  GLU A N   1 
ATOM   233  C CA  . GLU A 1 49  ? -14.412 -11.261 -1.118  1.00 41.67 ? 41  GLU A CA  1 
ATOM   234  C C   . GLU A 1 49  ? -14.745 -9.865  -0.626  1.00 40.17 ? 41  GLU A C   1 
ATOM   235  O O   . GLU A 1 49  ? -15.871 -9.356  -0.809  1.00 40.52 ? 41  GLU A O   1 
ATOM   236  C CB  . GLU A 1 49  ? -14.566 -12.311 0.026   1.00 43.63 ? 41  GLU A CB  1 
ATOM   237  C CG  . GLU A 1 49  ? -15.786 -12.164 0.978   1.00 47.26 ? 41  GLU A CG  1 
ATOM   238  C CD  . GLU A 1 49  ? -16.864 -13.282 0.869   1.00 53.51 ? 41  GLU A CD  1 
ATOM   239  O OE1 . GLU A 1 49  ? -17.302 -13.623 -0.264  1.00 55.39 ? 41  GLU A OE1 1 
ATOM   240  O OE2 . GLU A 1 49  ? -17.304 -13.821 1.933   1.00 58.01 ? 41  GLU A OE2 1 
ATOM   241  N N   . ALA A 1 50  ? -13.775 -9.185  -0.041  1.00 36.73 ? 42  ALA A N   1 
ATOM   242  C CA  . ALA A 1 50  ? -14.051 -7.837  0.490   1.00 34.25 ? 42  ALA A CA  1 
ATOM   243  C C   . ALA A 1 50  ? -13.832 -6.722  -0.555  1.00 32.22 ? 42  ALA A C   1 
ATOM   244  O O   . ALA A 1 50  ? -14.162 -5.564  -0.318  1.00 31.36 ? 42  ALA A O   1 
ATOM   245  C CB  . ALA A 1 50  ? -13.126 -7.610  1.688   1.00 34.82 ? 42  ALA A CB  1 
ATOM   246  N N   . ARG A 1 51  ? -13.259 -7.104  -1.699  1.00 29.25 ? 43  ARG A N   1 
ATOM   247  C CA  . ARG A 1 51  ? -12.846 -6.248  -2.810  1.00 28.80 ? 43  ARG A CA  1 
ATOM   248  C C   . ARG A 1 51  ? -11.920 -5.078  -2.331  1.00 25.69 ? 43  ARG A C   1 
ATOM   249  O O   . ARG A 1 51  ? -12.144 -3.922  -2.651  1.00 24.46 ? 43  ARG A O   1 
ATOM   250  C CB  . ARG A 1 51  ? -14.023 -5.756  -3.601  1.00 30.94 ? 43  ARG A CB  1 
ATOM   251  C CG  . ARG A 1 51  ? -14.617 -6.898  -4.484  1.00 38.13 ? 43  ARG A CG  1 
ATOM   252  C CD  . ARG A 1 51  ? -15.913 -6.561  -5.262  1.00 45.45 ? 43  ARG A CD  1 
ATOM   253  N NE  . ARG A 1 51  ? -15.949 -5.256  -5.936  1.00 49.52 ? 43  ARG A NE  1 
ATOM   254  C CZ  . ARG A 1 51  ? -16.819 -4.276  -5.629  1.00 54.32 ? 43  ARG A CZ  1 
ATOM   255  N NH1 . ARG A 1 51  ? -17.688 -4.409  -4.617  1.00 55.72 ? 43  ARG A NH1 1 
ATOM   256  N NH2 . ARG A 1 51  ? -16.809 -3.130  -6.303  1.00 53.35 ? 43  ARG A NH2 1 
ATOM   257  N N   . ARG A 1 52  ? -10.897 -5.460  -1.630  1.00 23.77 ? 44  ARG A N   1 
ATOM   258  C CA  . ARG A 1 52  ? -10.078 -4.536  -0.846  1.00 23.85 ? 44  ARG A CA  1 
ATOM   259  C C   . ARG A 1 52  ? -8.612  -4.827  -1.013  1.00 22.03 ? 44  ARG A C   1 
ATOM   260  O O   . ARG A 1 52  ? -8.169  -5.996  -1.056  1.00 22.59 ? 44  ARG A O   1 
ATOM   261  C CB  . ARG A 1 52  ? -10.463 -4.789  0.570   1.00 24.16 ? 44  ARG A CB  1 
ATOM   262  C CG  . ARG A 1 52  ? -9.923  -3.966  1.596   1.00 28.64 ? 44  ARG A CG  1 
ATOM   263  C CD  . ARG A 1 52  ? -10.784 -4.241  2.920   1.00 27.81 ? 44  ARG A CD  1 
ATOM   264  N NE  . ARG A 1 52  ? -10.457 -5.529  3.557   1.00 28.87 ? 44  ARG A NE  1 
ATOM   265  C CZ  . ARG A 1 52  ? -11.257 -6.182  4.397   1.00 29.59 ? 44  ARG A CZ  1 
ATOM   266  N NH1 . ARG A 1 52  ? -12.479 -5.684  4.754   1.00 24.39 ? 44  ARG A NH1 1 
ATOM   267  N NH2 . ARG A 1 52  ? -10.842 -7.303  4.920   1.00 27.07 ? 44  ARG A NH2 1 
ATOM   268  N N   . TRP A 1 53  ? -7.827  -3.759  -1.035  1.00 19.64 ? 45  TRP A N   1 
ATOM   269  C CA  . TRP A 1 53  ? -6.380  -3.864  -0.993  1.00 18.01 ? 45  TRP A CA  1 
ATOM   270  C C   . TRP A 1 53  ? -5.811  -3.174  0.222   1.00 17.28 ? 45  TRP A C   1 
ATOM   271  O O   . TRP A 1 53  ? -6.313  -2.093  0.624   1.00 18.99 ? 45  TRP A O   1 
ATOM   272  C CB  . TRP A 1 53  ? -5.791  -3.146  -2.148  1.00 21.33 ? 45  TRP A CB  1 
ATOM   273  C CG  . TRP A 1 53  ? -5.920  -3.697  -3.483  1.00 23.90 ? 45  TRP A CG  1 
ATOM   274  C CD1 . TRP A 1 53  ? -6.665  -4.743  -3.926  1.00 27.72 ? 45  TRP A CD1 1 
ATOM   275  C CD2 . TRP A 1 53  ? -5.230  -3.172  -4.633  1.00 27.13 ? 45  TRP A CD2 1 
ATOM   276  N NE1 . TRP A 1 53  ? -6.500  -4.902  -5.305  1.00 28.20 ? 45  TRP A NE1 1 
ATOM   277  C CE2 . TRP A 1 53  ? -5.643  -3.924  -5.760  1.00 26.36 ? 45  TRP A CE2 1 
ATOM   278  C CE3 . TRP A 1 53  ? -4.336  -2.115  -4.821  1.00 26.99 ? 45  TRP A CE3 1 
ATOM   279  C CZ2 . TRP A 1 53  ? -5.135  -3.655  -7.061  1.00 25.72 ? 45  TRP A CZ2 1 
ATOM   280  C CZ3 . TRP A 1 53  ? -3.798  -1.887  -6.130  1.00 29.04 ? 45  TRP A CZ3 1 
ATOM   281  C CH2 . TRP A 1 53  ? -4.233  -2.605  -7.192  1.00 25.46 ? 45  TRP A CH2 1 
ATOM   282  N N   . ALA A 1 54  ? -4.768  -3.760  0.733   1.00 17.30 ? 46  ALA A N   1 
ATOM   283  C CA  . ALA A 1 54  ? -3.954  -3.244  1.773   1.00 18.19 ? 46  ALA A CA  1 
ATOM   284  C C   . ALA A 1 54  ? -2.477  -3.462  1.453   1.00 19.02 ? 46  ALA A C   1 
ATOM   285  O O   . ALA A 1 54  ? -2.148  -4.272  0.606   1.00 20.78 ? 46  ALA A O   1 
ATOM   286  C CB  . ALA A 1 54  ? -4.294  -3.910  3.066   1.00 18.24 ? 46  ALA A CB  1 
ATOM   287  N N   . PHE A 1 55  ? -1.617  -2.681  2.108   1.00 18.07 ? 47  PHE A N   1 
ATOM   288  C CA  . PHE A 1 55  ? -0.165  -2.826  2.027   1.00 19.79 ? 47  PHE A CA  1 
ATOM   289  C C   . PHE A 1 55  ? 0.405   -3.137  3.397   1.00 21.52 ? 47  PHE A C   1 
ATOM   290  O O   . PHE A 1 55  ? -0.030  -2.588  4.440   1.00 21.47 ? 47  PHE A O   1 
ATOM   291  C CB  . PHE A 1 55  ? 0.460   -1.521  1.507   1.00 19.70 ? 47  PHE A CB  1 
ATOM   292  C CG  . PHE A 1 55  ? 0.192   -1.279  0.093   1.00 19.41 ? 47  PHE A CG  1 
ATOM   293  C CD1 . PHE A 1 55  ? 0.739   -2.094  -0.878  1.00 16.46 ? 47  PHE A CD1 1 
ATOM   294  C CD2 . PHE A 1 55  ? -0.614  -0.215  -0.292  1.00 20.68 ? 47  PHE A CD2 1 
ATOM   295  C CE1 . PHE A 1 55  ? 0.487   -1.810  -2.288  1.00 20.38 ? 47  PHE A CE1 1 
ATOM   296  C CE2 . PHE A 1 55  ? -0.850  0.069   -1.635  1.00 20.50 ? 47  PHE A CE2 1 
ATOM   297  C CZ  . PHE A 1 55  ? -0.329  -0.779  -2.636  1.00 19.18 ? 47  PHE A CZ  1 
ATOM   298  N N   . TYR A 1 56  ? 1.371   -4.029  3.402   1.00 20.00 ? 48  TYR A N   1 
ATOM   299  C CA  . TYR A 1 56  ? 2.112   -4.391  4.598   1.00 22.28 ? 48  TYR A CA  1 
ATOM   300  C C   . TYR A 1 56  ? 3.601   -4.128  4.341   1.00 21.44 ? 48  TYR A C   1 
ATOM   301  O O   . TYR A 1 56  ? 4.116   -4.505  3.291   1.00 21.89 ? 48  TYR A O   1 
ATOM   302  C CB  . TYR A 1 56  ? 1.825   -5.867  4.991   1.00 22.63 ? 48  TYR A CB  1 
ATOM   303  C CG  . TYR A 1 56  ? 2.788   -6.377  6.019   1.00 24.30 ? 48  TYR A CG  1 
ATOM   304  C CD1 . TYR A 1 56  ? 2.760   -5.875  7.322   1.00 26.55 ? 48  TYR A CD1 1 
ATOM   305  C CD2 . TYR A 1 56  ? 3.748   -7.312  5.698   1.00 27.26 ? 48  TYR A CD2 1 
ATOM   306  C CE1 . TYR A 1 56  ? 3.696   -6.273  8.264   1.00 24.48 ? 48  TYR A CE1 1 
ATOM   307  C CE2 . TYR A 1 56  ? 4.694   -7.722  6.631   1.00 25.24 ? 48  TYR A CE2 1 
ATOM   308  C CZ  . TYR A 1 56  ? 4.631   -7.233  7.901   1.00 27.99 ? 48  TYR A CZ  1 
ATOM   309  O OH  . TYR A 1 56  ? 5.531   -7.608  8.825   1.00 28.65 ? 48  TYR A OH  1 
ATOM   310  N N   . ASN A 1 57  ? 4.255   -3.454  5.271   1.00 21.07 ? 49  ASN A N   1 
ATOM   311  C CA  . ASN A 1 57  ? 5.658   -3.110  5.198   1.00 23.82 ? 49  ASN A CA  1 
ATOM   312  C C   . ASN A 1 57  ? 6.375   -4.066  6.205   1.00 25.20 ? 49  ASN A C   1 
ATOM   313  O O   . ASN A 1 57  ? 6.167   -3.964  7.420   1.00 24.82 ? 49  ASN A O   1 
ATOM   314  C CB  . ASN A 1 57  ? 5.790   -1.624  5.507   1.00 22.97 ? 49  ASN A CB  1 
ATOM   315  C CG  . ASN A 1 57  ? 7.272   -1.153  5.641   1.00 24.49 ? 49  ASN A CG  1 
ATOM   316  O OD1 . ASN A 1 57  ? 8.239   -1.945  5.572   1.00 23.42 ? 49  ASN A OD1 1 
ATOM   317  N ND2 . ASN A 1 57  ? 7.427   0.128   5.842   1.00 20.36 ? 49  ASN A ND2 1 
ATOM   318  N N   . ASP A 1 58  ? 7.129   -5.044  5.660   1.00 25.79 ? 50  ASP A N   1 
ATOM   319  C CA  . ASP A 1 58  ? 7.904   -6.000  6.466   1.00 29.20 ? 50  ASP A CA  1 
ATOM   320  C C   . ASP A 1 58  ? 9.335   -5.503  6.871   1.00 30.26 ? 50  ASP A C   1 
ATOM   321  O O   . ASP A 1 58  ? 10.131  -6.245  7.429   1.00 33.27 ? 50  ASP A O   1 
ATOM   322  C CB  . ASP A 1 58  ? 7.978   -7.311  5.700   1.00 29.74 ? 50  ASP A CB  1 
ATOM   323  C CG  . ASP A 1 58  ? 8.367   -8.490  6.576   1.00 34.03 ? 50  ASP A CG  1 
ATOM   324  O OD1 . ASP A 1 58  ? 7.872   -8.614  7.727   1.00 35.11 ? 50  ASP A OD1 1 
ATOM   325  O OD2 . ASP A 1 58  ? 9.168   -9.327  6.139   1.00 37.92 ? 50  ASP A OD2 1 
ATOM   326  N N   . SER A 1 59  ? 9.640   -4.248  6.614   1.00 29.80 ? 51  SER A N   1 
ATOM   327  C CA  . SER A 1 59  ? 10.833  -3.648  7.130   1.00 30.55 ? 51  SER A CA  1 
ATOM   328  C C   . SER A 1 59  ? 10.695  -3.204  8.561   1.00 30.43 ? 51  SER A C   1 
ATOM   329  O O   . SER A 1 59  ? 9.685   -2.680  8.954   1.00 29.13 ? 51  SER A O   1 
ATOM   330  C CB  . SER A 1 59  ? 11.217  -2.421  6.306   1.00 31.73 ? 51  SER A CB  1 
ATOM   331  O OG  . SER A 1 59  ? 12.445  -1.951  6.790   1.00 36.79 ? 51  SER A OG  1 
ATOM   332  N N   . LYS A 1 60  ? 11.770  -3.299  9.331   1.00 31.51 ? 52  LYS A N   1 
ATOM   333  C CA  . LYS A 1 60  ? 11.794  -2.707  10.675  1.00 32.15 ? 52  LYS A CA  1 
ATOM   334  C C   . LYS A 1 60  ? 12.170  -1.267  10.627  1.00 31.45 ? 52  LYS A C   1 
ATOM   335  O O   . LYS A 1 60  ? 11.910  -0.553  11.587  1.00 32.54 ? 52  LYS A O   1 
ATOM   336  C CB  . LYS A 1 60  ? 12.840  -3.418  11.601  1.00 32.95 ? 52  LYS A CB  1 
ATOM   337  C CG  . LYS A 1 60  ? 12.590  -4.905  11.774  1.00 37.88 ? 52  LYS A CG  1 
ATOM   338  C CD  . LYS A 1 60  ? 13.636  -5.530  12.775  1.00 43.46 ? 52  LYS A CD  1 
ATOM   339  C CE  . LYS A 1 60  ? 14.377  -6.723  12.196  1.00 46.97 ? 52  LYS A CE  1 
ATOM   340  N NZ  . LYS A 1 60  ? 15.182  -6.450  10.954  1.00 49.88 ? 52  LYS A NZ  1 
ATOM   341  N N   . GLU A 1 61  ? 12.817  -0.846  9.542   1.00 31.27 ? 53  GLU A N   1 
ATOM   342  C CA  . GLU A 1 61  ? 13.539  0.433   9.508   1.00 33.03 ? 53  GLU A CA  1 
ATOM   343  C C   . GLU A 1 61  ? 13.106  1.463   8.497   1.00 31.67 ? 53  GLU A C   1 
ATOM   344  O O   . GLU A 1 61  ? 13.628  2.619   8.550   1.00 32.54 ? 53  GLU A O   1 
ATOM   345  C CB  . GLU A 1 61  ? 15.068  0.219   9.246   1.00 35.81 ? 53  GLU A CB  1 
ATOM   346  C CG  . GLU A 1 61  ? 15.643  -1.201  9.298   1.00 40.25 ? 53  GLU A CG  1 
ATOM   347  C CD  . GLU A 1 61  ? 17.188  -1.211  9.498   1.00 52.51 ? 53  GLU A CD  1 
ATOM   348  O OE1 . GLU A 1 61  ? 17.913  -0.344  8.897   1.00 53.60 ? 53  GLU A OE1 1 
ATOM   349  O OE2 . GLU A 1 61  ? 17.699  -2.085  10.266  1.00 55.94 ? 53  GLU A OE2 1 
ATOM   350  N N   . LEU A 1 62  ? 12.236  1.071   7.553   1.00 28.20 ? 54  LEU A N   1 
ATOM   351  C CA  . LEU A 1 62  ? 11.839  1.967   6.429   1.00 26.09 ? 54  LEU A CA  1 
ATOM   352  C C   . LEU A 1 62  ? 10.391  2.421   6.507   1.00 23.25 ? 54  LEU A C   1 
ATOM   353  O O   . LEU A 1 62  ? 9.578   1.637   6.871   1.00 24.66 ? 54  LEU A O   1 
ATOM   354  C CB  . LEU A 1 62  ? 11.966  1.214   5.096   1.00 26.00 ? 54  LEU A CB  1 
ATOM   355  C CG  . LEU A 1 62  ? 13.369  0.686   4.765   1.00 27.80 ? 54  LEU A CG  1 
ATOM   356  C CD1 . LEU A 1 62  ? 13.381  0.119   3.382   1.00 32.27 ? 54  LEU A CD1 1 
ATOM   357  C CD2 . LEU A 1 62  ? 14.315  1.767   4.828   1.00 33.06 ? 54  LEU A CD2 1 
ATOM   358  N N   . ILE A 1 63  ? 10.118  3.668   6.132   1.00 25.17 ? 55  ILE A N   1 
ATOM   359  C CA  . ILE A 1 63  ? 8.780   4.165   5.806   1.00 24.81 ? 55  ILE A CA  1 
ATOM   360  C C   . ILE A 1 63  ? 8.656   4.205   4.288   1.00 23.19 ? 55  ILE A C   1 
ATOM   361  O O   . ILE A 1 63  ? 9.584   4.672   3.596   1.00 22.26 ? 55  ILE A O   1 
ATOM   362  C CB  . ILE A 1 63  ? 8.457   5.496   6.457   1.00 27.46 ? 55  ILE A CB  1 
ATOM   363  C CG1 . ILE A 1 63  ? 7.075   5.978   6.010   1.00 27.62 ? 55  ILE A CG1 1 
ATOM   364  C CG2 . ILE A 1 63  ? 9.390   6.549   6.136   1.00 30.00 ? 55  ILE A CG2 1 
ATOM   365  C CD1 . ILE A 1 63  ? 6.664   7.243   6.773   1.00 37.05 ? 55  ILE A CD1 1 
ATOM   366  N N   . ILE A 1 64  ? 7.562   3.650   3.787   1.00 22.04 ? 56  ILE A N   1 
ATOM   367  C CA  . ILE A 1 64  ? 7.373   3.447   2.333   1.00 22.31 ? 56  ILE A CA  1 
ATOM   368  C C   . ILE A 1 64  ? 6.240   4.335   1.905   1.00 22.00 ? 56  ILE A C   1 
ATOM   369  O O   . ILE A 1 64  ? 5.221   4.402   2.585   1.00 24.01 ? 56  ILE A O   1 
ATOM   370  C CB  . ILE A 1 64  ? 7.110   2.001   1.987   1.00 22.89 ? 56  ILE A CB  1 
ATOM   371  C CG1 . ILE A 1 64  ? 8.315   1.119   2.426   1.00 28.43 ? 56  ILE A CG1 1 
ATOM   372  C CG2 . ILE A 1 64  ? 6.712   1.846   0.480   1.00 25.18 ? 56  ILE A CG2 1 
ATOM   373  C CD1 . ILE A 1 64  ? 8.065   -0.289  2.355   1.00 33.72 ? 56  ILE A CD1 1 
ATOM   374  N N   . HIS A 1 65  ? 6.436   5.102   0.836   1.00 20.31 ? 57  HIS A N   1 
ATOM   375  C CA  . HIS A 1 65  ? 5.338   5.910   0.294   1.00 21.15 ? 57  HIS A CA  1 
ATOM   376  C C   . HIS A 1 65  ? 4.935   5.290   -1.013  1.00 19.97 ? 57  HIS A C   1 
ATOM   377  O O   . HIS A 1 65  ? 5.785   5.074   -1.860  1.00 20.78 ? 57  HIS A O   1 
ATOM   378  C CB  . HIS A 1 65  ? 5.795   7.348   0.013   1.00 22.57 ? 57  HIS A CB  1 
ATOM   379  C CG  . HIS A 1 65  ? 4.761   8.204   -0.653  1.00 28.32 ? 57  HIS A CG  1 
ATOM   380  N ND1 . HIS A 1 65  ? 4.923   8.721   -1.923  1.00 35.87 ? 57  HIS A ND1 1 
ATOM   381  C CD2 . HIS A 1 65  ? 3.530   8.599   -0.246  1.00 34.67 ? 57  HIS A CD2 1 
ATOM   382  C CE1 . HIS A 1 65  ? 3.837   9.384   -2.267  1.00 34.99 ? 57  HIS A CE1 1 
ATOM   383  N NE2 . HIS A 1 65  ? 2.988   9.346   -1.262  1.00 37.38 ? 57  HIS A NE2 1 
ATOM   384  N N   . VAL A 1 66  ? 3.661   4.968   -1.179  1.00 18.31 ? 58  VAL A N   1 
ATOM   385  C CA  . VAL A 1 66  ? 3.204   4.289   -2.377  1.00 18.85 ? 58  VAL A CA  1 
ATOM   386  C C   . VAL A 1 66  ? 2.062   5.094   -2.979  1.00 21.29 ? 58  VAL A C   1 
ATOM   387  O O   . VAL A 1 66  ? 1.190   5.584   -2.265  1.00 19.51 ? 58  VAL A O   1 
ATOM   388  C CB  . VAL A 1 66  ? 2.865   2.804   -2.149  1.00 21.71 ? 58  VAL A CB  1 
ATOM   389  C CG1 . VAL A 1 66  ? 1.908   2.593   -1.038  1.00 22.17 ? 58  VAL A CG1 1 
ATOM   390  C CG2 . VAL A 1 66  ? 2.349   2.100   -3.478  1.00 20.62 ? 58  VAL A CG2 1 
ATOM   391  N N   . ALA A 1 67  ? 2.136   5.347   -4.272  1.00 19.83 ? 59  ALA A N   1 
ATOM   392  C CA  . ALA A 1 67  ? 1.021   5.907   -4.992  1.00 18.77 ? 59  ALA A CA  1 
ATOM   393  C C   . ALA A 1 67  ? 0.737   5.102   -6.242  1.00 18.19 ? 59  ALA A C   1 
ATOM   394  O O   . ALA A 1 67  ? 1.659   4.741   -6.992  1.00 19.38 ? 59  ALA A O   1 
ATOM   395  C CB  . ALA A 1 67  ? 1.273   7.357   -5.415  1.00 20.73 ? 59  ALA A CB  1 
ATOM   396  N N   . VAL A 1 68  ? -0.557  4.892   -6.494  1.00 16.18 ? 60  VAL A N   1 
ATOM   397  C CA  . VAL A 1 68  ? -1.030  4.065   -7.545  1.00 16.89 ? 60  VAL A CA  1 
ATOM   398  C C   . VAL A 1 68  ? -2.039  4.879   -8.346  1.00 16.78 ? 60  VAL A C   1 
ATOM   399  O O   . VAL A 1 68  ? -2.876  5.567   -7.795  1.00 16.54 ? 60  VAL A O   1 
ATOM   400  C CB  . VAL A 1 68  ? -1.698  2.811   -7.010  1.00 16.51 ? 60  VAL A CB  1 
ATOM   401  C CG1 . VAL A 1 68  ? -2.325  2.010   -8.138  1.00 18.10 ? 60  VAL A CG1 1 
ATOM   402  C CG2 . VAL A 1 68  ? -0.717  1.922   -6.173  1.00 18.89 ? 60  VAL A CG2 1 
ATOM   403  N N   . LEU A 1 69  ? -1.946  4.785   -9.645  1.00 17.55 ? 61  LEU A N   1 
ATOM   404  C CA  . LEU A 1 69  ? -2.843  5.446   -10.561 1.00 20.52 ? 61  LEU A CA  1 
ATOM   405  C C   . LEU A 1 69  ? -3.763  4.411   -11.153 1.00 20.62 ? 61  LEU A C   1 
ATOM   406  O O   . LEU A 1 69  ? -3.287  3.421   -11.740 1.00 20.19 ? 61  LEU A O   1 
ATOM   407  C CB  . LEU A 1 69  ? -2.057  5.976   -11.727 1.00 22.74 ? 61  LEU A CB  1 
ATOM   408  C CG  . LEU A 1 69  ? -1.272  7.207   -11.652 1.00 31.94 ? 61  LEU A CG  1 
ATOM   409  C CD1 . LEU A 1 69  ? -0.112  7.116   -12.736 1.00 35.91 ? 61  LEU A CD1 1 
ATOM   410  C CD2 . LEU A 1 69  ? -2.262  8.427   -11.865 1.00 32.73 ? 61  LEU A CD2 1 
ATOM   411  N N   . PHE A 1 70  ? -5.056  4.638   -11.021 1.00 19.22 ? 62  PHE A N   1 
ATOM   412  C CA  . PHE A 1 70  ? -6.119  3.771   -11.438 1.00 18.93 ? 62  PHE A CA  1 
ATOM   413  C C   . PHE A 1 70  ? -6.852  4.384   -12.637 1.00 18.08 ? 62  PHE A C   1 
ATOM   414  O O   . PHE A 1 70  ? -6.978  5.641   -12.756 1.00 19.00 ? 62  PHE A O   1 
ATOM   415  C CB  . PHE A 1 70  ? -7.075  3.513   -10.299 1.00 18.42 ? 62  PHE A CB  1 
ATOM   416  C CG  . PHE A 1 70  ? -6.516  2.793   -9.152  1.00 18.58 ? 62  PHE A CG  1 
ATOM   417  C CD1 . PHE A 1 70  ? -6.604  1.386   -9.034  1.00 17.46 ? 62  PHE A CD1 1 
ATOM   418  C CD2 . PHE A 1 70  ? -6.054  3.531   -8.032  1.00 17.63 ? 62  PHE A CD2 1 
ATOM   419  C CE1 . PHE A 1 70  ? -6.126  0.743   -7.936  1.00 20.54 ? 62  PHE A CE1 1 
ATOM   420  C CE2 . PHE A 1 70  ? -5.633  2.862   -6.926  1.00 17.15 ? 62  PHE A CE2 1 
ATOM   421  C CZ  . PHE A 1 70  ? -5.670  1.501   -6.855  1.00 17.76 ? 62  PHE A CZ  1 
ATOM   422  N N   . ASP A 1 71  ? -7.136  3.550   -13.611 1.00 18.78 ? 63  ASP A N   1 
ATOM   423  C CA  . ASP A 1 71  ? -7.857  3.963   -14.795 1.00 20.63 ? 63  ASP A CA  1 
ATOM   424  C C   . ASP A 1 71  ? -9.308  4.382   -14.473 1.00 21.87 ? 63  ASP A C   1 
ATOM   425  O O   . ASP A 1 71  ? -9.909  4.001   -13.465 1.00 21.50 ? 63  ASP A O   1 
ATOM   426  C CB  . ASP A 1 71  ? -7.917  2.872   -15.878 1.00 21.64 ? 63  ASP A CB  1 
ATOM   427  C CG  . ASP A 1 71  ? -6.581  2.551   -16.485 1.00 25.44 ? 63  ASP A CG  1 
ATOM   428  O OD1 . ASP A 1 71  ? -5.536  3.289   -16.238 1.00 26.54 ? 63  ASP A OD1 1 
ATOM   429  O OD2 . ASP A 1 71  ? -6.522  1.567   -17.285 1.00 25.24 ? 63  ASP A OD2 1 
ATOM   430  N N   . TYR A 1 72  ? -9.831  5.158   -15.421 1.00 25.49 ? 64  TYR A N   1 
ATOM   431  C CA  . TYR A 1 72  ? -11.024 6.024   -15.301 1.00 28.44 ? 64  TYR A CA  1 
ATOM   432  C C   . TYR A 1 72  ? -12.222 5.150   -15.000 1.00 26.40 ? 64  TYR A C   1 
ATOM   433  O O   . TYR A 1 72  ? -13.149 5.553   -14.325 1.00 27.42 ? 64  TYR A O   1 
ATOM   434  C CB  . TYR A 1 72  ? -11.207 6.799   -16.658 1.00 29.66 ? 64  TYR A CB  1 
ATOM   435  C CG  . TYR A 1 72  ? -11.804 5.896   -17.781 1.00 36.24 ? 64  TYR A CG  1 
ATOM   436  C CD1 . TYR A 1 72  ? -13.168 5.911   -18.084 1.00 42.13 ? 64  TYR A CD1 1 
ATOM   437  C CD2 . TYR A 1 72  ? -10.990 5.002   -18.505 1.00 44.22 ? 64  TYR A CD2 1 
ATOM   438  C CE1 . TYR A 1 72  ? -13.712 5.076   -19.082 1.00 46.06 ? 64  TYR A CE1 1 
ATOM   439  C CE2 . TYR A 1 72  ? -11.532 4.120   -19.482 1.00 45.87 ? 64  TYR A CE2 1 
ATOM   440  C CZ  . TYR A 1 72  ? -12.890 4.179   -19.769 1.00 48.52 ? 64  TYR A CZ  1 
ATOM   441  O OH  . TYR A 1 72  ? -13.441 3.337   -20.729 1.00 55.41 ? 64  TYR A OH  1 
ATOM   442  N N   . ASP A 1 73  ? -12.180 3.891   -15.442 1.00 25.92 ? 65  ASP A N   1 
ATOM   443  C CA  . ASP A 1 73  ? -13.274 2.952   -15.224 1.00 27.18 ? 65  ASP A CA  1 
ATOM   444  C C   . ASP A 1 73  ? -13.270 2.093   -13.965 1.00 24.64 ? 65  ASP A C   1 
ATOM   445  O O   . ASP A 1 73  ? -14.196 1.330   -13.683 1.00 23.80 ? 65  ASP A O   1 
ATOM   446  C CB  . ASP A 1 73  ? -13.541 2.092   -16.484 1.00 28.04 ? 65  ASP A CB  1 
ATOM   447  C CG  . ASP A 1 73  ? -12.345 1.322   -16.920 1.00 33.54 ? 65  ASP A CG  1 
ATOM   448  O OD1 . ASP A 1 73  ? -11.190 1.648   -16.490 1.00 28.96 ? 65  ASP A OD1 1 
ATOM   449  O OD2 . ASP A 1 73  ? -12.505 0.361   -17.699 1.00 34.25 ? 65  ASP A OD2 1 
ATOM   450  N N   . SER A 1 74  ? -12.257 2.282   -13.146 1.00 23.50 ? 66  SER A N   1 
ATOM   451  C CA  . SER A 1 74  ? -12.235 1.807   -11.789 1.00 21.84 ? 66  SER A CA  1 
ATOM   452  C C   . SER A 1 74  ? -13.321 2.499   -10.946 1.00 22.63 ? 66  SER A C   1 
ATOM   453  O O   . SER A 1 74  ? -13.550 3.664   -11.114 1.00 22.70 ? 66  SER A O   1 
ATOM   454  C CB  . SER A 1 74  ? -10.863 2.098   -11.156 1.00 20.82 ? 66  SER A CB  1 
ATOM   455  O OG  . SER A 1 74  ? -9.820  1.302   -11.759 1.00 22.42 ? 66  SER A OG  1 
ATOM   456  N N   . GLN A 1 75  ? -13.921 1.751   -10.037 1.00 21.89 ? 67  GLN A N   1 
ATOM   457  C CA  . GLN A 1 75  ? -14.879 2.287   -9.119  1.00 24.44 ? 67  GLN A CA  1 
ATOM   458  C C   . GLN A 1 75  ? -14.427 1.946   -7.691  1.00 21.81 ? 67  GLN A C   1 
ATOM   459  O O   . GLN A 1 75  ? -14.726 0.886   -7.117  1.00 23.46 ? 67  GLN A O   1 
ATOM   460  C CB  . GLN A 1 75  ? -16.266 1.711   -9.427  1.00 25.09 ? 67  GLN A CB  1 
ATOM   461  C CG  . GLN A 1 75  ? -16.705 1.992   -10.795 1.00 30.43 ? 67  GLN A CG  1 
ATOM   462  C CD  . GLN A 1 75  ? -18.016 1.222   -11.109 1.00 40.84 ? 67  GLN A CD  1 
ATOM   463  O OE1 . GLN A 1 75  ? -18.757 0.788   -10.189 1.00 47.72 ? 67  GLN A OE1 1 
ATOM   464  N NE2 . GLN A 1 75  ? -18.294 1.043   -12.378 1.00 47.09 ? 67  GLN A NE2 1 
ATOM   465  N N   . ILE A 1 76  ? -13.600 2.815   -7.166  1.00 20.26 ? 68  ILE A N   1 
ATOM   466  C CA  . ILE A 1 76  ? -12.957 2.596   -5.885  1.00 21.32 ? 68  ILE A CA  1 
ATOM   467  C C   . ILE A 1 76  ? -13.142 3.770   -4.969  1.00 20.31 ? 68  ILE A C   1 
ATOM   468  O O   . ILE A 1 76  ? -13.254 4.890   -5.417  1.00 20.93 ? 68  ILE A O   1 
ATOM   469  C CB  . ILE A 1 76  ? -11.431 2.289   -6.025  1.00 19.94 ? 68  ILE A CB  1 
ATOM   470  C CG1 . ILE A 1 76  ? -10.765 3.262   -6.953  1.00 24.16 ? 68  ILE A CG1 1 
ATOM   471  C CG2 . ILE A 1 76  ? -11.243 0.890   -6.556  1.00 22.83 ? 68  ILE A CG2 1 
ATOM   472  C CD1 . ILE A 1 76  ? -9.305  3.329   -6.806  1.00 26.68 ? 68  ILE A CD1 1 
ATOM   473  N N   . VAL A 1 77  ? -13.070 3.476   -3.687  1.00 20.96 ? 69  VAL A N   1 
ATOM   474  C CA  . VAL A 1 77  ? -12.925 4.511   -2.696  1.00 20.52 ? 69  VAL A CA  1 
ATOM   475  C C   . VAL A 1 77  ? -11.613 4.302   -1.935  1.00 18.09 ? 69  VAL A C   1 
ATOM   476  O O   . VAL A 1 77  ? -11.253 3.161   -1.647  1.00 17.92 ? 69  VAL A O   1 
ATOM   477  C CB  . VAL A 1 77  ? -14.154 4.577   -1.715  1.00 18.84 ? 69  VAL A CB  1 
ATOM   478  C CG1 . VAL A 1 77  ? -15.311 4.811   -2.509  1.00 22.57 ? 69  VAL A CG1 1 
ATOM   479  C CG2 . VAL A 1 77  ? -14.243 3.404   -0.894  1.00 23.65 ? 69  VAL A CG2 1 
ATOM   480  N N   . PRO A 1 78  ? -10.974 5.368   -1.503  1.00 17.03 ? 70  PRO A N   1 
ATOM   481  C CA  . PRO A 1 78  ? -9.819  5.191   -0.626  1.00 18.00 ? 70  PRO A CA  1 
ATOM   482  C C   . PRO A 1 78  ? -10.238 4.767   0.766   1.00 16.94 ? 70  PRO A C   1 
ATOM   483  O O   . PRO A 1 78  ? -11.295 5.173   1.219   1.00 20.15 ? 70  PRO A O   1 
ATOM   484  C CB  . PRO A 1 78  ? -9.208  6.605   -0.606  1.00 17.21 ? 70  PRO A CB  1 
ATOM   485  C CG  . PRO A 1 78  ? -10.422 7.540   -0.691  1.00 19.92 ? 70  PRO A CG  1 
ATOM   486  C CD  . PRO A 1 78  ? -11.155 6.828   -1.810  1.00 19.85 ? 70  PRO A CD  1 
ATOM   487  N N   . LEU A 1 79  ? -9.416  3.993   1.433   1.00 16.09 ? 71  LEU A N   1 
ATOM   488  C CA  . LEU A 1 79  ? -9.605  3.534   2.808   1.00 16.03 ? 71  LEU A CA  1 
ATOM   489  C C   . LEU A 1 79  ? -8.684  4.183   3.746   1.00 16.52 ? 71  LEU A C   1 
ATOM   490  O O   . LEU A 1 79  ? -7.537  4.593   3.407   1.00 16.69 ? 71  LEU A O   1 
ATOM   491  C CB  . LEU A 1 79  ? -9.378  2.022   2.881   1.00 15.61 ? 71  LEU A CB  1 
ATOM   492  C CG  . LEU A 1 79  ? -10.392 1.158   2.104   1.00 16.97 ? 71  LEU A CG  1 
ATOM   493  C CD1 . LEU A 1 79  ? -10.149 -0.348  2.393   1.00 20.56 ? 71  LEU A CD1 1 
ATOM   494  C CD2 . LEU A 1 79  ? -11.770 1.572   2.406   1.00 21.70 ? 71  LEU A CD2 1 
ATOM   495  N N   . GLY A 1 80  ? -9.090  4.319   5.006   1.00 15.22 ? 72  GLY A N   1 
ATOM   496  C CA  . GLY A 1 80  ? -8.098  4.606   6.028   1.00 16.94 ? 72  GLY A CA  1 
ATOM   497  C C   . GLY A 1 80  ? -7.488  5.989   5.915   1.00 17.93 ? 72  GLY A C   1 
ATOM   498  O O   . GLY A 1 80  ? -8.214  6.976   5.730   1.00 20.62 ? 72  GLY A O   1 
ATOM   499  N N   . ASP A 1 81  ? -6.165  6.037   5.958   1.00 19.00 ? 73  ASP A N   1 
ATOM   500  C CA  . ASP A 1 81  ? -5.414  7.243   5.807   1.00 19.49 ? 73  ASP A CA  1 
ATOM   501  C C   . ASP A 1 81  ? -5.011  7.474   4.377   1.00 19.66 ? 73  ASP A C   1 
ATOM   502  O O   . ASP A 1 81  ? -4.266  8.402   4.143   1.00 22.76 ? 73  ASP A O   1 
ATOM   503  C CB  . ASP A 1 81  ? -4.163  7.195   6.650   1.00 20.06 ? 73  ASP A CB  1 
ATOM   504  C CG  . ASP A 1 81  ? -4.473  7.191   8.153   1.00 26.62 ? 73  ASP A CG  1 
ATOM   505  O OD1 . ASP A 1 81  ? -5.410  7.879   8.548   1.00 27.30 ? 73  ASP A OD1 1 
ATOM   506  O OD2 . ASP A 1 81  ? -3.818  6.506   8.928   1.00 31.71 ? 73  ASP A OD2 1 
ATOM   507  N N   . THR A 1 82  ? -5.492  6.685   3.407   1.00 19.34 ? 74  THR A N   1 
ATOM   508  C CA  . THR A 1 82  ? -5.145  6.919   1.974   1.00 17.15 ? 74  THR A CA  1 
ATOM   509  C C   . THR A 1 82  ? -5.731  8.247   1.486   1.00 21.02 ? 74  THR A C   1 
ATOM   510  O O   . THR A 1 82  ? -6.863  8.611   1.828   1.00 20.82 ? 74  THR A O   1 
ATOM   511  C CB  . THR A 1 82  ? -5.680  5.768   1.172   1.00 17.59 ? 74  THR A CB  1 
ATOM   512  O OG1 . THR A 1 82  ? -5.083  4.590   1.684   1.00 16.77 ? 74  THR A OG1 1 
ATOM   513  C CG2 . THR A 1 82  ? -5.378  5.873   -0.327  1.00 17.85 ? 74  THR A CG2 1 
ATOM   514  N N   . THR A 1 83  ? -4.966  8.980   0.700   1.00 19.63 ? 75  THR A N   1 
ATOM   515  C CA  . THR A 1 83  ? -5.498  10.202  0.054   1.00 22.71 ? 75  THR A CA  1 
ATOM   516  C C   . THR A 1 83  ? -5.671  9.898   -1.399  1.00 22.81 ? 75  THR A C   1 
ATOM   517  O O   . THR A 1 83  ? -4.867  9.144   -1.996  1.00 23.29 ? 75  THR A O   1 
ATOM   518  C CB  . THR A 1 83  ? -4.556  11.370  0.299   1.00 25.62 ? 75  THR A CB  1 
ATOM   519  O OG1 . THR A 1 83  ? -3.250  10.940  -0.008  1.00 33.45 ? 75  THR A OG1 1 
ATOM   520  C CG2 . THR A 1 83  ? -4.317  11.562  1.738   1.00 24.24 ? 75  THR A CG2 1 
ATOM   521  N N   . ALA A 1 84  ? -6.763  10.397  -1.982  1.00 21.00 ? 76  ALA A N   1 
ATOM   522  C CA  . ALA A 1 84  ? -7.087  10.095  -3.359  1.00 21.25 ? 76  ALA A CA  1 
ATOM   523  C C   . ALA A 1 84  ? -7.470  11.385  -4.057  1.00 22.93 ? 76  ALA A C   1 
ATOM   524  O O   . ALA A 1 84  ? -8.096  12.285  -3.416  1.00 20.68 ? 76  ALA A O   1 
ATOM   525  C CB  . ALA A 1 84  ? -8.194  9.147   -3.403  1.00 22.53 ? 76  ALA A CB  1 
ATOM   526  N N   . PHE A 1 85  ? -7.111  11.499  -5.326  1.00 24.03 ? 77  PHE A N   1 
ATOM   527  C CA  . PHE A 1 85  ? -7.350  12.739  -6.126  1.00 27.44 ? 77  PHE A CA  1 
ATOM   528  C C   . PHE A 1 85  ? -7.781  12.232  -7.512  1.00 28.48 ? 77  PHE A C   1 
ATOM   529  O O   . PHE A 1 85  ? -7.277  11.212  -7.960  1.00 25.76 ? 77  PHE A O   1 
ATOM   530  C CB  . PHE A 1 85  ? -6.050  13.534  -6.376  1.00 29.37 ? 77  PHE A CB  1 
ATOM   531  C CG  . PHE A 1 85  ? -5.294  13.855  -5.178  1.00 34.33 ? 77  PHE A CG  1 
ATOM   532  C CD1 . PHE A 1 85  ? -5.512  15.058  -4.513  1.00 41.14 ? 77  PHE A CD1 1 
ATOM   533  C CD2 . PHE A 1 85  ? -4.372  12.977  -4.677  1.00 37.15 ? 77  PHE A CD2 1 
ATOM   534  C CE1 . PHE A 1 85  ? -4.794  15.372  -3.335  1.00 44.71 ? 77  PHE A CE1 1 
ATOM   535  C CE2 . PHE A 1 85  ? -3.678  13.251  -3.506  1.00 45.14 ? 77  PHE A CE2 1 
ATOM   536  C CZ  . PHE A 1 85  ? -3.880  14.477  -2.830  1.00 46.04 ? 77  PHE A CZ  1 
ATOM   537  N N   . ARG A 1 86  ? -8.637  12.964  -8.208  1.00 29.09 ? 78  ARG A N   1 
ATOM   538  C CA  . ARG A 1 86  ? -8.818  12.794  -9.659  1.00 32.88 ? 78  ARG A CA  1 
ATOM   539  C C   . ARG A 1 86  ? -7.761  13.618  -10.419 1.00 34.75 ? 78  ARG A C   1 
ATOM   540  O O   . ARG A 1 86  ? -7.499  14.780  -10.109 1.00 34.13 ? 78  ARG A O   1 
ATOM   541  C CB  . ARG A 1 86  ? -10.264 13.124  -10.117 1.00 33.52 ? 78  ARG A CB  1 
ATOM   542  C CG  . ARG A 1 86  ? -11.404 12.511  -9.270  1.00 39.51 ? 78  ARG A CG  1 
ATOM   543  C CD  . ARG A 1 86  ? -12.802 13.263  -9.393  1.00 46.36 ? 78  ARG A CD  1 
ATOM   544  N NE  . ARG A 1 86  ? -13.747 12.863  -8.323  1.00 49.35 ? 78  ARG A NE  1 
ATOM   545  C CZ  . ARG A 1 86  ? -14.467 11.747  -8.346  1.00 51.76 ? 78  ARG A CZ  1 
ATOM   546  N NH1 . ARG A 1 86  ? -14.405 10.923  -9.390  1.00 53.24 ? 78  ARG A NH1 1 
ATOM   547  N NH2 . ARG A 1 86  ? -15.265 11.435  -7.334  1.00 51.76 ? 78  ARG A NH2 1 
ATOM   548  N N   . ILE A 1 87  ? -7.170  13.013  -11.442 1.00 36.83 ? 79  ILE A N   1 
ATOM   549  C CA  . ILE A 1 87  ? -5.943  13.443  -12.035 1.00 39.89 ? 79  ILE A CA  1 
ATOM   550  C C   . ILE A 1 87  ? -6.290  13.607  -13.503 1.00 41.38 ? 79  ILE A C   1 
ATOM   551  O O   . ILE A 1 87  ? -6.932  14.607  -13.864 1.00 43.77 ? 79  ILE A O   1 
ATOM   552  C CB  . ILE A 1 87  ? -4.816  12.294  -11.846 1.00 41.20 ? 79  ILE A CB  1 
ATOM   553  C CG1 . ILE A 1 87  ? -3.697  12.683  -10.882 1.00 43.94 ? 79  ILE A CG1 1 
ATOM   554  C CG2 . ILE A 1 87  ? -4.192  11.882  -13.147 1.00 42.82 ? 79  ILE A CG2 1 
ATOM   555  C CD1 . ILE A 1 87  ? -3.876  14.011  -10.227 1.00 45.17 ? 79  ILE A CD1 1 
ATOM   556  N N   . GLY A 1 99  ? -9.350  10.564  -17.664 1.00 39.27 ? 91  GLY A N   1 
ATOM   557  C CA  . GLY A 1 99  ? -8.864  10.962  -16.330 1.00 38.75 ? 91  GLY A CA  1 
ATOM   558  C C   . GLY A 1 99  ? -8.418  9.714   -15.598 1.00 38.38 ? 91  GLY A C   1 
ATOM   559  O O   . GLY A 1 99  ? -8.646  8.599   -16.128 1.00 39.34 ? 91  GLY A O   1 
ATOM   560  N N   . LYS A 1 100 ? -7.730  9.865   -14.452 1.00 34.30 ? 92  LYS A N   1 
ATOM   561  C CA  . LYS A 1 100 ? -7.326  8.725   -13.625 1.00 30.77 ? 92  LYS A CA  1 
ATOM   562  C C   . LYS A 1 100 ? -7.508  9.122   -12.170 1.00 26.72 ? 92  LYS A C   1 
ATOM   563  O O   . LYS A 1 100 ? -7.763  10.294  -11.854 1.00 28.10 ? 92  LYS A O   1 
ATOM   564  C CB  . LYS A 1 100 ? -5.882  8.420   -13.896 1.00 31.65 ? 92  LYS A CB  1 
ATOM   565  C CG  . LYS A 1 100 ? -5.681  8.093   -15.360 1.00 35.11 ? 92  LYS A CG  1 
ATOM   566  C CD  . LYS A 1 100 ? -4.613  7.072   -15.634 1.00 34.77 ? 92  LYS A CD  1 
ATOM   567  C CE  . LYS A 1 100 ? -4.542  6.850   -17.162 1.00 38.73 ? 92  LYS A CE  1 
ATOM   568  N NZ  . LYS A 1 100 ? -5.157  5.506   -17.551 1.00 40.86 ? 92  LYS A NZ  1 
ATOM   569  N N   . TYR A 1 101 ? -7.402  8.148   -11.306 1.00 22.75 ? 93  TYR A N   1 
ATOM   570  C CA  . TYR A 1 101 ? -7.505  8.316   -9.861  1.00 20.20 ? 93  TYR A CA  1 
ATOM   571  C C   . TYR A 1 101 ? -6.138  8.011   -9.290  1.00 22.19 ? 93  TYR A C   1 
ATOM   572  O O   . TYR A 1 101 ? -5.581  6.944   -9.534  1.00 23.07 ? 93  TYR A O   1 
ATOM   573  C CB  . TYR A 1 101 ? -8.497  7.382   -9.300  1.00 21.28 ? 93  TYR A CB  1 
ATOM   574  C CG  . TYR A 1 101 ? -9.832  7.423   -9.975  1.00 24.03 ? 93  TYR A CG  1 
ATOM   575  C CD1 . TYR A 1 101 ? -10.729 8.491   -9.727  1.00 30.38 ? 93  TYR A CD1 1 
ATOM   576  C CD2 . TYR A 1 101 ? -10.223 6.432   -10.838 1.00 25.66 ? 93  TYR A CD2 1 
ATOM   577  C CE1 . TYR A 1 101 ? -11.962 8.554   -10.342 1.00 31.67 ? 93  TYR A CE1 1 
ATOM   578  C CE2 . TYR A 1 101 ? -11.418 6.482   -11.472 1.00 28.29 ? 93  TYR A CE2 1 
ATOM   579  C CZ  . TYR A 1 101 ? -12.305 7.536   -11.230 1.00 34.76 ? 93  TYR A CZ  1 
ATOM   580  O OH  . TYR A 1 101 ? -13.544 7.525   -11.883 1.00 40.21 ? 93  TYR A OH  1 
ATOM   581  N N   . LEU A 1 102 ? -5.580  8.931   -8.559  1.00 20.99 ? 94  LEU A N   1 
ATOM   582  C CA  . LEU A 1 102 ? -4.347  8.723   -7.861  1.00 19.84 ? 94  LEU A CA  1 
ATOM   583  C C   . LEU A 1 102 ? -4.632  8.536   -6.401  1.00 20.47 ? 94  LEU A C   1 
ATOM   584  O O   . LEU A 1 102 ? -5.317  9.378   -5.779  1.00 20.40 ? 94  LEU A O   1 
ATOM   585  C CB  . LEU A 1 102 ? -3.448  9.908   -8.112  1.00 20.82 ? 94  LEU A CB  1 
ATOM   586  C CG  . LEU A 1 102 ? -2.033  9.781   -7.588  1.00 26.57 ? 94  LEU A CG  1 
ATOM   587  C CD1 . LEU A 1 102 ? -1.273  8.763   -8.315  1.00 24.90 ? 94  LEU A CD1 1 
ATOM   588  C CD2 . LEU A 1 102 ? -1.397  11.186  -7.747  1.00 32.89 ? 94  LEU A CD2 1 
ATOM   589  N N   . CYS A 1 103 ? -4.190  7.408   -5.859  1.00 17.99 ? 95  CYS A N   1 
ATOM   590  C CA  . CYS A 1 103 ? -4.294  7.080   -4.445  1.00 18.06 ? 95  CYS A CA  1 
ATOM   591  C C   . CYS A 1 103 ? -2.975  6.789   -3.826  1.00 17.54 ? 95  CYS A C   1 
ATOM   592  O O   . CYS A 1 103 ? -2.112  6.138   -4.415  1.00 19.13 ? 95  CYS A O   1 
ATOM   593  C CB  . CYS A 1 103 ? -5.154  5.866   -4.201  1.00 17.63 ? 95  CYS A CB  1 
ATOM   594  S SG  . CYS A 1 103 ? -6.836  5.933   -4.782  1.00 23.26 ? 95  CYS A SG  1 
ATOM   595  N N   . GLU A 1 104 ? -2.749  7.339   -2.634  1.00 17.39 ? 96  GLU A N   1 
ATOM   596  C CA  . GLU A 1 104 ? -1.433  7.273   -2.061  1.00 18.54 ? 96  GLU A CA  1 
ATOM   597  C C   . GLU A 1 104 ? -1.510  7.142   -0.559  1.00 17.88 ? 96  GLU A C   1 
ATOM   598  O O   . GLU A 1 104 ? -2.457  7.712   0.072   1.00 19.19 ? 96  GLU A O   1 
ATOM   599  C CB  . GLU A 1 104 ? -0.625  8.474   -2.461  1.00 22.55 ? 96  GLU A CB  1 
ATOM   600  C CG  . GLU A 1 104 ? -1.011  9.742   -1.858  1.00 27.87 ? 96  GLU A CG  1 
ATOM   601  C CD  . GLU A 1 104 ? -0.175  10.954  -2.417  1.00 40.00 ? 96  GLU A CD  1 
ATOM   602  O OE1 . GLU A 1 104 ? 1.009   10.798  -2.824  1.00 42.81 ? 96  GLU A OE1 1 
ATOM   603  O OE2 . GLU A 1 104 ? -0.710  12.091  -2.410  1.00 46.72 ? 96  GLU A OE2 1 
ATOM   604  N N   . VAL A 1 105 ? -0.518  6.459   0.025   1.00 19.50 ? 97  VAL A N   1 
ATOM   605  C CA  . VAL A 1 105 ? -0.481  6.250   1.463   1.00 18.08 ? 97  VAL A CA  1 
ATOM   606  C C   . VAL A 1 105 ? 0.997   6.066   1.854   1.00 20.95 ? 97  VAL A C   1 
ATOM   607  O O   . VAL A 1 105 ? 1.833   5.633   1.055   1.00 20.71 ? 97  VAL A O   1 
ATOM   608  C CB  . VAL A 1 105 ? -1.379  5.018   1.911   1.00 19.80 ? 97  VAL A CB  1 
ATOM   609  C CG1 . VAL A 1 105 ? -0.751  3.706   1.503   1.00 20.04 ? 97  VAL A CG1 1 
ATOM   610  C CG2 . VAL A 1 105 ? -1.775  5.109   3.396   1.00 21.16 ? 97  VAL A CG2 1 
ATOM   611  N N   . ASP A 1 106 ? 1.305   6.412   3.089   1.00 22.38 ? 98  ASP A N   1 
ATOM   612  C CA  . ASP A 1 106 ? 2.588   6.006   3.682   1.00 24.86 ? 98  ASP A CA  1 
ATOM   613  C C   . ASP A 1 106 ? 2.440   4.823   4.611   1.00 22.97 ? 98  ASP A C   1 
ATOM   614  O O   . ASP A 1 106 ? 1.500   4.774   5.343   1.00 24.71 ? 98  ASP A O   1 
ATOM   615  C CB  . ASP A 1 106 ? 3.150   7.191   4.464   1.00 26.07 ? 98  ASP A CB  1 
ATOM   616  C CG  . ASP A 1 106 ? 3.391   8.381   3.588   1.00 35.64 ? 98  ASP A CG  1 
ATOM   617  O OD1 . ASP A 1 106 ? 3.892   8.211   2.444   1.00 39.49 ? 98  ASP A OD1 1 
ATOM   618  O OD2 . ASP A 1 106 ? 3.094   9.555   3.940   1.00 47.20 ? 98  ASP A OD2 1 
ATOM   619  N N   . VAL A 1 107 ? 3.397   3.885   4.616   1.00 21.58 ? 99  VAL A N   1 
ATOM   620  C CA  . VAL A 1 107 ? 3.261   2.688   5.351   1.00 20.62 ? 99  VAL A CA  1 
ATOM   621  C C   . VAL A 1 107 ? 4.522   2.570   6.265   1.00 21.18 ? 99  VAL A C   1 
ATOM   622  O O   . VAL A 1 107 ? 5.661   2.423   5.777   1.00 21.61 ? 99  VAL A O   1 
ATOM   623  C CB  . VAL A 1 107 ? 3.210   1.471   4.470   1.00 20.68 ? 99  VAL A CB  1 
ATOM   624  C CG1 . VAL A 1 107 ? 2.855   0.223   5.268   1.00 19.60 ? 99  VAL A CG1 1 
ATOM   625  C CG2 . VAL A 1 107 ? 2.264   1.673   3.317   1.00 20.58 ? 99  VAL A CG2 1 
ATOM   626  N N   . ARG A 1 108 ? 4.295   2.706   7.565   1.00 20.75 ? 100 ARG A N   1 
ATOM   627  C CA  . ARG A 1 108 ? 5.381   2.711   8.528   1.00 23.21 ? 100 ARG A CA  1 
ATOM   628  C C   . ARG A 1 108 ? 5.880   1.298   8.731   1.00 23.37 ? 100 ARG A C   1 
ATOM   629  O O   . ARG A 1 108 ? 5.206   0.291   8.374   1.00 22.88 ? 100 ARG A O   1 
ATOM   630  C CB  . ARG A 1 108 ? 4.930   3.331   9.855   1.00 25.54 ? 100 ARG A CB  1 
ATOM   631  C CG  . ARG A 1 108 ? 4.642   4.808   9.706   1.00 29.32 ? 100 ARG A CG  1 
ATOM   632  C CD  . ARG A 1 108 ? 3.891   5.388   10.887  1.00 37.94 ? 100 ARG A CD  1 
ATOM   633  N NE  . ARG A 1 108 ? 3.040   6.537   10.526  1.00 46.28 ? 100 ARG A NE  1 
ATOM   634  C CZ  . ARG A 1 108 ? 1.966   6.535   9.659   1.00 53.25 ? 100 ARG A CZ  1 
ATOM   635  N NH1 . ARG A 1 108 ? 1.541   5.441   8.990   1.00 54.77 ? 100 ARG A NH1 1 
ATOM   636  N NH2 . ARG A 1 108 ? 1.324   7.685   9.437   1.00 52.68 ? 100 ARG A NH2 1 
ATOM   637  N N   . PRO A 1 109 ? 7.054   1.168   9.340   1.00 23.85 ? 101 PRO A N   1 
ATOM   638  C CA  . PRO A 1 109 ? 7.612   -0.165  9.612   1.00 23.62 ? 101 PRO A CA  1 
ATOM   639  C C   . PRO A 1 109 ? 6.656   -1.135  10.311  1.00 24.36 ? 101 PRO A C   1 
ATOM   640  O O   . PRO A 1 109 ? 6.120   -0.748  11.351  1.00 26.04 ? 101 PRO A O   1 
ATOM   641  C CB  . PRO A 1 109 ? 8.844   0.161   10.503  1.00 25.74 ? 101 PRO A CB  1 
ATOM   642  C CG  . PRO A 1 109 ? 9.229   1.501   10.154  1.00 24.06 ? 101 PRO A CG  1 
ATOM   643  C CD  . PRO A 1 109 ? 7.949   2.236   9.800   1.00 25.64 ? 101 PRO A CD  1 
ATOM   644  N N   . LEU A 1 110 ? 6.510   -2.331  9.768   1.00 23.49 ? 102 LEU A N   1 
ATOM   645  C CA  . LEU A 1 110 ? 5.664   -3.465  10.234  1.00 26.91 ? 102 LEU A CA  1 
ATOM   646  C C   . LEU A 1 110 ? 4.153   -3.179  10.270  1.00 26.69 ? 102 LEU A C   1 
ATOM   647  O O   . LEU A 1 110 ? 3.379   -3.938  10.840  1.00 28.28 ? 102 LEU A O   1 
ATOM   648  C CB  . LEU A 1 110 ? 6.159   -3.981  11.640  1.00 27.80 ? 102 LEU A CB  1 
ATOM   649  C CG  . LEU A 1 110 ? 7.669   -4.250  11.618  1.00 28.92 ? 102 LEU A CG  1 
ATOM   650  C CD1 . LEU A 1 110 ? 8.187   -4.678  13.045  1.00 34.57 ? 102 LEU A CD1 1 
ATOM   651  C CD2 . LEU A 1 110 ? 8.034   -5.238  10.597  1.00 32.95 ? 102 LEU A CD2 1 
ATOM   652  N N   . GLU A 1 111 ? 3.753   -2.058  9.670   1.00 24.80 ? 103 GLU A N   1 
ATOM   653  C CA  . GLU A 1 111 ? 2.405   -1.641  9.646   1.00 25.37 ? 103 GLU A CA  1 
ATOM   654  C C   . GLU A 1 111 ? 1.664   -2.201  8.483   1.00 23.69 ? 103 GLU A C   1 
ATOM   655  O O   . GLU A 1 111 ? 2.226   -2.422  7.431   1.00 22.24 ? 103 GLU A O   1 
ATOM   656  C CB  . GLU A 1 111 ? 2.392   -0.124  9.543   1.00 26.16 ? 103 GLU A CB  1 
ATOM   657  C CG  . GLU A 1 111 ? 1.192   0.614   9.986   1.00 34.34 ? 103 GLU A CG  1 
ATOM   658  C CD  . GLU A 1 111 ? 1.462   2.134   9.980   1.00 39.74 ? 103 GLU A CD  1 
ATOM   659  O OE1 . GLU A 1 111 ? 1.703   2.712   8.865   1.00 29.39 ? 103 GLU A OE1 1 
ATOM   660  O OE2 . GLU A 1 111 ? 1.477   2.746   11.114  1.00 41.03 ? 103 GLU A OE2 1 
ATOM   661  N N   . THR A 1 112 ? 0.364   -2.400  8.669   1.00 23.79 ? 104 THR A N   1 
ATOM   662  C CA  . THR A 1 112 ? -0.604  -2.645  7.585   1.00 23.35 ? 104 THR A CA  1 
ATOM   663  C C   . THR A 1 112 ? -1.455  -1.368  7.353   1.00 23.79 ? 104 THR A C   1 
ATOM   664  O O   . THR A 1 112 ? -1.993  -0.824  8.327   1.00 25.62 ? 104 THR A O   1 
ATOM   665  C CB  . THR A 1 112 ? -1.534  -3.819  7.945   1.00 24.76 ? 104 THR A CB  1 
ATOM   666  O OG1 . THR A 1 112 ? -0.771  -5.019  8.183   1.00 26.45 ? 104 THR A OG1 1 
ATOM   667  C CG2 . THR A 1 112 ? -2.395  -4.292  6.771   1.00 23.59 ? 104 THR A CG2 1 
ATOM   668  N N   . GLN A 1 113 ? -1.501  -0.835  6.133   1.00 20.18 ? 105 GLN A N   1 
ATOM   669  C CA  . GLN A 1 113 ? -2.378  0.254   5.743   1.00 19.89 ? 105 GLN A CA  1 
ATOM   670  C C   . GLN A 1 113 ? -3.439  -0.274  4.782   1.00 19.32 ? 105 GLN A C   1 
ATOM   671  O O   . GLN A 1 113 ? -3.100  -0.722  3.684   1.00 17.32 ? 105 GLN A O   1 
ATOM   672  C CB  . GLN A 1 113 ? -1.555  1.433   5.139   1.00 20.99 ? 105 GLN A CB  1 
ATOM   673  C CG  . GLN A 1 113 ? -0.787  2.166   6.182   1.00 24.33 ? 105 GLN A CG  1 
ATOM   674  C CD  . GLN A 1 113 ? -1.681  3.237   6.881   1.00 32.85 ? 105 GLN A CD  1 
ATOM   675  O OE1 . GLN A 1 113 ? -2.872  3.047   7.054   1.00 38.17 ? 105 GLN A OE1 1 
ATOM   676  N NE2 . GLN A 1 113 ? -1.112  4.352   7.202   1.00 38.04 ? 105 GLN A NE2 1 
ATOM   677  N N   . MET A 1 114 ? -4.736  -0.121  5.126   1.00 18.12 ? 106 MET A N   1 
ATOM   678  C CA  . MET A 1 114 ? -5.831  -0.244  4.142   1.00 17.70 ? 106 MET A CA  1 
ATOM   679  C C   . MET A 1 114 ? -5.641  0.860   3.069   1.00 17.73 ? 106 MET A C   1 
ATOM   680  O O   . MET A 1 114 ? -5.255  1.979   3.359   1.00 17.16 ? 106 MET A O   1 
ATOM   681  C CB  . MET A 1 114 ? -7.190  -0.059  4.862   1.00 17.22 ? 106 MET A CB  1 
ATOM   682  C CG  . MET A 1 114 ? -7.442  -1.153  5.849   1.00 20.80 ? 106 MET A CG  1 
ATOM   683  S SD  . MET A 1 114 ? -7.620  -2.784  4.928   1.00 31.26 ? 106 MET A SD  1 
ATOM   684  C CE  . MET A 1 114 ? -6.659  -3.357  5.962   1.00 27.05 ? 106 MET A CE  1 
ATOM   685  N N   . PHE A 1 115 ? -5.872  0.484   1.823   1.00 15.87 ? 107 PHE A N   1 
ATOM   686  C CA  . PHE A 1 115 ? -5.612  1.321   0.708   1.00 16.14 ? 107 PHE A CA  1 
ATOM   687  C C   . PHE A 1 115 ? -6.848  1.701   -0.053  1.00 14.50 ? 107 PHE A C   1 
ATOM   688  O O   . PHE A 1 115 ? -7.269  2.930   -0.085  1.00 13.96 ? 107 PHE A O   1 
ATOM   689  C CB  . PHE A 1 115 ? -4.569  0.604   -0.136  1.00 16.91 ? 107 PHE A CB  1 
ATOM   690  C CG  . PHE A 1 115 ? -4.009  1.460   -1.248  1.00 14.27 ? 107 PHE A CG  1 
ATOM   691  C CD1 . PHE A 1 115 ? -3.479  2.689   -0.968  1.00 18.60 ? 107 PHE A CD1 1 
ATOM   692  C CD2 . PHE A 1 115 ? -4.000  0.997   -2.608  1.00 14.15 ? 107 PHE A CD2 1 
ATOM   693  C CE1 . PHE A 1 115 ? -2.921  3.481   -1.993  1.00 16.39 ? 107 PHE A CE1 1 
ATOM   694  C CE2 . PHE A 1 115 ? -3.511  1.828   -3.613  1.00 17.04 ? 107 PHE A CE2 1 
ATOM   695  C CZ  . PHE A 1 115 ? -2.944  3.048   -3.282  1.00 15.91 ? 107 PHE A CZ  1 
ATOM   696  N N   . VAL A 1 116 ? -7.476  0.741   -0.783  1.00 15.63 ? 108 VAL A N   1 
ATOM   697  C CA  . VAL A 1 116 ? -8.664  1.033   -1.586  1.00 16.57 ? 108 VAL A CA  1 
ATOM   698  C C   . VAL A 1 116 ? -9.636  -0.111  -1.523  1.00 15.79 ? 108 VAL A C   1 
ATOM   699  O O   . VAL A 1 116 ? -9.319  -1.250  -1.197  1.00 15.59 ? 108 VAL A O   1 
ATOM   700  C CB  . VAL A 1 116 ? -8.352  1.321   -3.092  1.00 17.46 ? 108 VAL A CB  1 
ATOM   701  C CG1 . VAL A 1 116 ? -7.525  2.465   -3.205  1.00 19.07 ? 108 VAL A CG1 1 
ATOM   702  C CG2 . VAL A 1 116 ? -7.686  0.113   -3.752  1.00 23.25 ? 108 VAL A CG2 1 
ATOM   703  N N   . GLU A 1 117 ? -10.854 0.186   -1.817  1.00 17.28 ? 109 GLU A N   1 
ATOM   704  C CA  . GLU A 1 117 ? -11.863 -0.856  -1.889  1.00 19.75 ? 109 GLU A CA  1 
ATOM   705  C C   . GLU A 1 117 ? -12.765 -0.590  -3.066  1.00 19.44 ? 109 GLU A C   1 
ATOM   706  O O   . GLU A 1 117 ? -13.154 0.548   -3.326  1.00 17.05 ? 109 GLU A O   1 
ATOM   707  C CB  . GLU A 1 117 ? -12.659 -0.791  -0.568  1.00 21.95 ? 109 GLU A CB  1 
ATOM   708  C CG  . GLU A 1 117 ? -13.775 -1.783  -0.462  1.00 25.72 ? 109 GLU A CG  1 
ATOM   709  C CD  . GLU A 1 117 ? -14.168 -2.105  1.011   1.00 32.05 ? 109 GLU A CD  1 
ATOM   710  O OE1 . GLU A 1 117 ? -13.261 -2.193  1.881   1.00 29.48 ? 109 GLU A OE1 1 
ATOM   711  O OE2 . GLU A 1 117 ? -15.385 -2.297  1.244   1.00 37.58 ? 109 GLU A OE2 1 
ATOM   712  N N   . GLY A 1 118 ? -13.089 -1.649  -3.801  1.00 21.66 ? 110 GLY A N   1 
ATOM   713  C CA  . GLY A 1 118 ? -14.029 -1.558  -4.892  1.00 22.26 ? 110 GLY A CA  1 
ATOM   714  C C   . GLY A 1 118 ? -13.502 -2.327  -6.106  1.00 22.21 ? 110 GLY A C   1 
ATOM   715  O O   . GLY A 1 118 ? -12.777 -3.262  -5.944  1.00 25.25 ? 110 GLY A O   1 
ATOM   716  N N   . SER A 1 119 ? -13.842 -1.886  -7.292  1.00 22.84 ? 111 SER A N   1 
ATOM   717  C CA  . SER A 1 119 ? -13.518 -2.622  -8.500  1.00 23.81 ? 111 SER A CA  1 
ATOM   718  C C   . SER A 1 119 ? -12.398 -1.969  -9.238  1.00 22.03 ? 111 SER A C   1 
ATOM   719  O O   . SER A 1 119 ? -12.500 -0.865  -9.700  1.00 21.71 ? 111 SER A O   1 
ATOM   720  C CB  . SER A 1 119 ? -14.769 -2.861  -9.345  1.00 27.01 ? 111 SER A CB  1 
ATOM   721  O OG  . SER A 1 119 ? -15.344 -1.644  -9.772  1.00 31.00 ? 111 SER A OG  1 
ATOM   722  N N   . VAL A 1 120 ? -11.303 -2.683  -9.357  1.00 21.30 ? 112 VAL A N   1 
ATOM   723  C CA  . VAL A 1 120 ? -10.088 -2.108  -9.916  1.00 20.10 ? 112 VAL A CA  1 
ATOM   724  C C   . VAL A 1 120 ? -10.044 -2.619  -11.355 1.00 20.98 ? 112 VAL A C   1 
ATOM   725  O O   . VAL A 1 120 ? -10.204 -3.857  -11.540 1.00 20.77 ? 112 VAL A O   1 
ATOM   726  C CB  . VAL A 1 120 ? -8.901  -2.593  -9.151  1.00 20.74 ? 112 VAL A CB  1 
ATOM   727  C CG1 . VAL A 1 120 ? -7.622  -2.088  -9.816  1.00 22.36 ? 112 VAL A CG1 1 
ATOM   728  C CG2 . VAL A 1 120 ? -8.982  -2.091  -7.677  1.00 20.37 ? 112 VAL A CG2 1 
ATOM   729  N N   . THR A 1 121 ? -9.701  -1.745  -12.279 1.00 21.54 ? 113 THR A N   1 
ATOM   730  C CA  . THR A 1 121 ? -9.514  -2.074  -13.696 1.00 21.77 ? 113 THR A CA  1 
ATOM   731  C C   . THR A 1 121 ? -8.019  -1.949  -13.964 1.00 20.88 ? 113 THR A C   1 
ATOM   732  O O   . THR A 1 121 ? -7.248  -2.639  -13.285 1.00 23.01 ? 113 THR A O   1 
ATOM   733  C CB  . THR A 1 121 ? -10.328 -1.220  -14.623 1.00 21.41 ? 113 THR A CB  1 
ATOM   734  O OG1 . THR A 1 121 ? -10.002 0.183   -14.493 1.00 23.30 ? 113 THR A OG1 1 
ATOM   735  C CG2 . THR A 1 121 ? -11.821 -1.394  -14.311 1.00 21.62 ? 113 THR A CG2 1 
ATOM   736  N N   . GLY A 1 122 ? -7.592  -1.110  -14.880 1.00 19.61 ? 114 GLY A N   1 
ATOM   737  C CA  . GLY A 1 122 ? -6.166  -0.872  -15.101 1.00 20.68 ? 114 GLY A CA  1 
ATOM   738  C C   . GLY A 1 122 ? -5.593  -0.087  -13.917 1.00 20.13 ? 114 GLY A C   1 
ATOM   739  O O   . GLY A 1 122 ? -6.265  0.818   -13.373 1.00 21.17 ? 114 GLY A O   1 
ATOM   740  N N   . TRP A 1 123 ? -4.356  -0.393  -13.524 1.00 17.76 ? 115 TRP A N   1 
ATOM   741  C CA  . TRP A 1 123 ? -3.681  0.370   -12.513 1.00 16.97 ? 115 TRP A CA  1 
ATOM   742  C C   . TRP A 1 123 ? -2.218  0.242   -12.769 1.00 17.30 ? 115 TRP A C   1 
ATOM   743  O O   . TRP A 1 123 ? -1.783  -0.743  -13.422 1.00 13.93 ? 115 TRP A O   1 
ATOM   744  C CB  . TRP A 1 123 ? -3.959  -0.173  -11.132 1.00 17.10 ? 115 TRP A CB  1 
ATOM   745  C CG  . TRP A 1 123 ? -3.570  -1.629  -10.876 1.00 16.47 ? 115 TRP A CG  1 
ATOM   746  C CD1 . TRP A 1 123 ? -4.299  -2.724  -11.228 1.00 22.20 ? 115 TRP A CD1 1 
ATOM   747  C CD2 . TRP A 1 123 ? -2.433  -2.112  -10.210 1.00 15.82 ? 115 TRP A CD2 1 
ATOM   748  N NE1 . TRP A 1 123 ? -3.678  -3.869  -10.840 1.00 21.29 ? 115 TRP A NE1 1 
ATOM   749  C CE2 . TRP A 1 123 ? -2.521  -3.530  -10.204 1.00 20.55 ? 115 TRP A CE2 1 
ATOM   750  C CE3 . TRP A 1 123 ? -1.302  -1.527  -9.689  1.00 16.44 ? 115 TRP A CE3 1 
ATOM   751  C CZ2 . TRP A 1 123 ? -1.573  -4.339  -9.640  1.00 24.18 ? 115 TRP A CZ2 1 
ATOM   752  C CZ3 . TRP A 1 123 ? -0.342  -2.357  -9.092  1.00 18.79 ? 115 TRP A CZ3 1 
ATOM   753  C CH2 . TRP A 1 123 ? -0.491  -3.754  -9.064  1.00 16.36 ? 115 TRP A CH2 1 
ATOM   754  N N   . ARG A 1 124 ? -1.460  1.171   -12.248 1.00 17.11 ? 116 ARG A N   1 
ATOM   755  C CA  . ARG A 1 124 ? 0.016   1.126   -12.317 1.00 19.37 ? 116 ARG A CA  1 
ATOM   756  C C   . ARG A 1 124 ? 0.607   1.867   -11.150 1.00 18.60 ? 116 ARG A C   1 
ATOM   757  O O   . ARG A 1 124 ? 0.061   2.844   -10.679 1.00 16.56 ? 116 ARG A O   1 
ATOM   758  C CB  . ARG A 1 124 ? 0.621   1.670   -13.615 1.00 21.04 ? 116 ARG A CB  1 
ATOM   759  C CG  . ARG A 1 124 ? 0.395   3.048   -13.923 1.00 26.92 ? 116 ARG A CG  1 
ATOM   760  C CD  . ARG A 1 124 ? 0.790   3.346   -15.382 1.00 36.93 ? 116 ARG A CD  1 
ATOM   761  N NE  . ARG A 1 124 ? 2.224   3.409   -15.329 1.00 41.41 ? 116 ARG A NE  1 
ATOM   762  C CZ  . ARG A 1 124 ? 2.923   4.560   -15.237 1.00 49.84 ? 116 ARG A CZ  1 
ATOM   763  N NH1 . ARG A 1 124 ? 2.318   5.750   -15.309 1.00 52.20 ? 116 ARG A NH1 1 
ATOM   764  N NH2 . ARG A 1 124 ? 4.237   4.524   -15.092 1.00 49.34 ? 116 ARG A NH2 1 
ATOM   765  N N   . VAL A 1 125 ? 1.741   1.392   -10.687 1.00 17.86 ? 117 VAL A N   1 
ATOM   766  C CA  . VAL A 1 125 ? 2.487   2.171   -9.718  1.00 19.99 ? 117 VAL A CA  1 
ATOM   767  C C   . VAL A 1 125 ? 2.957   3.496   -10.259 1.00 21.87 ? 117 VAL A C   1 
ATOM   768  O O   . VAL A 1 125 ? 3.669   3.575   -11.272 1.00 24.23 ? 117 VAL A O   1 
ATOM   769  C CB  . VAL A 1 125 ? 3.635   1.407   -9.144  1.00 21.74 ? 117 VAL A CB  1 
ATOM   770  C CG1 . VAL A 1 125 ? 4.452   2.367   -8.217  1.00 23.31 ? 117 VAL A CG1 1 
ATOM   771  C CG2 . VAL A 1 125 ? 3.149   0.203   -8.444  1.00 23.02 ? 117 VAL A CG2 1 
ATOM   772  N N   . ASP A 1 126 ? 2.616   4.582   -9.563  1.00 22.35 ? 118 ASP A N   1 
ATOM   773  C CA  . ASP A 1 126 ? 3.026   5.907   -9.934  1.00 25.74 ? 118 ASP A CA  1 
ATOM   774  C C   . ASP A 1 126 ? 4.308   6.298   -9.193  1.00 25.89 ? 118 ASP A C   1 
ATOM   775  O O   . ASP A 1 126 ? 5.278   6.802   -9.815  1.00 25.59 ? 118 ASP A O   1 
ATOM   776  C CB  . ASP A 1 126 ? 1.922   6.873   -9.580  1.00 26.27 ? 118 ASP A CB  1 
ATOM   777  C CG  . ASP A 1 126 ? 2.298   8.300   -9.806  1.00 36.13 ? 118 ASP A CG  1 
ATOM   778  O OD1 . ASP A 1 126 ? 2.519   8.673   -10.981 1.00 44.72 ? 118 ASP A OD1 1 
ATOM   779  O OD2 . ASP A 1 126 ? 2.399   9.121   -8.861  1.00 42.55 ? 118 ASP A OD2 1 
ATOM   780  N N   . THR A 1 127 ? 4.334   6.069   -7.880  1.00 24.35 ? 119 THR A N   1 
ATOM   781  C CA  . THR A 1 127 ? 5.533   6.355   -7.048  1.00 25.91 ? 119 THR A CA  1 
ATOM   782  C C   . THR A 1 127 ? 5.697   5.263   -6.061  1.00 23.13 ? 119 THR A C   1 
ATOM   783  O O   . THR A 1 127 ? 4.701   4.772   -5.482  1.00 20.43 ? 119 THR A O   1 
ATOM   784  C CB  . THR A 1 127 ? 5.281   7.646   -6.186  1.00 26.95 ? 119 THR A CB  1 
ATOM   785  O OG1 . THR A 1 127 ? 5.094   8.767   -7.035  1.00 32.08 ? 119 THR A OG1 1 
ATOM   786  C CG2 . THR A 1 127 ? 6.503   7.988   -5.295  1.00 28.56 ? 119 THR A CG2 1 
ATOM   787  N N   . LEU A 1 128 ? 6.929   4.804   -5.867  1.00 22.58 ? 120 LEU A N   1 
ATOM   788  C CA  . LEU A 1 128 ? 7.205   3.859   -4.844  1.00 23.70 ? 120 LEU A CA  1 
ATOM   789  C C   . LEU A 1 128 ? 8.579   4.285   -4.266  1.00 23.89 ? 120 LEU A C   1 
ATOM   790  O O   . LEU A 1 128 ? 9.582   4.270   -5.012  1.00 23.70 ? 120 LEU A O   1 
ATOM   791  C CB  . LEU A 1 128 ? 7.220   2.517   -5.392  1.00 25.31 ? 120 LEU A CB  1 
ATOM   792  C CG  . LEU A 1 128 ? 7.092   1.352   -4.474  1.00 31.28 ? 120 LEU A CG  1 
ATOM   793  C CD1 . LEU A 1 128 ? 6.208   1.464   -3.269  1.00 35.82 ? 120 LEU A CD1 1 
ATOM   794  C CD2 . LEU A 1 128 ? 6.611   0.125   -5.325  1.00 34.08 ? 120 LEU A CD2 1 
ATOM   795  N N   . GLU A 1 129 ? 8.567   4.809   -3.049  1.00 22.41 ? 121 GLU A N   1 
ATOM   796  C CA  . GLU A 1 129 ? 9.758   5.422   -2.429  1.00 25.32 ? 121 GLU A CA  1 
ATOM   797  C C   . GLU A 1 129 ? 9.905   4.994   -0.985  1.00 24.89 ? 121 GLU A C   1 
ATOM   798  O O   . GLU A 1 129 ? 8.913   4.734   -0.310  1.00 22.93 ? 121 GLU A O   1 
ATOM   799  C CB  . GLU A 1 129 ? 9.608   6.943   -2.418  1.00 27.37 ? 121 GLU A CB  1 
ATOM   800  C CG  . GLU A 1 129 ? 10.909  7.675   -2.233  1.00 38.26 ? 121 GLU A CG  1 
ATOM   801  C CD  . GLU A 1 129 ? 11.269  8.559   -3.438  1.00 50.09 ? 121 GLU A CD  1 
ATOM   802  O OE1 . GLU A 1 129 ? 10.299  9.105   -4.097  1.00 55.73 ? 121 GLU A OE1 1 
ATOM   803  O OE2 . GLU A 1 129 ? 12.516  8.691   -3.729  1.00 55.04 ? 121 GLU A OE2 1 
ATOM   804  N N   . ALA A 1 130 ? 11.128  4.844   -0.495  1.00 22.15 ? 122 ALA A N   1 
ATOM   805  C CA  . ALA A 1 130 ? 11.291  4.522   0.885   1.00 23.11 ? 122 ALA A CA  1 
ATOM   806  C C   . ALA A 1 130 ? 12.367  5.396   1.462   1.00 24.31 ? 122 ALA A C   1 
ATOM   807  O O   . ALA A 1 130 ? 13.300  5.779   0.746   1.00 22.49 ? 122 ALA A O   1 
ATOM   808  C CB  . ALA A 1 130 ? 11.621  3.080   1.070   1.00 22.79 ? 122 ALA A CB  1 
ATOM   809  N N   . ARG A 1 131 ? 12.240  5.638   2.764   1.00 24.89 ? 123 ARG A N   1 
ATOM   810  C CA  . ARG A 1 131 ? 13.281  6.370   3.495   1.00 25.78 ? 123 ARG A CA  1 
ATOM   811  C C   . ARG A 1 131 ? 13.393  5.781   4.866   1.00 25.65 ? 123 ARG A C   1 
ATOM   812  O O   . ARG A 1 131 ? 12.505  5.049   5.287   1.00 24.68 ? 123 ARG A O   1 
ATOM   813  C CB  . ARG A 1 131 ? 12.971  7.857   3.497   1.00 27.90 ? 123 ARG A CB  1 
ATOM   814  C CG  . ARG A 1 131 ? 11.922  8.321   4.469   1.00 34.89 ? 123 ARG A CG  1 
ATOM   815  C CD  . ARG A 1 131 ? 11.432  9.766   4.258   1.00 47.53 ? 123 ARG A CD  1 
ATOM   816  N NE  . ARG A 1 131 ? 12.443  10.799  4.532   1.00 56.34 ? 123 ARG A NE  1 
ATOM   817  C CZ  . ARG A 1 131 ? 12.180  12.083  4.852   1.00 63.35 ? 123 ARG A CZ  1 
ATOM   818  N NH1 . ARG A 1 131 ? 10.922  12.551  4.927   1.00 64.89 ? 123 ARG A NH1 1 
ATOM   819  N NH2 . ARG A 1 131 ? 13.200  12.914  5.097   1.00 66.50 ? 123 ARG A NH2 1 
ATOM   820  N N   . THR A 1 132 ? 14.531  5.987   5.554   1.00 26.73 ? 124 THR A N   1 
ATOM   821  C CA  . THR A 1 132 ? 14.643  5.426   6.904   1.00 28.05 ? 124 THR A CA  1 
ATOM   822  C C   . THR A 1 132 ? 13.578  6.076   7.740   1.00 27.79 ? 124 THR A C   1 
ATOM   823  O O   . THR A 1 132 ? 13.248  7.278   7.571   1.00 29.53 ? 124 THR A O   1 
ATOM   824  C CB  . THR A 1 132 ? 16.079  5.752   7.540   1.00 28.54 ? 124 THR A CB  1 
ATOM   825  O OG1 . THR A 1 132 ? 16.279  7.148   7.382   1.00 37.78 ? 124 THR A OG1 1 
ATOM   826  C CG2 . THR A 1 132 ? 17.072  5.266   6.759   1.00 27.75 ? 124 THR A CG2 1 
ATOM   827  N N   . ALA A 1 133 ? 13.021  5.305   8.652   1.00 27.36 ? 125 ALA A N   1 
ATOM   828  C CA  . ALA A 1 133 ? 12.001  5.797   9.515   1.00 28.13 ? 125 ALA A CA  1 
ATOM   829  C C   . ALA A 1 133 ? 12.583  6.541   10.729  1.00 29.22 ? 125 ALA A C   1 
ATOM   830  O O   . ALA A 1 133 ? 12.499  6.042   11.830  1.00 28.13 ? 125 ALA A O   1 
ATOM   831  C CB  . ALA A 1 133 ? 11.129  4.687   9.934   1.00 29.30 ? 125 ALA A CB  1 
ATOM   832  N N   . GLU A 1 134 ? 13.078  7.754   10.465  1.00 32.26 ? 126 GLU A N   1 
ATOM   833  C CA  . GLU A 1 134 ? 13.712  8.666   11.422  1.00 33.18 ? 126 GLU A CA  1 
ATOM   834  C C   . GLU A 1 134 ? 13.388  10.107  11.058  1.00 34.16 ? 126 GLU A C   1 
ATOM   835  O O   . GLU A 1 134 ? 13.209  10.427  9.882   1.00 34.04 ? 126 GLU A O   1 
ATOM   836  C CB  . GLU A 1 134 ? 15.207  8.417   11.483  1.00 35.46 ? 126 GLU A CB  1 
ATOM   837  C CG  . GLU A 1 134 ? 16.093  9.130   10.499  1.00 39.30 ? 126 GLU A CG  1 
ATOM   838  C CD  . GLU A 1 134 ? 17.557  8.756   10.718  1.00 47.28 ? 126 GLU A CD  1 
ATOM   839  O OE1 . GLU A 1 134 ? 17.784  7.792   11.492  1.00 52.52 ? 126 GLU A OE1 1 
ATOM   840  O OE2 . GLU A 1 134 ? 18.479  9.397   10.114  1.00 51.85 ? 126 GLU A OE2 1 
ATOM   841  N N   . ASP A 1 135 ? 13.277  10.964  12.057  1.00 33.07 ? 127 ASP A N   1 
ATOM   842  C CA  . ASP A 1 135 ? 13.059  12.383  11.838  1.00 35.16 ? 127 ASP A CA  1 
ATOM   843  C C   . ASP A 1 135 ? 14.318  13.045  11.372  1.00 34.36 ? 127 ASP A C   1 
ATOM   844  O O   . ASP A 1 135 ? 15.324  12.387  11.150  1.00 35.76 ? 127 ASP A O   1 
ATOM   845  C CB  . ASP A 1 135 ? 12.493  13.014  13.087  1.00 35.28 ? 127 ASP A CB  1 
ATOM   846  C CG  . ASP A 1 135 ? 13.490  13.056  14.242  1.00 37.00 ? 127 ASP A CG  1 
ATOM   847  O OD1 . ASP A 1 135 ? 14.731  12.916  14.059  1.00 33.70 ? 127 ASP A OD1 1 
ATOM   848  O OD2 . ASP A 1 135 ? 13.069  13.247  15.372  1.00 38.23 ? 127 ASP A OD2 1 
ATOM   849  N N   . GLU A 1 136 ? 14.291  14.358  11.197  1.00 36.20 ? 128 GLU A N   1 
ATOM   850  C CA  . GLU A 1 136 ? 15.401  15.052  10.554  1.00 38.28 ? 128 GLU A CA  1 
ATOM   851  C C   . GLU A 1 136 ? 16.685  15.160  11.409  1.00 37.70 ? 128 GLU A C   1 
ATOM   852  O O   . GLU A 1 136 ? 17.805  15.333  10.879  1.00 37.90 ? 128 GLU A O   1 
ATOM   853  C CB  . GLU A 1 136 ? 14.950  16.442  10.121  1.00 40.44 ? 128 GLU A CB  1 
ATOM   854  C CG  . GLU A 1 136 ? 14.187  17.230  11.186  1.00 47.12 ? 128 GLU A CG  1 
ATOM   855  C CD  . GLU A 1 136 ? 14.172  18.741  10.903  1.00 55.95 ? 128 GLU A CD  1 
ATOM   856  O OE1 . GLU A 1 136 ? 13.758  19.500  11.820  1.00 62.30 ? 128 GLU A OE1 1 
ATOM   857  O OE2 . GLU A 1 136 ? 14.573  19.170  9.773   1.00 58.68 ? 128 GLU A OE2 1 
ATOM   858  N N   . ARG A 1 137 ? 16.517  15.004  12.711  1.00 36.90 ? 129 ARG A N   1 
ATOM   859  C CA  . ARG A 1 137 ? 17.633  14.974  13.649  1.00 36.66 ? 129 ARG A CA  1 
ATOM   860  C C   . ARG A 1 137 ? 18.145  13.570  13.880  1.00 33.69 ? 129 ARG A C   1 
ATOM   861  O O   . ARG A 1 137 ? 19.095  13.371  14.603  1.00 34.49 ? 129 ARG A O   1 
ATOM   862  C CB  . ARG A 1 137 ? 17.191  15.643  14.930  1.00 37.92 ? 129 ARG A CB  1 
ATOM   863  C CG  . ARG A 1 137 ? 17.004  17.179  14.692  1.00 43.53 ? 129 ARG A CG  1 
ATOM   864  C CD  . ARG A 1 137 ? 16.434  17.884  15.862  1.00 48.64 ? 129 ARG A CD  1 
ATOM   865  N NE  . ARG A 1 137 ? 17.329  17.767  17.030  1.00 53.01 ? 129 ARG A NE  1 
ATOM   866  C CZ  . ARG A 1 137 ? 18.489  18.423  17.180  1.00 52.69 ? 129 ARG A CZ  1 
ATOM   867  N NH1 . ARG A 1 137 ? 18.965  19.239  16.227  1.00 55.52 ? 129 ARG A NH1 1 
ATOM   868  N NH2 . ARG A 1 137 ? 19.202  18.245  18.287  1.00 52.90 ? 129 ARG A NH2 1 
ATOM   869  N N   . GLY A 1 138 ? 17.536  12.577  13.241  1.00 31.79 ? 130 GLY A N   1 
ATOM   870  C CA  . GLY A 1 138 ? 17.995  11.196  13.340  1.00 28.35 ? 130 GLY A CA  1 
ATOM   871  C C   . GLY A 1 138 ? 17.437  10.260  14.407  1.00 26.61 ? 130 GLY A C   1 
ATOM   872  O O   . GLY A 1 138 ? 17.964  9.187   14.599  1.00 26.91 ? 130 GLY A O   1 
ATOM   873  N N   . TYR A 1 139 ? 16.351  10.626  15.026  1.00 24.86 ? 131 TYR A N   1 
ATOM   874  C CA  . TYR A 1 139 ? 15.667  9.820   15.968  1.00 25.89 ? 131 TYR A CA  1 
ATOM   875  C C   . TYR A 1 139 ? 14.557  8.951   15.324  1.00 27.57 ? 131 TYR A C   1 
ATOM   876  O O   . TYR A 1 139 ? 13.912  9.433   14.439  1.00 26.50 ? 131 TYR A O   1 
ATOM   877  C CB  . TYR A 1 139 ? 15.026  10.747  16.980  1.00 26.57 ? 131 TYR A CB  1 
ATOM   878  C CG  . TYR A 1 139 ? 16.016  11.351  17.910  1.00 25.49 ? 131 TYR A CG  1 
ATOM   879  C CD1 . TYR A 1 139 ? 16.420  10.678  19.067  1.00 25.84 ? 131 TYR A CD1 1 
ATOM   880  C CD2 . TYR A 1 139 ? 16.632  12.489  17.581  1.00 24.36 ? 131 TYR A CD2 1 
ATOM   881  C CE1 . TYR A 1 139 ? 17.403  11.233  19.877  1.00 29.20 ? 131 TYR A CE1 1 
ATOM   882  C CE2 . TYR A 1 139 ? 17.570  13.081  18.391  1.00 29.83 ? 131 TYR A CE2 1 
ATOM   883  C CZ  . TYR A 1 139 ? 17.942  12.445  19.546  1.00 25.42 ? 131 TYR A CZ  1 
ATOM   884  O OH  . TYR A 1 139 ? 18.934  13.040  20.313  1.00 29.95 ? 131 TYR A OH  1 
ATOM   885  N N   . ARG A 1 140 ? 14.461  7.683   15.684  1.00 28.76 ? 132 ARG A N   1 
ATOM   886  C CA  . ARG A 1 140 ? 13.225  6.887   15.601  1.00 33.09 ? 132 ARG A CA  1 
ATOM   887  C C   . ARG A 1 140 ? 13.509  5.453   15.345  1.00 33.93 ? 132 ARG A C   1 
ATOM   888  O O   . ARG A 1 140 ? 14.601  4.938   15.634  1.00 37.65 ? 132 ARG A O   1 
ATOM   889  C CB  . ARG A 1 140 ? 12.195  7.476   14.603  1.00 35.07 ? 132 ARG A CB  1 
ATOM   890  C CG  . ARG A 1 140 ? 10.928  6.820   14.519  1.00 36.49 ? 132 ARG A CG  1 
ATOM   891  C CD  . ARG A 1 140 ? 9.868   7.671   13.878  1.00 44.61 ? 132 ARG A CD  1 
ATOM   892  N NE  . ARG A 1 140 ? 8.975   6.837   13.056  1.00 49.20 ? 132 ARG A NE  1 
ATOM   893  C CZ  . ARG A 1 140 ? 8.316   7.246   11.964  1.00 60.57 ? 132 ARG A CZ  1 
ATOM   894  N NH1 . ARG A 1 140 ? 8.450   8.507   11.524  1.00 63.52 ? 132 ARG A NH1 1 
ATOM   895  N NH2 . ARG A 1 140 ? 7.505   6.393   11.294  1.00 61.48 ? 132 ARG A NH2 1 
HETATM 896  C C1  . GOL B 2 .   ? -7.119  -3.370  15.443  1.00 66.37 ? 200 GOL A C1  1 
HETATM 897  O O1  . GOL B 2 .   ? -6.911  -4.228  14.330  1.00 64.18 ? 200 GOL A O1  1 
HETATM 898  C C2  . GOL B 2 .   ? -6.030  -2.293  15.552  1.00 66.52 ? 200 GOL A C2  1 
HETATM 899  O O2  . GOL B 2 .   ? -4.900  -2.654  14.774  1.00 67.07 ? 200 GOL A O2  1 
HETATM 900  C C3  . GOL B 2 .   ? -5.608  -2.102  17.007  1.00 65.73 ? 200 GOL A C3  1 
HETATM 901  O O3  . GOL B 2 .   ? -4.901  -0.885  17.148  1.00 64.05 ? 200 GOL A O3  1 
HETATM 902  O O   . HOH C 3 .   ? -3.317  3.147   -14.740 1.00 27.76 ? 201 HOH A O   1 
HETATM 903  O O   . HOH C 3 .   ? -10.848 7.358   5.126   1.00 22.58 ? 202 HOH A O   1 
HETATM 904  O O   . HOH C 3 .   ? -7.684  9.147   7.919   1.00 45.53 ? 203 HOH A O   1 
HETATM 905  O O   . HOH C 3 .   ? -5.270  1.347   7.681   1.00 31.95 ? 204 HOH A O   1 
HETATM 906  O O   . HOH C 3 .   ? -0.629  8.116   4.686   1.00 33.08 ? 205 HOH A O   1 
HETATM 907  O O   . HOH C 3 .   ? -0.785  -1.747  11.308  1.00 34.22 ? 206 HOH A O   1 
HETATM 908  O O   . HOH C 3 .   ? 0.935   -5.096  10.492  1.00 25.85 ? 207 HOH A O   1 
HETATM 909  O O   . HOH C 3 .   ? -13.280 5.333   -8.815  1.00 27.77 ? 208 HOH A O   1 
HETATM 910  O O   . HOH C 3 .   ? -9.575  15.302  -7.050  1.00 32.96 ? 209 HOH A O   1 
HETATM 911  O O   . HOH C 3 .   ? -15.080 -0.812  -12.547 1.00 36.38 ? 210 HOH A O   1 
HETATM 912  O O   . HOH C 3 .   ? -2.226  4.002   -16.900 1.00 48.00 ? 211 HOH A O   1 
HETATM 913  O O   . HOH C 3 .   ? 3.656   -6.279  12.643  1.00 45.63 ? 212 HOH A O   1 
HETATM 914  O O   . HOH C 3 .   ? -7.800  6.160   -17.413 1.00 31.14 ? 213 HOH A O   1 
HETATM 915  O O   . HOH C 3 .   ? 19.438  6.643   7.965   1.00 64.24 ? 214 HOH A O   1 
HETATM 916  O O   . HOH C 3 .   ? -1.904  9.429   2.934   1.00 38.27 ? 215 HOH A O   1 
HETATM 917  O O   . HOH C 3 .   ? -6.949  -6.685  1.670   1.00 38.08 ? 216 HOH A O   1 
HETATM 918  O O   . HOH C 3 .   ? 4.137   1.994   -15.915 1.00 47.35 ? 217 HOH A O   1 
HETATM 919  O O   . HOH C 3 .   ? 17.161  17.193  19.869  1.00 53.92 ? 218 HOH A O   1 
HETATM 920  O O   . HOH C 3 .   ? 18.468  6.488   14.816  1.00 28.63 ? 219 HOH A O   1 
HETATM 921  O O   . HOH C 3 .   ? 4.607   2.441   -13.297 1.00 37.83 ? 220 HOH A O   1 
HETATM 922  O O   . HOH C 3 .   ? -6.000  -0.780  10.359  1.00 53.91 ? 221 HOH A O   1 
HETATM 923  O O   . HOH C 3 .   ? 0.867   9.729   2.034   1.00 62.47 ? 222 HOH A O   1 
HETATM 924  O O   . HOH C 3 .   ? 20.541  -2.150  8.511   1.00 47.37 ? 223 HOH A O   1 
HETATM 925  O O   . HOH C 3 .   ? 8.834   6.306   -7.639  1.00 41.39 ? 224 HOH A O   1 
HETATM 926  O O   . HOH C 3 .   ? -8.626  -9.263  4.068   1.00 43.94 ? 225 HOH A O   1 
HETATM 927  O O   . HOH C 3 .   ? 3.272   10.861  -4.811  1.00 56.66 ? 226 HOH A O   1 
HETATM 928  O O   . HOH C 3 .   ? -11.492 9.388   -13.745 1.00 54.63 ? 227 HOH A O   1 
HETATM 929  O O   . HOH C 3 .   ? 14.480  9.758   6.640   1.00 46.90 ? 228 HOH A O   1 
HETATM 930  O O   . HOH C 3 .   ? -15.339 5.297   -12.247 1.00 40.70 ? 229 HOH A O   1 
HETATM 931  O O   . HOH C 3 .   ? 1.789   10.781  -6.916  1.00 54.82 ? 230 HOH A O   1 
HETATM 932  O O   . HOH C 3 .   ? -16.270 0.525   -3.131  1.00 47.19 ? 231 HOH A O   1 
HETATM 933  O O   . HOH C 3 .   ? -0.532  -15.236 -1.915  1.00 43.50 ? 232 HOH A O   1 
HETATM 934  O O   . HOH C 3 .   ? 18.414  11.948  9.435   1.00 56.79 ? 233 HOH A O   1 
HETATM 935  O O   . HOH C 3 .   ? -4.869  3.466   5.686   1.00 21.28 ? 234 HOH A O   1 
HETATM 936  O O   . HOH C 3 .   ? -3.001  13.948  -7.198  1.00 69.19 ? 235 HOH A O   1 
HETATM 937  O O   . HOH C 3 .   ? 16.607  11.652  7.597   1.00 64.93 ? 236 HOH A O   1 
HETATM 938  O O   . HOH C 3 .   ? 8.817   7.386   2.219   1.00 43.99 ? 237 HOH A O   1 
HETATM 939  O O   . HOH C 3 .   ? -6.802  10.836  4.123   1.00 47.70 ? 238 HOH A O   1 
HETATM 940  O O   . HOH C 3 .   ? -17.403 1.525   -4.852  1.00 64.95 ? 239 HOH A O   1 
HETATM 941  O O   . HOH C 3 .   ? -13.783 0.818   -20.926 1.00 83.00 ? 240 HOH A O   1 
HETATM 942  O O   . HOH C 3 .   ? 18.475  9.998   7.425   1.00 49.85 ? 241 HOH A O   1 
HETATM 943  O O   . HOH C 3 .   ? -3.101  -13.800 1.134   1.00 50.23 ? 242 HOH A O   1 
HETATM 944  O O   . HOH C 3 .   ? 11.730  14.499  7.751   1.00 59.67 ? 243 HOH A O   1 
HETATM 945  O O   . HOH C 3 .   ? 3.425   1.798   13.302  1.00 57.78 ? 244 HOH A O   1 
HETATM 946  O O   . HOH C 3 .   ? 13.513  16.457  14.349  1.00 76.82 ? 245 HOH A O   1 
HETATM 947  O O   . HOH C 3 .   ? -3.174  -12.757 3.718   1.00 72.02 ? 246 HOH A O   1 
HETATM 948  O O   . HOH C 3 .   ? -0.838  7.230   7.418   1.00 55.55 ? 247 HOH A O   1 
HETATM 949  O O   . HOH C 3 .   ? 17.090  1.887   7.291   1.00 71.50 ? 248 HOH A O   1 
HETATM 950  O O   . HOH C 3 .   ? -3.069  -16.916 -2.137  1.00 73.02 ? 249 HOH A O   1 
HETATM 951  O O   . HOH C 3 .   ? 11.621  15.241  10.685  1.00 58.13 ? 250 HOH A O   1 
HETATM 952  O O   . HOH C 3 .   ? 6.897   9.004   3.150   1.00 62.47 ? 251 HOH A O   1 
HETATM 953  O O   . HOH C 3 .   ? -8.810  -10.614 8.069   1.00 68.62 ? 252 HOH A O   1 
HETATM 954  O O   . HOH C 3 .   ? -6.895  -11.476 9.080   1.00 58.23 ? 253 HOH A O   1 
HETATM 955  O O   . HOH C 3 .   ? 1.716   13.083  -5.806  1.00 61.31 ? 254 HOH A O   1 
HETATM 956  O O   . HOH C 3 .   ? -17.476 -13.742 4.536   1.00 65.75 ? 255 HOH A O   1 
HETATM 957  O O   . HOH C 3 .   ? -4.625  11.103  5.227   1.00 56.10 ? 256 HOH A O   1 
HETATM 958  O O   . HOH C 3 .   ? 20.287  0.490   9.409   1.00 64.05 ? 257 HOH A O   1 
HETATM 959  O O   . HOH C 3 .   ? 9.601   4.807   16.180  1.00 66.46 ? 258 HOH A O   1 
HETATM 960  O O   . HOH C 3 .   ? -15.794 2.575   -21.809 1.00 85.30 ? 259 HOH A O   1 
HETATM 961  O O   . HOH C 3 .   ? 5.984   -19.334 3.178   1.00 66.24 ? 260 HOH A O   1 
HETATM 962  O O   . HOH C 3 .   ? -5.609  -6.578  14.723  1.00 53.28 ? 261 HOH A O   1 
HETATM 963  O O   . HOH C 3 .   ? -17.456 -0.410  -6.318  1.00 52.90 ? 262 HOH A O   1 
HETATM 964  O O   . HOH C 3 .   ? 10.199  3.504   13.621  1.00 54.10 ? 263 HOH A O   1 
HETATM 965  O O   . HOH C 3 .   ? 12.203  10.093  7.142   1.00 57.53 ? 264 HOH A O   1 
HETATM 966  O O   . HOH C 3 .   ? 19.019  15.017  8.484   1.00 59.84 ? 265 HOH A O   1 
HETATM 967  O O   . HOH C 3 .   ? -5.073  14.846  -15.573 1.00 71.66 ? 266 HOH A O   1 
HETATM 968  O O   . HOH C 3 .   ? -6.138  -0.223  12.949  1.00 70.11 ? 267 HOH A O   1 
HETATM 969  O O   . HOH C 3 .   ? 8.122   10.413  5.130   1.00 85.01 ? 268 HOH A O   1 
HETATM 970  O O   . HOH C 3 .   ? 5.421   11.416  3.912   1.00 56.24 ? 269 HOH A O   1 
HETATM 971  O O   . HOH C 3 .   ? 6.146   -20.205 -1.306  1.00 71.19 ? 270 HOH A O   1 
HETATM 972  O O   . HOH C 3 .   ? 10.115  -7.570  14.355  1.00 57.50 ? 271 HOH A O   1 
HETATM 973  O O   . HOH C 3 .   ? 0.756   -1.821  13.233  1.00 65.51 ? 272 HOH A O   1 
HETATM 974  O O   . HOH C 3 .   ? 7.809   4.065   12.836  1.00 61.73 ? 273 HOH A O   1 
HETATM 975  O O   . HOH C 3 .   ? 5.586   -18.450 -3.298  1.00 52.68 ? 274 HOH A O   1 
HETATM 976  O O   . HOH C 3 .   ? -4.871  -12.001 10.721  1.00 60.61 ? 275 HOH A O   1 
HETATM 977  O O   . HOH C 3 .   ? 5.761   11.540  -3.517  1.00 67.26 ? 276 HOH A O   1 
HETATM 978  O O   . HOH C 3 .   ? 12.615  1.932   13.173  1.00 62.62 ? 277 HOH A O   1 
HETATM 979  O O   . HOH C 3 .   ? -11.744 9.578   -19.656 1.00 56.82 ? 278 HOH A O   1 
HETATM 980  O O   . HOH C 3 .   ? -5.350  12.599  -16.957 1.00 60.29 ? 279 HOH A O   1 
HETATM 981  O O   . HOH C 3 .   ? -8.162  15.437  -15.981 1.00 54.80 ? 280 HOH A O   1 
HETATM 982  O O   . HOH C 3 .   ? -5.955  -2.802  12.151  1.00 60.56 ? 281 HOH A O   1 
HETATM 983  O O   . HOH C 3 .   ? 10.338  1.106   13.817  1.00 63.73 ? 282 HOH A O   1 
HETATM 984  O O   . HOH C 3 .   ? -17.274 -3.069  -12.724 1.00 57.65 ? 283 HOH A O   1 
HETATM 985  O O   . HOH C 3 .   ? 11.454  10.600  16.016  1.00 64.75 ? 284 HOH A O   1 
HETATM 986  O O   . HOH C 3 .   ? 16.504  -6.720  -1.598  1.00 61.16 ? 285 HOH A O   1 
HETATM 987  O O   . HOH C 3 .   ? -1.923  0.360   11.409  1.00 68.79 ? 286 HOH A O   1 
HETATM 988  O O   . HOH C 3 .   ? 2.662   -2.361  14.500  1.00 58.87 ? 287 HOH A O   1 
HETATM 989  O O   . HOH C 3 .   ? 6.955   11.104  1.503   1.00 56.94 ? 288 HOH A O   1 
HETATM 990  O O   . HOH C 3 .   ? 4.885   9.852   6.483   1.00 75.13 ? 289 HOH A O   1 
HETATM 991  O O   . HOH C 3 .   ? -2.851  12.044  -17.377 1.00 64.27 ? 290 HOH A O   1 
HETATM 992  O O   . HOH C 3 .   ? -9.086  14.027  -17.814 1.00 66.84 ? 291 HOH A O   1 
HETATM 993  O O   . HOH C 3 .   ? 4.462   -16.330 6.134   1.00 63.18 ? 292 HOH A O   1 
HETATM 994  O O   . HOH C 3 .   ? 13.989  13.903  7.953   1.00 64.99 ? 293 HOH A O   1 
HETATM 995  O O   . HOH C 3 .   ? -6.884  -12.156 -4.342  1.00 74.33 ? 294 HOH A O   1 
HETATM 996  O O   . HOH C 3 .   ? -6.267  -2.958  9.404   1.00 53.97 ? 295 HOH A O   1 
HETATM 997  O O   . HOH C 3 .   ? -16.395 1.962   -19.283 1.00 62.26 ? 296 HOH A O   1 
HETATM 998  O O   . HOH C 3 .   ? -16.644 -1.838  -2.428  1.00 70.52 ? 297 HOH A O   1 
HETATM 999  O O   . HOH C 3 .   ? 3.995   -8.726  -7.534  1.00 46.51 ? 298 HOH A O   1 
HETATM 1000 O O   . HOH C 3 .   ? 15.722  -7.299  -4.608  1.00 46.84 ? 299 HOH A O   1 
HETATM 1001 O O   . HOH C 3 .   ? 3.554   7.852   8.420   1.00 53.50 ? 300 HOH A O   1 
HETATM 1002 O O   . HOH C 3 .   ? 0.244   -14.067 -5.507  1.00 68.05 ? 301 HOH A O   1 
HETATM 1003 O O   . HOH C 3 .   ? -16.367 3.914   -17.221 1.00 58.25 ? 302 HOH A O   1 
HETATM 1004 O O   . HOH C 3 .   ? -2.581  -2.617  -1.995  1.00 80.08 ? 303 HOH A O   1 
HETATM 1005 O O   . HOH C 3 .   ? 6.187   1.241   12.860  1.00 42.69 ? 304 HOH A O   1 
HETATM 1006 O O   . HOH C 3 .   ? -12.027 -14.104 0.749   1.00 92.21 ? 305 HOH A O   1 
# 
